data_2YFU
# 
_entry.id   2YFU 
# 
_audit_conform.dict_name       mmcif_pdbx.dic 
_audit_conform.dict_version    5.391 
_audit_conform.dict_location   http://mmcif.pdb.org/dictionaries/ascii/mmcif_pdbx.dic 
# 
loop_
_database_2.database_id 
_database_2.database_code 
_database_2.pdbx_database_accession 
_database_2.pdbx_DOI 
PDB   2YFU         pdb_00002yfu 10.2210/pdb2yfu/pdb 
PDBE  EBI-47975    ?            ?                   
WWPDB D_1290047975 ?            ?                   
# 
loop_
_pdbx_audit_revision_history.ordinal 
_pdbx_audit_revision_history.data_content_type 
_pdbx_audit_revision_history.major_revision 
_pdbx_audit_revision_history.minor_revision 
_pdbx_audit_revision_history.revision_date 
1 'Structure model' 1 0 2011-05-18 
2 'Structure model' 1 1 2012-05-30 
3 'Structure model' 1 2 2017-06-28 
4 'Structure model' 1 3 2024-05-08 
# 
_pdbx_audit_revision_details.ordinal             1 
_pdbx_audit_revision_details.revision_ordinal    1 
_pdbx_audit_revision_details.data_content_type   'Structure model' 
_pdbx_audit_revision_details.provider            repository 
_pdbx_audit_revision_details.type                'Initial release' 
_pdbx_audit_revision_details.description         ? 
_pdbx_audit_revision_details.details             ? 
# 
loop_
_pdbx_audit_revision_group.ordinal 
_pdbx_audit_revision_group.revision_ordinal 
_pdbx_audit_revision_group.data_content_type 
_pdbx_audit_revision_group.group 
1 2 'Structure model' 'Database references'     
2 2 'Structure model' 'Non-polymer description' 
3 2 'Structure model' 'Structure summary'       
4 3 'Structure model' 'Data collection'         
5 4 'Structure model' 'Data collection'         
6 4 'Structure model' 'Database references'     
7 4 'Structure model' 'Derived calculations'    
8 4 'Structure model' Other                     
# 
loop_
_pdbx_audit_revision_category.ordinal 
_pdbx_audit_revision_category.revision_ordinal 
_pdbx_audit_revision_category.data_content_type 
_pdbx_audit_revision_category.category 
1 3 'Structure model' diffrn_source          
2 4 'Structure model' chem_comp_atom         
3 4 'Structure model' chem_comp_bond         
4 4 'Structure model' database_2             
5 4 'Structure model' pdbx_database_status   
6 4 'Structure model' pdbx_struct_conn_angle 
7 4 'Structure model' struct_conn            
8 4 'Structure model' struct_site            
# 
loop_
_pdbx_audit_revision_item.ordinal 
_pdbx_audit_revision_item.revision_ordinal 
_pdbx_audit_revision_item.data_content_type 
_pdbx_audit_revision_item.item 
1  3 'Structure model' '_diffrn_source.type'                         
2  4 'Structure model' '_database_2.pdbx_DOI'                        
3  4 'Structure model' '_database_2.pdbx_database_accession'         
4  4 'Structure model' '_pdbx_database_status.status_code_sf'        
5  4 'Structure model' '_pdbx_struct_conn_angle.ptnr1_auth_comp_id'  
6  4 'Structure model' '_pdbx_struct_conn_angle.ptnr1_auth_seq_id'   
7  4 'Structure model' '_pdbx_struct_conn_angle.ptnr1_label_atom_id' 
8  4 'Structure model' '_pdbx_struct_conn_angle.ptnr1_label_comp_id' 
9  4 'Structure model' '_pdbx_struct_conn_angle.ptnr1_label_seq_id'  
10 4 'Structure model' '_pdbx_struct_conn_angle.ptnr3_auth_comp_id'  
11 4 'Structure model' '_pdbx_struct_conn_angle.ptnr3_auth_seq_id'   
12 4 'Structure model' '_pdbx_struct_conn_angle.ptnr3_label_atom_id' 
13 4 'Structure model' '_pdbx_struct_conn_angle.ptnr3_label_comp_id' 
14 4 'Structure model' '_pdbx_struct_conn_angle.ptnr3_label_seq_id'  
15 4 'Structure model' '_pdbx_struct_conn_angle.value'               
16 4 'Structure model' '_struct_conn.pdbx_dist_value'                
17 4 'Structure model' '_struct_conn.ptnr1_auth_comp_id'             
18 4 'Structure model' '_struct_conn.ptnr1_auth_seq_id'              
19 4 'Structure model' '_struct_conn.ptnr1_label_asym_id'            
20 4 'Structure model' '_struct_conn.ptnr1_label_atom_id'            
21 4 'Structure model' '_struct_conn.ptnr1_label_comp_id'            
22 4 'Structure model' '_struct_conn.ptnr1_label_seq_id'             
23 4 'Structure model' '_struct_conn.ptnr2_auth_comp_id'             
24 4 'Structure model' '_struct_conn.ptnr2_auth_seq_id'              
25 4 'Structure model' '_struct_conn.ptnr2_label_asym_id'            
26 4 'Structure model' '_struct_conn.ptnr2_label_atom_id'            
27 4 'Structure model' '_struct_conn.ptnr2_label_comp_id'            
28 4 'Structure model' '_struct_conn.ptnr2_label_seq_id'             
29 4 'Structure model' '_struct_site.pdbx_auth_asym_id'              
30 4 'Structure model' '_struct_site.pdbx_auth_comp_id'              
31 4 'Structure model' '_struct_site.pdbx_auth_seq_id'               
# 
_pdbx_database_PDB_obs_spr.id               SPRSDE 
_pdbx_database_PDB_obs_spr.date             2011-05-18 
_pdbx_database_PDB_obs_spr.pdb_id           2YFU 
_pdbx_database_PDB_obs_spr.replace_pdb_id   2Y9S 
_pdbx_database_PDB_obs_spr.details          ? 
# 
_pdbx_database_status.status_code                     REL 
_pdbx_database_status.entry_id                        2YFU 
_pdbx_database_status.deposit_site                    PDBE 
_pdbx_database_status.process_site                    PDBE 
_pdbx_database_status.SG_entry                        . 
_pdbx_database_status.recvd_initial_deposition_date   2011-04-08 
_pdbx_database_status.pdb_format_compatible           Y 
_pdbx_database_status.status_code_sf                  REL 
_pdbx_database_status.status_code_mr                  ? 
_pdbx_database_status.status_code_cs                  ? 
_pdbx_database_status.methods_development_category    ? 
_pdbx_database_status.status_code_nmr_data            ? 
# 
loop_
_pdbx_database_related.db_name 
_pdbx_database_related.db_id 
_pdbx_database_related.content_type 
_pdbx_database_related.details 
PDB 2YFZ unspecified 'CBM62 FROM CLOSTRIDIUM THERMOCELLUM XYL5A' 
PDB 2YG0 unspecified 'CBM62 FROM CLOSTRIDIUM THERMOCELLUM XYL5A' 
# 
loop_
_audit_author.name 
_audit_author.pdbx_ordinal 
'Montanier, C.Y.'  1  
'Correia, M.A.S.'  2  
'Flint, J.E.'      3  
'Zhu, Y.'          4  
'Basle, A.'        5  
'Mckee, L.S.'      6  
'Prates, J.A.M.'   7  
'Polizzi, S.J.'    8  
'Coutinho, P.M.'   9  
'Henrissat, B.'    10 
'Fontes, C.M.G.A.' 11 
'Gilbert, H.J.'    12 
# 
_citation.id                        primary 
_citation.title                     
;A Novel, Noncatalytic Carbohydrate-Binding Module Displays Specificity for Galactose-Containing Polysaccharides Through Calcium-Mediated Oligomerization.
;
_citation.journal_abbrev            J.Biol.Chem. 
_citation.journal_volume            286 
_citation.page_first                22499 
_citation.page_last                 ? 
_citation.year                      2011 
_citation.journal_id_ASTM           JBCHA3 
_citation.country                   US 
_citation.journal_id_ISSN           0021-9258 
_citation.journal_id_CSD            0071 
_citation.book_publisher            ? 
_citation.pdbx_database_id_PubMed   21454512 
_citation.pdbx_database_id_DOI      10.1074/JBC.M110.217372 
# 
loop_
_citation_author.citation_id 
_citation_author.name 
_citation_author.ordinal 
_citation_author.identifier_ORCID 
primary 'Montanier, C.Y.'  1  ? 
primary 'Correia, M.A.S.'  2  ? 
primary 'Flint, J.E.'      3  ? 
primary 'Zhu, Y.'          4  ? 
primary 'Basle, A.'        5  ? 
primary 'Mckee, L.S.'      6  ? 
primary 'Prates, J.A.M.'   7  ? 
primary 'Polizzi, S.J.'    8  ? 
primary 'Coutinho, P.M.'   9  ? 
primary 'Lewis, R.J.'      10 ? 
primary 'Henrissat, B.'    11 ? 
primary 'Fontes, C.M.G.A.' 12 ? 
primary 'Gilbert, H.J.'    13 ? 
# 
loop_
_entity.id 
_entity.type 
_entity.src_method 
_entity.pdbx_description 
_entity.formula_weight 
_entity.pdbx_number_of_molecules 
_entity.pdbx_ec 
_entity.pdbx_mutation 
_entity.pdbx_fragment 
_entity.details 
1 polymer     nat 'CARBOHYDRATE BINDING FAMILY 6' 16884.484 1   ? ? 'CARBOHYDRATE BINDING DOMAIN, RESIDUES 740-883' ? 
2 non-polymer syn 'CALCIUM ION'                   40.078    1   ? ? ?                                               ? 
3 non-polymer syn GLYCEROL                        92.094    2   ? ? ?                                               ? 
4 water       nat water                           18.015    226 ? ? ?                                               ? 
# 
_entity_poly.entity_id                      1 
_entity_poly.type                           'polypeptide(L)' 
_entity_poly.nstd_linkage                   no 
_entity_poly.nstd_monomer                   no 
_entity_poly.pdbx_seq_one_letter_code       
;MASYPKLTGTVIGTQGSWNNIGNTIHKAFDGDLNTFFDGPTANGCWLGLDFGEGVRNVITQIKFCPRSGYEQRMIGGIFQ
GANKEDFSDAVTLFTITSLPGSGTLTSVDVDNPTGFRYVRYLSPDGSNGNIAELQFFGTPAGEENDDLEHHHHHH
;
_entity_poly.pdbx_seq_one_letter_code_can   
;MASYPKLTGTVIGTQGSWNNIGNTIHKAFDGDLNTFFDGPTANGCWLGLDFGEGVRNVITQIKFCPRSGYEQRMIGGIFQ
GANKEDFSDAVTLFTITSLPGSGTLTSVDVDNPTGFRYVRYLSPDGSNGNIAELQFFGTPAGEENDDLEHHHHHH
;
_entity_poly.pdbx_strand_id                 A 
_entity_poly.pdbx_target_identifier         ? 
# 
loop_
_pdbx_entity_nonpoly.entity_id 
_pdbx_entity_nonpoly.name 
_pdbx_entity_nonpoly.comp_id 
2 'CALCIUM ION' CA  
3 GLYCEROL      GOL 
4 water         HOH 
# 
loop_
_entity_poly_seq.entity_id 
_entity_poly_seq.num 
_entity_poly_seq.mon_id 
_entity_poly_seq.hetero 
1 1   MET n 
1 2   ALA n 
1 3   SER n 
1 4   TYR n 
1 5   PRO n 
1 6   LYS n 
1 7   LEU n 
1 8   THR n 
1 9   GLY n 
1 10  THR n 
1 11  VAL n 
1 12  ILE n 
1 13  GLY n 
1 14  THR n 
1 15  GLN n 
1 16  GLY n 
1 17  SER n 
1 18  TRP n 
1 19  ASN n 
1 20  ASN n 
1 21  ILE n 
1 22  GLY n 
1 23  ASN n 
1 24  THR n 
1 25  ILE n 
1 26  HIS n 
1 27  LYS n 
1 28  ALA n 
1 29  PHE n 
1 30  ASP n 
1 31  GLY n 
1 32  ASP n 
1 33  LEU n 
1 34  ASN n 
1 35  THR n 
1 36  PHE n 
1 37  PHE n 
1 38  ASP n 
1 39  GLY n 
1 40  PRO n 
1 41  THR n 
1 42  ALA n 
1 43  ASN n 
1 44  GLY n 
1 45  CYS n 
1 46  TRP n 
1 47  LEU n 
1 48  GLY n 
1 49  LEU n 
1 50  ASP n 
1 51  PHE n 
1 52  GLY n 
1 53  GLU n 
1 54  GLY n 
1 55  VAL n 
1 56  ARG n 
1 57  ASN n 
1 58  VAL n 
1 59  ILE n 
1 60  THR n 
1 61  GLN n 
1 62  ILE n 
1 63  LYS n 
1 64  PHE n 
1 65  CYS n 
1 66  PRO n 
1 67  ARG n 
1 68  SER n 
1 69  GLY n 
1 70  TYR n 
1 71  GLU n 
1 72  GLN n 
1 73  ARG n 
1 74  MET n 
1 75  ILE n 
1 76  GLY n 
1 77  GLY n 
1 78  ILE n 
1 79  PHE n 
1 80  GLN n 
1 81  GLY n 
1 82  ALA n 
1 83  ASN n 
1 84  LYS n 
1 85  GLU n 
1 86  ASP n 
1 87  PHE n 
1 88  SER n 
1 89  ASP n 
1 90  ALA n 
1 91  VAL n 
1 92  THR n 
1 93  LEU n 
1 94  PHE n 
1 95  THR n 
1 96  ILE n 
1 97  THR n 
1 98  SER n 
1 99  LEU n 
1 100 PRO n 
1 101 GLY n 
1 102 SER n 
1 103 GLY n 
1 104 THR n 
1 105 LEU n 
1 106 THR n 
1 107 SER n 
1 108 VAL n 
1 109 ASP n 
1 110 VAL n 
1 111 ASP n 
1 112 ASN n 
1 113 PRO n 
1 114 THR n 
1 115 GLY n 
1 116 PHE n 
1 117 ARG n 
1 118 TYR n 
1 119 VAL n 
1 120 ARG n 
1 121 TYR n 
1 122 LEU n 
1 123 SER n 
1 124 PRO n 
1 125 ASP n 
1 126 GLY n 
1 127 SER n 
1 128 ASN n 
1 129 GLY n 
1 130 ASN n 
1 131 ILE n 
1 132 ALA n 
1 133 GLU n 
1 134 LEU n 
1 135 GLN n 
1 136 PHE n 
1 137 PHE n 
1 138 GLY n 
1 139 THR n 
1 140 PRO n 
1 141 ALA n 
1 142 GLY n 
1 143 GLU n 
1 144 GLU n 
1 145 ASN n 
1 146 ASP n 
1 147 ASP n 
1 148 LEU n 
1 149 GLU n 
1 150 HIS n 
1 151 HIS n 
1 152 HIS n 
1 153 HIS n 
1 154 HIS n 
1 155 HIS n 
# 
_entity_src_nat.entity_id                  1 
_entity_src_nat.pdbx_src_id                1 
_entity_src_nat.pdbx_alt_source_flag       sample 
_entity_src_nat.pdbx_beg_seq_num           ? 
_entity_src_nat.pdbx_end_seq_num           ? 
_entity_src_nat.common_name                ? 
_entity_src_nat.pdbx_organism_scientific   'CLOSTRIDIUM THERMOCELLUM' 
_entity_src_nat.pdbx_ncbi_taxonomy_id      1515 
_entity_src_nat.genus                      ? 
_entity_src_nat.species                    ? 
_entity_src_nat.strain                     ? 
_entity_src_nat.tissue                     ? 
_entity_src_nat.tissue_fraction            ? 
_entity_src_nat.pdbx_secretion             ? 
_entity_src_nat.pdbx_fragment              ? 
_entity_src_nat.pdbx_variant               ? 
_entity_src_nat.pdbx_cell_line             ? 
_entity_src_nat.pdbx_atcc                  ? 
_entity_src_nat.pdbx_cellular_location     ? 
_entity_src_nat.pdbx_organ                 ? 
_entity_src_nat.pdbx_organelle             ? 
_entity_src_nat.pdbx_cell                  ? 
_entity_src_nat.pdbx_plasmid_name          ? 
_entity_src_nat.pdbx_plasmid_details       ? 
_entity_src_nat.details                    ? 
# 
loop_
_chem_comp.id 
_chem_comp.type 
_chem_comp.mon_nstd_flag 
_chem_comp.name 
_chem_comp.pdbx_synonyms 
_chem_comp.formula 
_chem_comp.formula_weight 
ALA 'L-peptide linking' y ALANINE         ?                               'C3 H7 N O2'     89.093  
ARG 'L-peptide linking' y ARGININE        ?                               'C6 H15 N4 O2 1' 175.209 
ASN 'L-peptide linking' y ASPARAGINE      ?                               'C4 H8 N2 O3'    132.118 
ASP 'L-peptide linking' y 'ASPARTIC ACID' ?                               'C4 H7 N O4'     133.103 
CA  non-polymer         . 'CALCIUM ION'   ?                               'Ca 2'           40.078  
CYS 'L-peptide linking' y CYSTEINE        ?                               'C3 H7 N O2 S'   121.158 
GLN 'L-peptide linking' y GLUTAMINE       ?                               'C5 H10 N2 O3'   146.144 
GLU 'L-peptide linking' y 'GLUTAMIC ACID' ?                               'C5 H9 N O4'     147.129 
GLY 'peptide linking'   y GLYCINE         ?                               'C2 H5 N O2'     75.067  
GOL non-polymer         . GLYCEROL        'GLYCERIN; PROPANE-1,2,3-TRIOL' 'C3 H8 O3'       92.094  
HIS 'L-peptide linking' y HISTIDINE       ?                               'C6 H10 N3 O2 1' 156.162 
HOH non-polymer         . WATER           ?                               'H2 O'           18.015  
ILE 'L-peptide linking' y ISOLEUCINE      ?                               'C6 H13 N O2'    131.173 
LEU 'L-peptide linking' y LEUCINE         ?                               'C6 H13 N O2'    131.173 
LYS 'L-peptide linking' y LYSINE          ?                               'C6 H15 N2 O2 1' 147.195 
MET 'L-peptide linking' y METHIONINE      ?                               'C5 H11 N O2 S'  149.211 
PHE 'L-peptide linking' y PHENYLALANINE   ?                               'C9 H11 N O2'    165.189 
PRO 'L-peptide linking' y PROLINE         ?                               'C5 H9 N O2'     115.130 
SER 'L-peptide linking' y SERINE          ?                               'C3 H7 N O3'     105.093 
THR 'L-peptide linking' y THREONINE       ?                               'C4 H9 N O3'     119.119 
TRP 'L-peptide linking' y TRYPTOPHAN      ?                               'C11 H12 N2 O2'  204.225 
TYR 'L-peptide linking' y TYROSINE        ?                               'C9 H11 N O3'    181.189 
VAL 'L-peptide linking' y VALINE          ?                               'C5 H11 N O2'    117.146 
# 
loop_
_pdbx_poly_seq_scheme.asym_id 
_pdbx_poly_seq_scheme.entity_id 
_pdbx_poly_seq_scheme.seq_id 
_pdbx_poly_seq_scheme.mon_id 
_pdbx_poly_seq_scheme.ndb_seq_num 
_pdbx_poly_seq_scheme.pdb_seq_num 
_pdbx_poly_seq_scheme.auth_seq_num 
_pdbx_poly_seq_scheme.pdb_mon_id 
_pdbx_poly_seq_scheme.auth_mon_id 
_pdbx_poly_seq_scheme.pdb_strand_id 
_pdbx_poly_seq_scheme.pdb_ins_code 
_pdbx_poly_seq_scheme.hetero 
A 1 1   MET 1   -1  ?   ?   ?   A . n 
A 1 2   ALA 2   0   ?   ?   ?   A . n 
A 1 3   SER 3   1   1   SER SER A . n 
A 1 4   TYR 4   2   2   TYR TYR A . n 
A 1 5   PRO 5   3   3   PRO PRO A . n 
A 1 6   LYS 6   4   4   LYS LYS A . n 
A 1 7   LEU 7   5   5   LEU LEU A . n 
A 1 8   THR 8   6   6   THR THR A . n 
A 1 9   GLY 9   7   7   GLY GLY A . n 
A 1 10  THR 10  8   8   THR THR A . n 
A 1 11  VAL 11  9   9   VAL VAL A . n 
A 1 12  ILE 12  10  10  ILE ILE A . n 
A 1 13  GLY 13  11  11  GLY GLY A . n 
A 1 14  THR 14  12  12  THR THR A . n 
A 1 15  GLN 15  13  13  GLN GLN A . n 
A 1 16  GLY 16  14  14  GLY GLY A . n 
A 1 17  SER 17  15  15  SER SER A . n 
A 1 18  TRP 18  16  16  TRP TRP A . n 
A 1 19  ASN 19  17  17  ASN ASN A . n 
A 1 20  ASN 20  18  18  ASN ASN A . n 
A 1 21  ILE 21  19  19  ILE ILE A . n 
A 1 22  GLY 22  20  20  GLY GLY A . n 
A 1 23  ASN 23  21  21  ASN ASN A . n 
A 1 24  THR 24  22  22  THR THR A . n 
A 1 25  ILE 25  23  23  ILE ILE A . n 
A 1 26  HIS 26  24  24  HIS HIS A . n 
A 1 27  LYS 27  25  25  LYS LYS A . n 
A 1 28  ALA 28  26  26  ALA ALA A . n 
A 1 29  PHE 29  27  27  PHE PHE A . n 
A 1 30  ASP 30  28  28  ASP ASP A . n 
A 1 31  GLY 31  29  29  GLY GLY A . n 
A 1 32  ASP 32  30  30  ASP ASP A . n 
A 1 33  LEU 33  31  31  LEU LEU A . n 
A 1 34  ASN 34  32  32  ASN ASN A . n 
A 1 35  THR 35  33  33  THR THR A . n 
A 1 36  PHE 36  34  34  PHE PHE A . n 
A 1 37  PHE 37  35  35  PHE PHE A . n 
A 1 38  ASP 38  36  36  ASP ASP A . n 
A 1 39  GLY 39  37  37  GLY GLY A . n 
A 1 40  PRO 40  38  38  PRO PRO A . n 
A 1 41  THR 41  39  39  THR THR A . n 
A 1 42  ALA 42  40  40  ALA ALA A . n 
A 1 43  ASN 43  41  41  ASN ASN A . n 
A 1 44  GLY 44  42  42  GLY GLY A . n 
A 1 45  CYS 45  43  43  CYS CYS A . n 
A 1 46  TRP 46  44  44  TRP TRP A . n 
A 1 47  LEU 47  45  45  LEU LEU A . n 
A 1 48  GLY 48  46  46  GLY GLY A . n 
A 1 49  LEU 49  47  47  LEU LEU A . n 
A 1 50  ASP 50  48  48  ASP ASP A . n 
A 1 51  PHE 51  49  49  PHE PHE A . n 
A 1 52  GLY 52  50  50  GLY GLY A . n 
A 1 53  GLU 53  51  51  GLU GLU A . n 
A 1 54  GLY 54  52  52  GLY GLY A . n 
A 1 55  VAL 55  53  53  VAL VAL A . n 
A 1 56  ARG 56  54  54  ARG ARG A . n 
A 1 57  ASN 57  55  55  ASN ASN A . n 
A 1 58  VAL 58  56  56  VAL VAL A . n 
A 1 59  ILE 59  57  57  ILE ILE A . n 
A 1 60  THR 60  58  58  THR THR A . n 
A 1 61  GLN 61  59  59  GLN GLN A . n 
A 1 62  ILE 62  60  60  ILE ILE A . n 
A 1 63  LYS 63  61  61  LYS LYS A . n 
A 1 64  PHE 64  62  62  PHE PHE A . n 
A 1 65  CYS 65  63  63  CYS CYS A . n 
A 1 66  PRO 66  64  64  PRO PRO A . n 
A 1 67  ARG 67  65  65  ARG ARG A . n 
A 1 68  SER 68  66  66  SER SER A . n 
A 1 69  GLY 69  67  67  GLY GLY A . n 
A 1 70  TYR 70  68  68  TYR TYR A . n 
A 1 71  GLU 71  69  69  GLU GLU A . n 
A 1 72  GLN 72  70  70  GLN GLN A . n 
A 1 73  ARG 73  71  71  ARG ARG A . n 
A 1 74  MET 74  72  72  MET MET A . n 
A 1 75  ILE 75  73  73  ILE ILE A . n 
A 1 76  GLY 76  74  74  GLY GLY A . n 
A 1 77  GLY 77  75  75  GLY GLY A . n 
A 1 78  ILE 78  76  76  ILE ILE A . n 
A 1 79  PHE 79  77  77  PHE PHE A . n 
A 1 80  GLN 80  78  78  GLN GLN A . n 
A 1 81  GLY 81  79  79  GLY GLY A . n 
A 1 82  ALA 82  80  80  ALA ALA A . n 
A 1 83  ASN 83  81  81  ASN ASN A . n 
A 1 84  LYS 84  82  82  LYS LYS A . n 
A 1 85  GLU 85  83  83  GLU GLU A . n 
A 1 86  ASP 86  84  84  ASP ASP A . n 
A 1 87  PHE 87  85  85  PHE PHE A . n 
A 1 88  SER 88  86  86  SER SER A . n 
A 1 89  ASP 89  87  87  ASP ASP A . n 
A 1 90  ALA 90  88  88  ALA ALA A . n 
A 1 91  VAL 91  89  89  VAL VAL A . n 
A 1 92  THR 92  90  90  THR THR A . n 
A 1 93  LEU 93  91  91  LEU LEU A . n 
A 1 94  PHE 94  92  92  PHE PHE A . n 
A 1 95  THR 95  93  93  THR THR A . n 
A 1 96  ILE 96  94  94  ILE ILE A . n 
A 1 97  THR 97  95  95  THR THR A . n 
A 1 98  SER 98  96  96  SER SER A . n 
A 1 99  LEU 99  97  97  LEU LEU A . n 
A 1 100 PRO 100 98  98  PRO PRO A . n 
A 1 101 GLY 101 99  99  GLY GLY A . n 
A 1 102 SER 102 100 100 SER SER A . n 
A 1 103 GLY 103 101 101 GLY GLY A . n 
A 1 104 THR 104 102 102 THR THR A . n 
A 1 105 LEU 105 103 103 LEU LEU A . n 
A 1 106 THR 106 104 104 THR THR A . n 
A 1 107 SER 107 105 105 SER SER A . n 
A 1 108 VAL 108 106 106 VAL VAL A . n 
A 1 109 ASP 109 107 107 ASP ASP A . n 
A 1 110 VAL 110 108 108 VAL VAL A . n 
A 1 111 ASP 111 109 109 ASP ASP A . n 
A 1 112 ASN 112 110 110 ASN ASN A . n 
A 1 113 PRO 113 111 111 PRO PRO A . n 
A 1 114 THR 114 112 112 THR THR A . n 
A 1 115 GLY 115 113 113 GLY GLY A . n 
A 1 116 PHE 116 114 114 PHE PHE A . n 
A 1 117 ARG 117 115 115 ARG ARG A . n 
A 1 118 TYR 118 116 116 TYR TYR A . n 
A 1 119 VAL 119 117 117 VAL VAL A . n 
A 1 120 ARG 120 118 118 ARG ARG A . n 
A 1 121 TYR 121 119 119 TYR TYR A . n 
A 1 122 LEU 122 120 120 LEU LEU A . n 
A 1 123 SER 123 121 121 SER SER A . n 
A 1 124 PRO 124 122 122 PRO PRO A . n 
A 1 125 ASP 125 123 123 ASP ASP A . n 
A 1 126 GLY 126 124 124 GLY GLY A . n 
A 1 127 SER 127 125 125 SER SER A . n 
A 1 128 ASN 128 126 126 ASN ASN A . n 
A 1 129 GLY 129 127 127 GLY GLY A . n 
A 1 130 ASN 130 128 128 ASN ASN A . n 
A 1 131 ILE 131 129 129 ILE ILE A . n 
A 1 132 ALA 132 130 130 ALA ALA A . n 
A 1 133 GLU 133 131 131 GLU GLU A . n 
A 1 134 LEU 134 132 132 LEU LEU A . n 
A 1 135 GLN 135 133 133 GLN GLN A . n 
A 1 136 PHE 136 134 134 PHE PHE A . n 
A 1 137 PHE 137 135 135 PHE PHE A . n 
A 1 138 GLY 138 136 136 GLY GLY A . n 
A 1 139 THR 139 137 137 THR THR A . n 
A 1 140 PRO 140 138 138 PRO PRO A . n 
A 1 141 ALA 141 139 139 ALA ALA A . n 
A 1 142 GLY 142 140 140 GLY GLY A . n 
A 1 143 GLU 143 141 ?   ?   ?   A . n 
A 1 144 GLU 144 142 ?   ?   ?   A . n 
A 1 145 ASN 145 143 ?   ?   ?   A . n 
A 1 146 ASP 146 144 ?   ?   ?   A . n 
A 1 147 ASP 147 145 ?   ?   ?   A . n 
A 1 148 LEU 148 146 ?   ?   ?   A . n 
A 1 149 GLU 149 147 ?   ?   ?   A . n 
A 1 150 HIS 150 148 ?   ?   ?   A . n 
A 1 151 HIS 151 149 ?   ?   ?   A . n 
A 1 152 HIS 152 150 ?   ?   ?   A . n 
A 1 153 HIS 153 151 ?   ?   ?   A . n 
A 1 154 HIS 154 152 ?   ?   ?   A . n 
A 1 155 HIS 155 153 ?   ?   ?   A . n 
# 
loop_
_pdbx_nonpoly_scheme.asym_id 
_pdbx_nonpoly_scheme.entity_id 
_pdbx_nonpoly_scheme.mon_id 
_pdbx_nonpoly_scheme.ndb_seq_num 
_pdbx_nonpoly_scheme.pdb_seq_num 
_pdbx_nonpoly_scheme.auth_seq_num 
_pdbx_nonpoly_scheme.pdb_mon_id 
_pdbx_nonpoly_scheme.auth_mon_id 
_pdbx_nonpoly_scheme.pdb_strand_id 
_pdbx_nonpoly_scheme.pdb_ins_code 
B 2 CA  1   1141 1141 CA  CA  A . 
C 3 GOL 1   1142 1142 GOL GOL A . 
D 3 GOL 1   1143 1143 GOL GOL A . 
E 4 HOH 1   2001 2001 HOH HOH A . 
E 4 HOH 2   2002 2002 HOH HOH A . 
E 4 HOH 3   2003 2003 HOH HOH A . 
E 4 HOH 4   2004 2004 HOH HOH A . 
E 4 HOH 5   2005 2005 HOH HOH A . 
E 4 HOH 6   2006 2006 HOH HOH A . 
E 4 HOH 7   2007 2007 HOH HOH A . 
E 4 HOH 8   2008 2008 HOH HOH A . 
E 4 HOH 9   2009 2009 HOH HOH A . 
E 4 HOH 10  2010 2010 HOH HOH A . 
E 4 HOH 11  2011 2011 HOH HOH A . 
E 4 HOH 12  2012 2012 HOH HOH A . 
E 4 HOH 13  2013 2013 HOH HOH A . 
E 4 HOH 14  2014 2014 HOH HOH A . 
E 4 HOH 15  2015 2015 HOH HOH A . 
E 4 HOH 16  2016 2016 HOH HOH A . 
E 4 HOH 17  2017 2017 HOH HOH A . 
E 4 HOH 18  2018 2018 HOH HOH A . 
E 4 HOH 19  2019 2019 HOH HOH A . 
E 4 HOH 20  2020 2020 HOH HOH A . 
E 4 HOH 21  2021 2021 HOH HOH A . 
E 4 HOH 22  2022 2022 HOH HOH A . 
E 4 HOH 23  2023 2023 HOH HOH A . 
E 4 HOH 24  2024 2024 HOH HOH A . 
E 4 HOH 25  2025 2025 HOH HOH A . 
E 4 HOH 26  2026 2026 HOH HOH A . 
E 4 HOH 27  2027 2027 HOH HOH A . 
E 4 HOH 28  2028 2028 HOH HOH A . 
E 4 HOH 29  2029 2029 HOH HOH A . 
E 4 HOH 30  2030 2030 HOH HOH A . 
E 4 HOH 31  2031 2031 HOH HOH A . 
E 4 HOH 32  2032 2032 HOH HOH A . 
E 4 HOH 33  2033 2033 HOH HOH A . 
E 4 HOH 34  2034 2034 HOH HOH A . 
E 4 HOH 35  2035 2035 HOH HOH A . 
E 4 HOH 36  2036 2036 HOH HOH A . 
E 4 HOH 37  2037 2037 HOH HOH A . 
E 4 HOH 38  2038 2038 HOH HOH A . 
E 4 HOH 39  2039 2039 HOH HOH A . 
E 4 HOH 40  2040 2040 HOH HOH A . 
E 4 HOH 41  2041 2041 HOH HOH A . 
E 4 HOH 42  2042 2042 HOH HOH A . 
E 4 HOH 43  2043 2043 HOH HOH A . 
E 4 HOH 44  2044 2044 HOH HOH A . 
E 4 HOH 45  2045 2045 HOH HOH A . 
E 4 HOH 46  2046 2046 HOH HOH A . 
E 4 HOH 47  2047 2047 HOH HOH A . 
E 4 HOH 48  2048 2048 HOH HOH A . 
E 4 HOH 49  2049 2049 HOH HOH A . 
E 4 HOH 50  2050 2050 HOH HOH A . 
E 4 HOH 51  2051 2051 HOH HOH A . 
E 4 HOH 52  2052 2052 HOH HOH A . 
E 4 HOH 53  2053 2053 HOH HOH A . 
E 4 HOH 54  2054 2054 HOH HOH A . 
E 4 HOH 55  2055 2055 HOH HOH A . 
E 4 HOH 56  2056 2056 HOH HOH A . 
E 4 HOH 57  2057 2057 HOH HOH A . 
E 4 HOH 58  2058 2058 HOH HOH A . 
E 4 HOH 59  2059 2059 HOH HOH A . 
E 4 HOH 60  2060 2060 HOH HOH A . 
E 4 HOH 61  2061 2061 HOH HOH A . 
E 4 HOH 62  2062 2062 HOH HOH A . 
E 4 HOH 63  2063 2063 HOH HOH A . 
E 4 HOH 64  2064 2064 HOH HOH A . 
E 4 HOH 65  2065 2065 HOH HOH A . 
E 4 HOH 66  2066 2066 HOH HOH A . 
E 4 HOH 67  2067 2067 HOH HOH A . 
E 4 HOH 68  2068 2068 HOH HOH A . 
E 4 HOH 69  2069 2069 HOH HOH A . 
E 4 HOH 70  2070 2070 HOH HOH A . 
E 4 HOH 71  2071 2071 HOH HOH A . 
E 4 HOH 72  2072 2072 HOH HOH A . 
E 4 HOH 73  2073 2073 HOH HOH A . 
E 4 HOH 74  2074 2074 HOH HOH A . 
E 4 HOH 75  2075 2075 HOH HOH A . 
E 4 HOH 76  2076 2076 HOH HOH A . 
E 4 HOH 77  2077 2077 HOH HOH A . 
E 4 HOH 78  2078 2078 HOH HOH A . 
E 4 HOH 79  2079 2079 HOH HOH A . 
E 4 HOH 80  2080 2080 HOH HOH A . 
E 4 HOH 81  2081 2081 HOH HOH A . 
E 4 HOH 82  2082 2082 HOH HOH A . 
E 4 HOH 83  2083 2083 HOH HOH A . 
E 4 HOH 84  2084 2084 HOH HOH A . 
E 4 HOH 85  2085 2085 HOH HOH A . 
E 4 HOH 86  2086 2086 HOH HOH A . 
E 4 HOH 87  2087 2087 HOH HOH A . 
E 4 HOH 88  2088 2088 HOH HOH A . 
E 4 HOH 89  2089 2089 HOH HOH A . 
E 4 HOH 90  2090 2090 HOH HOH A . 
E 4 HOH 91  2091 2091 HOH HOH A . 
E 4 HOH 92  2092 2092 HOH HOH A . 
E 4 HOH 93  2093 2093 HOH HOH A . 
E 4 HOH 94  2094 2094 HOH HOH A . 
E 4 HOH 95  2095 2095 HOH HOH A . 
E 4 HOH 96  2096 2096 HOH HOH A . 
E 4 HOH 97  2097 2097 HOH HOH A . 
E 4 HOH 98  2098 2098 HOH HOH A . 
E 4 HOH 99  2099 2099 HOH HOH A . 
E 4 HOH 100 2100 2100 HOH HOH A . 
E 4 HOH 101 2101 2101 HOH HOH A . 
E 4 HOH 102 2102 2102 HOH HOH A . 
E 4 HOH 103 2103 2103 HOH HOH A . 
E 4 HOH 104 2104 2104 HOH HOH A . 
E 4 HOH 105 2105 2105 HOH HOH A . 
E 4 HOH 106 2106 2106 HOH HOH A . 
E 4 HOH 107 2107 2107 HOH HOH A . 
E 4 HOH 108 2108 2108 HOH HOH A . 
E 4 HOH 109 2109 2109 HOH HOH A . 
E 4 HOH 110 2110 2110 HOH HOH A . 
E 4 HOH 111 2111 2111 HOH HOH A . 
E 4 HOH 112 2112 2112 HOH HOH A . 
E 4 HOH 113 2113 2113 HOH HOH A . 
E 4 HOH 114 2114 2114 HOH HOH A . 
E 4 HOH 115 2115 2115 HOH HOH A . 
E 4 HOH 116 2116 2116 HOH HOH A . 
E 4 HOH 117 2117 2117 HOH HOH A . 
E 4 HOH 118 2118 2118 HOH HOH A . 
E 4 HOH 119 2119 2119 HOH HOH A . 
E 4 HOH 120 2120 2120 HOH HOH A . 
E 4 HOH 121 2121 2121 HOH HOH A . 
E 4 HOH 122 2122 2122 HOH HOH A . 
E 4 HOH 123 2123 2123 HOH HOH A . 
E 4 HOH 124 2124 2124 HOH HOH A . 
E 4 HOH 125 2125 2125 HOH HOH A . 
E 4 HOH 126 2126 2126 HOH HOH A . 
E 4 HOH 127 2127 2127 HOH HOH A . 
E 4 HOH 128 2128 2128 HOH HOH A . 
E 4 HOH 129 2129 2129 HOH HOH A . 
E 4 HOH 130 2130 2130 HOH HOH A . 
E 4 HOH 131 2131 2131 HOH HOH A . 
E 4 HOH 132 2132 2132 HOH HOH A . 
E 4 HOH 133 2133 2133 HOH HOH A . 
E 4 HOH 134 2134 2134 HOH HOH A . 
E 4 HOH 135 2135 2135 HOH HOH A . 
E 4 HOH 136 2136 2136 HOH HOH A . 
E 4 HOH 137 2137 2137 HOH HOH A . 
E 4 HOH 138 2138 2138 HOH HOH A . 
E 4 HOH 139 2139 2139 HOH HOH A . 
E 4 HOH 140 2140 2140 HOH HOH A . 
E 4 HOH 141 2141 2141 HOH HOH A . 
E 4 HOH 142 2142 2142 HOH HOH A . 
E 4 HOH 143 2143 2143 HOH HOH A . 
E 4 HOH 144 2144 2144 HOH HOH A . 
E 4 HOH 145 2145 2145 HOH HOH A . 
E 4 HOH 146 2146 2146 HOH HOH A . 
E 4 HOH 147 2147 2147 HOH HOH A . 
E 4 HOH 148 2148 2148 HOH HOH A . 
E 4 HOH 149 2149 2149 HOH HOH A . 
E 4 HOH 150 2150 2150 HOH HOH A . 
E 4 HOH 151 2151 2151 HOH HOH A . 
E 4 HOH 152 2152 2152 HOH HOH A . 
E 4 HOH 153 2153 2153 HOH HOH A . 
E 4 HOH 154 2154 2154 HOH HOH A . 
E 4 HOH 155 2155 2155 HOH HOH A . 
E 4 HOH 156 2156 2156 HOH HOH A . 
E 4 HOH 157 2157 2157 HOH HOH A . 
E 4 HOH 158 2158 2158 HOH HOH A . 
E 4 HOH 159 2159 2159 HOH HOH A . 
E 4 HOH 160 2160 2160 HOH HOH A . 
E 4 HOH 161 2161 2161 HOH HOH A . 
E 4 HOH 162 2162 2162 HOH HOH A . 
E 4 HOH 163 2163 2163 HOH HOH A . 
E 4 HOH 164 2164 2164 HOH HOH A . 
E 4 HOH 165 2165 2165 HOH HOH A . 
E 4 HOH 166 2166 2166 HOH HOH A . 
E 4 HOH 167 2167 2167 HOH HOH A . 
E 4 HOH 168 2168 2168 HOH HOH A . 
E 4 HOH 169 2169 2169 HOH HOH A . 
E 4 HOH 170 2170 2170 HOH HOH A . 
E 4 HOH 171 2171 2171 HOH HOH A . 
E 4 HOH 172 2172 2172 HOH HOH A . 
E 4 HOH 173 2173 2173 HOH HOH A . 
E 4 HOH 174 2174 2174 HOH HOH A . 
E 4 HOH 175 2176 2176 HOH HOH A . 
E 4 HOH 176 2177 2177 HOH HOH A . 
E 4 HOH 177 2178 2178 HOH HOH A . 
E 4 HOH 178 2179 2179 HOH HOH A . 
E 4 HOH 179 2180 2180 HOH HOH A . 
E 4 HOH 180 2181 2181 HOH HOH A . 
E 4 HOH 181 2182 2182 HOH HOH A . 
E 4 HOH 182 2183 2183 HOH HOH A . 
E 4 HOH 183 2184 2184 HOH HOH A . 
E 4 HOH 184 2185 2185 HOH HOH A . 
E 4 HOH 185 2186 2186 HOH HOH A . 
E 4 HOH 186 2187 2187 HOH HOH A . 
E 4 HOH 187 2188 2188 HOH HOH A . 
E 4 HOH 188 2189 2189 HOH HOH A . 
E 4 HOH 189 2190 2190 HOH HOH A . 
E 4 HOH 190 2191 2191 HOH HOH A . 
E 4 HOH 191 2192 2192 HOH HOH A . 
E 4 HOH 192 2193 2193 HOH HOH A . 
E 4 HOH 193 2194 2194 HOH HOH A . 
E 4 HOH 194 2195 2195 HOH HOH A . 
E 4 HOH 195 2196 2196 HOH HOH A . 
E 4 HOH 196 2197 2197 HOH HOH A . 
E 4 HOH 197 2198 2198 HOH HOH A . 
E 4 HOH 198 2199 2199 HOH HOH A . 
E 4 HOH 199 2200 2200 HOH HOH A . 
E 4 HOH 200 2201 2201 HOH HOH A . 
E 4 HOH 201 2202 2202 HOH HOH A . 
E 4 HOH 202 2203 2203 HOH HOH A . 
E 4 HOH 203 2204 2204 HOH HOH A . 
E 4 HOH 204 2205 2205 HOH HOH A . 
E 4 HOH 205 2206 2206 HOH HOH A . 
E 4 HOH 206 2207 2207 HOH HOH A . 
E 4 HOH 207 2208 2208 HOH HOH A . 
E 4 HOH 208 2209 2209 HOH HOH A . 
E 4 HOH 209 2210 2210 HOH HOH A . 
E 4 HOH 210 2211 2211 HOH HOH A . 
E 4 HOH 211 2212 2212 HOH HOH A . 
E 4 HOH 212 2213 2213 HOH HOH A . 
E 4 HOH 213 2214 2214 HOH HOH A . 
E 4 HOH 214 2215 2215 HOH HOH A . 
E 4 HOH 215 2216 2216 HOH HOH A . 
E 4 HOH 216 2217 2217 HOH HOH A . 
E 4 HOH 217 2218 2218 HOH HOH A . 
E 4 HOH 218 2219 2219 HOH HOH A . 
E 4 HOH 219 2220 2220 HOH HOH A . 
E 4 HOH 220 2221 2221 HOH HOH A . 
E 4 HOH 221 2222 2222 HOH HOH A . 
E 4 HOH 222 2223 2223 HOH HOH A . 
E 4 HOH 223 2224 2224 HOH HOH A . 
E 4 HOH 224 2226 2226 HOH HOH A . 
E 4 HOH 225 2227 2227 HOH HOH A . 
E 4 HOH 226 2228 2228 HOH HOH A . 
# 
_pdbx_unobs_or_zero_occ_atoms.id               1 
_pdbx_unobs_or_zero_occ_atoms.PDB_model_num    1 
_pdbx_unobs_or_zero_occ_atoms.polymer_flag     Y 
_pdbx_unobs_or_zero_occ_atoms.occupancy_flag   1 
_pdbx_unobs_or_zero_occ_atoms.auth_asym_id     A 
_pdbx_unobs_or_zero_occ_atoms.auth_comp_id     SER 
_pdbx_unobs_or_zero_occ_atoms.auth_seq_id      1 
_pdbx_unobs_or_zero_occ_atoms.PDB_ins_code     ? 
_pdbx_unobs_or_zero_occ_atoms.auth_atom_id     OG 
_pdbx_unobs_or_zero_occ_atoms.label_alt_id     ? 
_pdbx_unobs_or_zero_occ_atoms.label_asym_id    A 
_pdbx_unobs_or_zero_occ_atoms.label_comp_id    SER 
_pdbx_unobs_or_zero_occ_atoms.label_seq_id     3 
_pdbx_unobs_or_zero_occ_atoms.label_atom_id    OG 
# 
loop_
_software.name 
_software.classification 
_software.version 
_software.citation_id 
_software.pdbx_ordinal 
REFMAC   refinement       5.5.0109 ? 1 
XDS      'data reduction' .        ? 2 
SCALA    'data scaling'   .        ? 3 
SHELXCDE phasing          .        ? 4 
# 
_cell.entry_id           2YFU 
_cell.length_a           192.160 
_cell.length_b           192.160 
_cell.length_c           192.160 
_cell.angle_alpha        90.00 
_cell.angle_beta         90.00 
_cell.angle_gamma        90.00 
_cell.Z_PDB              96 
_cell.pdbx_unique_axis   ? 
# 
_symmetry.entry_id                         2YFU 
_symmetry.space_group_name_H-M             'F 4 3 2' 
_symmetry.pdbx_full_space_group_name_H-M   ? 
_symmetry.cell_setting                     ? 
_symmetry.Int_Tables_number                209 
# 
_exptl.entry_id          2YFU 
_exptl.method            'X-RAY DIFFRACTION' 
_exptl.crystals_number   ? 
# 
_exptl_crystal.id                    1 
_exptl_crystal.density_meas          ? 
_exptl_crystal.density_Matthews      4.95 
_exptl_crystal.density_percent_sol   75 
_exptl_crystal.description           NONE 
# 
_exptl_crystal_grow.crystal_id      1 
_exptl_crystal_grow.method          ? 
_exptl_crystal_grow.temp            ? 
_exptl_crystal_grow.temp_details    ? 
_exptl_crystal_grow.pH              4.8 
_exptl_crystal_grow.pdbx_pH_range   ? 
_exptl_crystal_grow.pdbx_details    '20 % (W/V) PEG 3350, 0.2 M TRI-SODIUM CITRATE, PH 4.8' 
# 
_diffrn.id                     1 
_diffrn.ambient_temp           100 
_diffrn.ambient_temp_details   ? 
_diffrn.crystal_id             1 
# 
_diffrn_detector.diffrn_id              1 
_diffrn_detector.detector               ? 
_diffrn_detector.type                   'RIGAKU R-AXIS IV' 
_diffrn_detector.pdbx_collection_date   ? 
_diffrn_detector.details                'OSMIC MIRRORS' 
# 
_diffrn_radiation.diffrn_id                        1 
_diffrn_radiation.wavelength_id                    1 
_diffrn_radiation.pdbx_monochromatic_or_laue_m_l   M 
_diffrn_radiation.monochromator                    ? 
_diffrn_radiation.pdbx_diffrn_protocol             'SINGLE WAVELENGTH' 
_diffrn_radiation.pdbx_scattering_type             x-ray 
# 
_diffrn_radiation_wavelength.id           1 
_diffrn_radiation_wavelength.wavelength   1.5418 
_diffrn_radiation_wavelength.wt           1.0 
# 
_diffrn_source.diffrn_id                   1 
_diffrn_source.source                      'ROTATING ANODE' 
_diffrn_source.type                        'RIGAKU MICROMAX-007' 
_diffrn_source.pdbx_synchrotron_site       ? 
_diffrn_source.pdbx_synchrotron_beamline   ? 
_diffrn_source.pdbx_wavelength             1.5418 
_diffrn_source.pdbx_wavelength_list        ? 
# 
_reflns.pdbx_diffrn_id               1 
_reflns.pdbx_ordinal                 1 
_reflns.entry_id                     2YFU 
_reflns.observed_criterion_sigma_I   2.0 
_reflns.observed_criterion_sigma_F   ? 
_reflns.d_resolution_low             48.04 
_reflns.d_resolution_high            1.65 
_reflns.number_obs                   37038 
_reflns.number_all                   ? 
_reflns.percent_possible_obs         100.0 
_reflns.pdbx_Rmerge_I_obs            0.07 
_reflns.pdbx_Rsym_value              ? 
_reflns.pdbx_netI_over_sigmaI        33.70 
_reflns.B_iso_Wilson_estimate        14.5 
_reflns.pdbx_redundancy              15.7 
# 
_reflns_shell.pdbx_diffrn_id         1 
_reflns_shell.pdbx_ordinal           1 
_reflns_shell.d_res_high             1.65 
_reflns_shell.d_res_low              1.74 
_reflns_shell.percent_possible_all   99.8 
_reflns_shell.Rmerge_I_obs           0.41 
_reflns_shell.pdbx_Rsym_value        ? 
_reflns_shell.meanI_over_sigI_obs    7.10 
_reflns_shell.pdbx_redundancy        13.2 
# 
_refine.pdbx_refine_id                           'X-RAY DIFFRACTION' 
_refine.entry_id                                 2YFU 
_refine.pdbx_diffrn_id                           1 
_refine.pdbx_TLS_residual_ADP_flag               ? 
_refine.ls_number_reflns_obs                     35140 
_refine.ls_number_reflns_all                     ? 
_refine.pdbx_ls_sigma_I                          ? 
_refine.pdbx_ls_sigma_F                          . 
_refine.pdbx_data_cutoff_high_absF               ? 
_refine.pdbx_data_cutoff_low_absF                ? 
_refine.pdbx_data_cutoff_high_rms_absF           ? 
_refine.ls_d_res_low                             110.94 
_refine.ls_d_res_high                            1.65 
_refine.ls_percent_reflns_obs                    99.82 
_refine.ls_R_factor_obs                          0.15173 
_refine.ls_R_factor_all                          ? 
_refine.ls_R_factor_R_work                       0.15118 
_refine.ls_R_factor_R_free                       0.16244 
_refine.ls_R_factor_R_free_error                 ? 
_refine.ls_R_factor_R_free_error_details         ? 
_refine.ls_percent_reflns_R_free                 5.0 
_refine.ls_number_reflns_R_free                  1848 
_refine.ls_number_parameters                     ? 
_refine.ls_number_restraints                     ? 
_refine.occupancy_min                            ? 
_refine.occupancy_max                            ? 
_refine.correlation_coeff_Fo_to_Fc               0.966 
_refine.correlation_coeff_Fo_to_Fc_free          0.961 
_refine.B_iso_mean                               13 
_refine.aniso_B[1][1]                            ? 
_refine.aniso_B[2][2]                            ? 
_refine.aniso_B[3][3]                            ? 
_refine.aniso_B[1][2]                            ? 
_refine.aniso_B[1][3]                            ? 
_refine.aniso_B[2][3]                            ? 
_refine.solvent_model_details                    MASK 
_refine.solvent_model_param_ksol                 ? 
_refine.solvent_model_param_bsol                 ? 
_refine.pdbx_solvent_vdw_probe_radii             1.40 
_refine.pdbx_solvent_ion_probe_radii             0.80 
_refine.pdbx_solvent_shrinkage_radii             0.80 
_refine.pdbx_ls_cross_valid_method               THROUGHOUT 
_refine.details                                  'HYDROGENS HAVE BEEN ADDED IN THE RIDING POSITIONS.' 
_refine.pdbx_starting_model                      NONE 
_refine.pdbx_method_to_determine_struct          SIRAS 
_refine.pdbx_isotropic_thermal_model             ? 
_refine.pdbx_stereochemistry_target_values       'MAXIMUM LIKELIHOOD' 
_refine.pdbx_stereochem_target_val_spec_case     ? 
_refine.pdbx_R_Free_selection_details            RANDOM 
_refine.pdbx_overall_ESU_R                       0.054 
_refine.pdbx_overall_ESU_R_Free                  0.053 
_refine.overall_SU_ML                            0.029 
_refine.pdbx_overall_phase_error                 ? 
_refine.overall_SU_B                             0.834 
_refine.overall_SU_R_Cruickshank_DPI             ? 
_refine.pdbx_overall_SU_R_free_Cruickshank_DPI   ? 
_refine.pdbx_overall_SU_R_Blow_DPI               ? 
_refine.pdbx_overall_SU_R_free_Blow_DPI          ? 
# 
_refine_hist.pdbx_refine_id                   'X-RAY DIFFRACTION' 
_refine_hist.cycle_id                         LAST 
_refine_hist.pdbx_number_atoms_protein        1058 
_refine_hist.pdbx_number_atoms_nucleic_acid   0 
_refine_hist.pdbx_number_atoms_ligand         13 
_refine_hist.number_atoms_solvent             226 
_refine_hist.number_atoms_total               1297 
_refine_hist.d_res_high                       1.65 
_refine_hist.d_res_low                        110.94 
# 
loop_
_refine_ls_restr.type 
_refine_ls_restr.dev_ideal 
_refine_ls_restr.dev_ideal_target 
_refine_ls_restr.weight 
_refine_ls_restr.number 
_refine_ls_restr.pdbx_refine_id 
_refine_ls_restr.pdbx_restraint_function 
r_bond_refined_d             0.015  0.022  ? 1155 'X-RAY DIFFRACTION' ? 
r_bond_other_d               ?      ?      ? ?    'X-RAY DIFFRACTION' ? 
r_angle_refined_deg          1.424  1.938  ? 1583 'X-RAY DIFFRACTION' ? 
r_angle_other_deg            ?      ?      ? ?    'X-RAY DIFFRACTION' ? 
r_dihedral_angle_1_deg       5.564  5.000  ? 159  'X-RAY DIFFRACTION' ? 
r_dihedral_angle_2_deg       30.428 24.259 ? 54   'X-RAY DIFFRACTION' ? 
r_dihedral_angle_3_deg       9.726  15.000 ? 170  'X-RAY DIFFRACTION' ? 
r_dihedral_angle_4_deg       4.408  15.000 ? 6    'X-RAY DIFFRACTION' ? 
r_chiral_restr               0.115  0.200  ? 170  'X-RAY DIFFRACTION' ? 
r_gen_planes_refined         0.007  0.021  ? 915  'X-RAY DIFFRACTION' ? 
r_gen_planes_other           ?      ?      ? ?    'X-RAY DIFFRACTION' ? 
r_nbd_refined                ?      ?      ? ?    'X-RAY DIFFRACTION' ? 
r_nbd_other                  ?      ?      ? ?    'X-RAY DIFFRACTION' ? 
r_nbtor_refined              ?      ?      ? ?    'X-RAY DIFFRACTION' ? 
r_nbtor_other                ?      ?      ? ?    'X-RAY DIFFRACTION' ? 
r_xyhbond_nbd_refined        ?      ?      ? ?    'X-RAY DIFFRACTION' ? 
r_xyhbond_nbd_other          ?      ?      ? ?    'X-RAY DIFFRACTION' ? 
r_metal_ion_refined          ?      ?      ? ?    'X-RAY DIFFRACTION' ? 
r_metal_ion_other            ?      ?      ? ?    'X-RAY DIFFRACTION' ? 
r_symmetry_vdw_refined       ?      ?      ? ?    'X-RAY DIFFRACTION' ? 
r_symmetry_vdw_other         ?      ?      ? ?    'X-RAY DIFFRACTION' ? 
r_symmetry_hbond_refined     ?      ?      ? ?    'X-RAY DIFFRACTION' ? 
r_symmetry_hbond_other       ?      ?      ? ?    'X-RAY DIFFRACTION' ? 
r_symmetry_metal_ion_refined ?      ?      ? ?    'X-RAY DIFFRACTION' ? 
r_symmetry_metal_ion_other   ?      ?      ? ?    'X-RAY DIFFRACTION' ? 
r_mcbond_it                  0.838  1.500  ? 715  'X-RAY DIFFRACTION' ? 
r_mcbond_other               ?      ?      ? ?    'X-RAY DIFFRACTION' ? 
r_mcangle_it                 1.499  2.000  ? 1160 'X-RAY DIFFRACTION' ? 
r_mcangle_other              ?      ?      ? ?    'X-RAY DIFFRACTION' ? 
r_scbond_it                  2.083  3.000  ? 440  'X-RAY DIFFRACTION' ? 
r_scbond_other               ?      ?      ? ?    'X-RAY DIFFRACTION' ? 
r_scangle_it                 3.365  4.500  ? 413  'X-RAY DIFFRACTION' ? 
r_scangle_other              ?      ?      ? ?    'X-RAY DIFFRACTION' ? 
r_long_range_B_refined       ?      ?      ? ?    'X-RAY DIFFRACTION' ? 
r_long_range_B_other         ?      ?      ? ?    'X-RAY DIFFRACTION' ? 
r_rigid_bond_restr           ?      ?      ? ?    'X-RAY DIFFRACTION' ? 
r_sphericity_free            ?      ?      ? ?    'X-RAY DIFFRACTION' ? 
r_sphericity_bonded          ?      ?      ? ?    'X-RAY DIFFRACTION' ? 
# 
_refine_ls_shell.pdbx_refine_id                   'X-RAY DIFFRACTION' 
_refine_ls_shell.pdbx_total_number_of_bins_used   20 
_refine_ls_shell.d_res_high                       1.650 
_refine_ls_shell.d_res_low                        1.693 
_refine_ls_shell.number_reflns_R_work             2537 
_refine_ls_shell.R_factor_R_work                  0.199 
_refine_ls_shell.percent_reflns_obs               99.11 
_refine_ls_shell.R_factor_R_free                  0.213 
_refine_ls_shell.R_factor_R_free_error            ? 
_refine_ls_shell.percent_reflns_R_free            ? 
_refine_ls_shell.number_reflns_R_free             131 
_refine_ls_shell.number_reflns_all                ? 
_refine_ls_shell.R_factor_all                     ? 
# 
_struct.entry_id                  2YFU 
_struct.title                     'CBM62 FROM CLOSTRIDIUM THERMOCELLUM XYL5A' 
_struct.pdbx_model_details        ? 
_struct.pdbx_CASP_flag            ? 
_struct.pdbx_model_type_details   ? 
# 
_struct_keywords.entry_id        2YFU 
_struct_keywords.pdbx_keywords   'SUGAR BINDING PROTEIN' 
_struct_keywords.text            'SUGAR BINDING PROTEIN, CARBOHYDRATE BINDING FAMILY 6' 
# 
loop_
_struct_asym.id 
_struct_asym.pdbx_blank_PDB_chainid_flag 
_struct_asym.pdbx_modified 
_struct_asym.entity_id 
_struct_asym.details 
A N N 1 ? 
B N N 2 ? 
C N N 3 ? 
D N N 3 ? 
E N N 4 ? 
# 
_struct_ref.id                         1 
_struct_ref.db_name                    UNP 
_struct_ref.db_code                    C7HE60_CLOTM 
_struct_ref.entity_id                  1 
_struct_ref.pdbx_seq_one_letter_code   ? 
_struct_ref.pdbx_align_begin           ? 
_struct_ref.pdbx_db_accession          C7HE60 
_struct_ref.pdbx_db_isoform            ? 
# 
_struct_ref_seq.align_id                      1 
_struct_ref_seq.ref_id                        1 
_struct_ref_seq.pdbx_PDB_id_code              2YFU 
_struct_ref_seq.pdbx_strand_id                A 
_struct_ref_seq.seq_align_beg                 4 
_struct_ref_seq.pdbx_seq_align_beg_ins_code   ? 
_struct_ref_seq.seq_align_end                 147 
_struct_ref_seq.pdbx_seq_align_end_ins_code   ? 
_struct_ref_seq.pdbx_db_accession             C7HE60 
_struct_ref_seq.db_align_beg                  740 
_struct_ref_seq.pdbx_db_align_beg_ins_code    ? 
_struct_ref_seq.db_align_end                  883 
_struct_ref_seq.pdbx_db_align_end_ins_code    ? 
_struct_ref_seq.pdbx_auth_seq_align_beg       2 
_struct_ref_seq.pdbx_auth_seq_align_end       145 
# 
loop_
_struct_ref_seq_dif.align_id 
_struct_ref_seq_dif.pdbx_pdb_id_code 
_struct_ref_seq_dif.mon_id 
_struct_ref_seq_dif.pdbx_pdb_strand_id 
_struct_ref_seq_dif.seq_num 
_struct_ref_seq_dif.pdbx_pdb_ins_code 
_struct_ref_seq_dif.pdbx_seq_db_name 
_struct_ref_seq_dif.pdbx_seq_db_accession_code 
_struct_ref_seq_dif.db_mon_id 
_struct_ref_seq_dif.pdbx_seq_db_seq_num 
_struct_ref_seq_dif.details 
_struct_ref_seq_dif.pdbx_auth_seq_num 
_struct_ref_seq_dif.pdbx_ordinal 
1 2YFU MET A 1   ? UNP C7HE60 ? ? 'expression tag' -1  1  
1 2YFU ALA A 2   ? UNP C7HE60 ? ? 'expression tag' 0   2  
1 2YFU SER A 3   ? UNP C7HE60 ? ? 'expression tag' 1   3  
1 2YFU LEU A 148 ? UNP C7HE60 ? ? 'expression tag' 146 4  
1 2YFU GLU A 149 ? UNP C7HE60 ? ? 'expression tag' 147 5  
1 2YFU HIS A 150 ? UNP C7HE60 ? ? 'expression tag' 148 6  
1 2YFU HIS A 151 ? UNP C7HE60 ? ? 'expression tag' 149 7  
1 2YFU HIS A 152 ? UNP C7HE60 ? ? 'expression tag' 150 8  
1 2YFU HIS A 153 ? UNP C7HE60 ? ? 'expression tag' 151 9  
1 2YFU HIS A 154 ? UNP C7HE60 ? ? 'expression tag' 152 10 
1 2YFU HIS A 155 ? UNP C7HE60 ? ? 'expression tag' 153 11 
# 
_pdbx_struct_assembly.id                   1 
_pdbx_struct_assembly.details              author_and_software_defined_assembly 
_pdbx_struct_assembly.method_details       PISA 
_pdbx_struct_assembly.oligomeric_details   monomeric 
_pdbx_struct_assembly.oligomeric_count     1 
# 
_pdbx_struct_assembly_gen.assembly_id       1 
_pdbx_struct_assembly_gen.oper_expression   1 
_pdbx_struct_assembly_gen.asym_id_list      A,B,C,D,E 
# 
_pdbx_struct_oper_list.id                   1 
_pdbx_struct_oper_list.type                 'identity operation' 
_pdbx_struct_oper_list.name                 1_555 
_pdbx_struct_oper_list.symmetry_operation   x,y,z 
_pdbx_struct_oper_list.matrix[1][1]         1.0000000000 
_pdbx_struct_oper_list.matrix[1][2]         0.0000000000 
_pdbx_struct_oper_list.matrix[1][3]         0.0000000000 
_pdbx_struct_oper_list.vector[1]            0.0000000000 
_pdbx_struct_oper_list.matrix[2][1]         0.0000000000 
_pdbx_struct_oper_list.matrix[2][2]         1.0000000000 
_pdbx_struct_oper_list.matrix[2][3]         0.0000000000 
_pdbx_struct_oper_list.vector[2]            0.0000000000 
_pdbx_struct_oper_list.matrix[3][1]         0.0000000000 
_pdbx_struct_oper_list.matrix[3][2]         0.0000000000 
_pdbx_struct_oper_list.matrix[3][3]         1.0000000000 
_pdbx_struct_oper_list.vector[3]            0.0000000000 
# 
_struct_biol.id   1 
# 
loop_
_struct_conf.conf_type_id 
_struct_conf.id 
_struct_conf.pdbx_PDB_helix_id 
_struct_conf.beg_label_comp_id 
_struct_conf.beg_label_asym_id 
_struct_conf.beg_label_seq_id 
_struct_conf.pdbx_beg_PDB_ins_code 
_struct_conf.end_label_comp_id 
_struct_conf.end_label_asym_id 
_struct_conf.end_label_seq_id 
_struct_conf.pdbx_end_PDB_ins_code 
_struct_conf.beg_auth_comp_id 
_struct_conf.beg_auth_asym_id 
_struct_conf.beg_auth_seq_id 
_struct_conf.end_auth_comp_id 
_struct_conf.end_auth_asym_id 
_struct_conf.end_auth_seq_id 
_struct_conf.pdbx_PDB_helix_class 
_struct_conf.details 
_struct_conf.pdbx_PDB_helix_length 
HELX_P HELX_P1 1 SER A 17 ? ILE A 21 ? SER A 15 ILE A 19 5 ? 5 
HELX_P HELX_P2 2 THR A 24 ? ASP A 30 ? THR A 22 ASP A 28 5 ? 7 
HELX_P HELX_P3 3 TYR A 70 ? ILE A 75 ? TYR A 68 ILE A 73 5 ? 6 
# 
_struct_conf_type.id          HELX_P 
_struct_conf_type.criteria    ? 
_struct_conf_type.reference   ? 
# 
loop_
_struct_conn.id 
_struct_conn.conn_type_id 
_struct_conn.pdbx_leaving_atom_flag 
_struct_conn.pdbx_PDB_id 
_struct_conn.ptnr1_label_asym_id 
_struct_conn.ptnr1_label_comp_id 
_struct_conn.ptnr1_label_seq_id 
_struct_conn.ptnr1_label_atom_id 
_struct_conn.pdbx_ptnr1_label_alt_id 
_struct_conn.pdbx_ptnr1_PDB_ins_code 
_struct_conn.pdbx_ptnr1_standard_comp_id 
_struct_conn.ptnr1_symmetry 
_struct_conn.ptnr2_label_asym_id 
_struct_conn.ptnr2_label_comp_id 
_struct_conn.ptnr2_label_seq_id 
_struct_conn.ptnr2_label_atom_id 
_struct_conn.pdbx_ptnr2_label_alt_id 
_struct_conn.pdbx_ptnr2_PDB_ins_code 
_struct_conn.ptnr1_auth_asym_id 
_struct_conn.ptnr1_auth_comp_id 
_struct_conn.ptnr1_auth_seq_id 
_struct_conn.ptnr2_auth_asym_id 
_struct_conn.ptnr2_auth_comp_id 
_struct_conn.ptnr2_auth_seq_id 
_struct_conn.ptnr2_symmetry 
_struct_conn.pdbx_ptnr3_label_atom_id 
_struct_conn.pdbx_ptnr3_label_seq_id 
_struct_conn.pdbx_ptnr3_label_comp_id 
_struct_conn.pdbx_ptnr3_label_asym_id 
_struct_conn.pdbx_ptnr3_label_alt_id 
_struct_conn.pdbx_ptnr3_PDB_ins_code 
_struct_conn.details 
_struct_conn.pdbx_dist_value 
_struct_conn.pdbx_value_order 
_struct_conn.pdbx_role 
metalc1 metalc ? ? A LYS 27  O   ? ? ? 1_555 B CA . CA ? ? A LYS 25  A CA 1141 1_555 ? ? ? ? ? ? ? 2.254 ? ? 
metalc2 metalc ? ? A ASP 30  OD1 ? ? ? 1_555 B CA . CA ? ? A ASP 28  A CA 1141 1_555 ? ? ? ? ? ? ? 2.528 ? ? 
metalc3 metalc ? ? A ASP 32  O   ? ? ? 1_555 B CA . CA ? ? A ASP 30  A CA 1141 1_555 ? ? ? ? ? ? ? 2.318 ? ? 
metalc4 metalc ? ? A THR 35  O   ? ? ? 1_555 B CA . CA ? ? A THR 33  A CA 1141 1_555 ? ? ? ? ? ? ? 2.517 ? ? 
metalc5 metalc ? ? A THR 35  OG1 ? ? ? 1_555 B CA . CA ? ? A THR 33  A CA 1141 1_555 ? ? ? ? ? ? ? 2.518 ? ? 
metalc6 metalc ? ? A ALA 132 O   ? ? ? 1_555 B CA . CA ? ? A ALA 130 A CA 1141 1_555 ? ? ? ? ? ? ? 2.397 ? ? 
metalc7 metalc ? ? A GLU 133 OE1 ? ? ? 1_555 B CA . CA ? ? A GLU 131 A CA 1141 1_555 ? ? ? ? ? ? ? 2.348 ? ? 
# 
_struct_conn_type.id          metalc 
_struct_conn_type.criteria    ? 
_struct_conn_type.reference   ? 
# 
loop_
_pdbx_struct_conn_angle.id 
_pdbx_struct_conn_angle.ptnr1_label_atom_id 
_pdbx_struct_conn_angle.ptnr1_label_alt_id 
_pdbx_struct_conn_angle.ptnr1_label_asym_id 
_pdbx_struct_conn_angle.ptnr1_label_comp_id 
_pdbx_struct_conn_angle.ptnr1_label_seq_id 
_pdbx_struct_conn_angle.ptnr1_auth_atom_id 
_pdbx_struct_conn_angle.ptnr1_auth_asym_id 
_pdbx_struct_conn_angle.ptnr1_auth_comp_id 
_pdbx_struct_conn_angle.ptnr1_auth_seq_id 
_pdbx_struct_conn_angle.ptnr1_PDB_ins_code 
_pdbx_struct_conn_angle.ptnr1_symmetry 
_pdbx_struct_conn_angle.ptnr2_label_atom_id 
_pdbx_struct_conn_angle.ptnr2_label_alt_id 
_pdbx_struct_conn_angle.ptnr2_label_asym_id 
_pdbx_struct_conn_angle.ptnr2_label_comp_id 
_pdbx_struct_conn_angle.ptnr2_label_seq_id 
_pdbx_struct_conn_angle.ptnr2_auth_atom_id 
_pdbx_struct_conn_angle.ptnr2_auth_asym_id 
_pdbx_struct_conn_angle.ptnr2_auth_comp_id 
_pdbx_struct_conn_angle.ptnr2_auth_seq_id 
_pdbx_struct_conn_angle.ptnr2_PDB_ins_code 
_pdbx_struct_conn_angle.ptnr2_symmetry 
_pdbx_struct_conn_angle.ptnr3_label_atom_id 
_pdbx_struct_conn_angle.ptnr3_label_alt_id 
_pdbx_struct_conn_angle.ptnr3_label_asym_id 
_pdbx_struct_conn_angle.ptnr3_label_comp_id 
_pdbx_struct_conn_angle.ptnr3_label_seq_id 
_pdbx_struct_conn_angle.ptnr3_auth_atom_id 
_pdbx_struct_conn_angle.ptnr3_auth_asym_id 
_pdbx_struct_conn_angle.ptnr3_auth_comp_id 
_pdbx_struct_conn_angle.ptnr3_auth_seq_id 
_pdbx_struct_conn_angle.ptnr3_PDB_ins_code 
_pdbx_struct_conn_angle.ptnr3_symmetry 
_pdbx_struct_conn_angle.value 
_pdbx_struct_conn_angle.value_esd 
1  O   ? A LYS 27  ? A LYS 25  ? 1_555 CA ? B CA . ? A CA 1141 ? 1_555 OD1 ? A ASP 30  ? A ASP 28  ? 1_555 77.0  ? 
2  O   ? A LYS 27  ? A LYS 25  ? 1_555 CA ? B CA . ? A CA 1141 ? 1_555 O   ? A ASP 32  ? A ASP 30  ? 1_555 164.9 ? 
3  OD1 ? A ASP 30  ? A ASP 28  ? 1_555 CA ? B CA . ? A CA 1141 ? 1_555 O   ? A ASP 32  ? A ASP 30  ? 1_555 91.0  ? 
4  O   ? A LYS 27  ? A LYS 25  ? 1_555 CA ? B CA . ? A CA 1141 ? 1_555 O   ? A THR 35  ? A THR 33  ? 1_555 95.9  ? 
5  OD1 ? A ASP 30  ? A ASP 28  ? 1_555 CA ? B CA . ? A CA 1141 ? 1_555 O   ? A THR 35  ? A THR 33  ? 1_555 140.5 ? 
6  O   ? A ASP 32  ? A ASP 30  ? 1_555 CA ? B CA . ? A CA 1141 ? 1_555 O   ? A THR 35  ? A THR 33  ? 1_555 87.6  ? 
7  O   ? A LYS 27  ? A LYS 25  ? 1_555 CA ? B CA . ? A CA 1141 ? 1_555 OG1 ? A THR 35  ? A THR 33  ? 1_555 87.3  ? 
8  OD1 ? A ASP 30  ? A ASP 28  ? 1_555 CA ? B CA . ? A CA 1141 ? 1_555 OG1 ? A THR 35  ? A THR 33  ? 1_555 70.2  ? 
9  O   ? A ASP 32  ? A ASP 30  ? 1_555 CA ? B CA . ? A CA 1141 ? 1_555 OG1 ? A THR 35  ? A THR 33  ? 1_555 80.0  ? 
10 O   ? A THR 35  ? A THR 33  ? 1_555 CA ? B CA . ? A CA 1141 ? 1_555 OG1 ? A THR 35  ? A THR 33  ? 1_555 70.6  ? 
11 O   ? A LYS 27  ? A LYS 25  ? 1_555 CA ? B CA . ? A CA 1141 ? 1_555 O   ? A ALA 132 ? A ALA 130 ? 1_555 85.3  ? 
12 OD1 ? A ASP 30  ? A ASP 28  ? 1_555 CA ? B CA . ? A CA 1141 ? 1_555 O   ? A ALA 132 ? A ALA 130 ? 1_555 144.4 ? 
13 O   ? A ASP 32  ? A ASP 30  ? 1_555 CA ? B CA . ? A CA 1141 ? 1_555 O   ? A ALA 132 ? A ALA 130 ? 1_555 109.7 ? 
14 O   ? A THR 35  ? A THR 33  ? 1_555 CA ? B CA . ? A CA 1141 ? 1_555 O   ? A ALA 132 ? A ALA 130 ? 1_555 71.2  ? 
15 OG1 ? A THR 35  ? A THR 33  ? 1_555 CA ? B CA . ? A CA 1141 ? 1_555 O   ? A ALA 132 ? A ALA 130 ? 1_555 140.1 ? 
16 O   ? A LYS 27  ? A LYS 25  ? 1_555 CA ? B CA . ? A CA 1141 ? 1_555 OE1 ? A GLU 133 ? A GLU 131 ? 1_555 102.7 ? 
17 OD1 ? A ASP 30  ? A ASP 28  ? 1_555 CA ? B CA . ? A CA 1141 ? 1_555 OE1 ? A GLU 133 ? A GLU 131 ? 1_555 77.8  ? 
18 O   ? A ASP 32  ? A ASP 30  ? 1_555 CA ? B CA . ? A CA 1141 ? 1_555 OE1 ? A GLU 133 ? A GLU 131 ? 1_555 83.3  ? 
19 O   ? A THR 35  ? A THR 33  ? 1_555 CA ? B CA . ? A CA 1141 ? 1_555 OE1 ? A GLU 133 ? A GLU 131 ? 1_555 140.9 ? 
20 OG1 ? A THR 35  ? A THR 33  ? 1_555 CA ? B CA . ? A CA 1141 ? 1_555 OE1 ? A GLU 133 ? A GLU 131 ? 1_555 143.4 ? 
21 O   ? A ALA 132 ? A ALA 130 ? 1_555 CA ? B CA . ? A CA 1141 ? 1_555 OE1 ? A GLU 133 ? A GLU 131 ? 1_555 76.3  ? 
# 
loop_
_struct_sheet.id 
_struct_sheet.type 
_struct_sheet.number_strands 
_struct_sheet.details 
AA ? 5 ? 
AB ? 2 ? 
AC ? 2 ? 
AD ? 2 ? 
# 
loop_
_struct_sheet_order.sheet_id 
_struct_sheet_order.range_id_1 
_struct_sheet_order.range_id_2 
_struct_sheet_order.offset 
_struct_sheet_order.sense 
AA 1 2 ? anti-parallel 
AA 2 3 ? anti-parallel 
AA 3 4 ? anti-parallel 
AA 4 5 ? anti-parallel 
AB 1 2 ? anti-parallel 
AC 1 2 ? anti-parallel 
AD 1 2 ? anti-parallel 
# 
loop_
_struct_sheet_range.sheet_id 
_struct_sheet_range.id 
_struct_sheet_range.beg_label_comp_id 
_struct_sheet_range.beg_label_asym_id 
_struct_sheet_range.beg_label_seq_id 
_struct_sheet_range.pdbx_beg_PDB_ins_code 
_struct_sheet_range.end_label_comp_id 
_struct_sheet_range.end_label_asym_id 
_struct_sheet_range.end_label_seq_id 
_struct_sheet_range.pdbx_end_PDB_ins_code 
_struct_sheet_range.beg_auth_comp_id 
_struct_sheet_range.beg_auth_asym_id 
_struct_sheet_range.beg_auth_seq_id 
_struct_sheet_range.end_auth_comp_id 
_struct_sheet_range.end_auth_asym_id 
_struct_sheet_range.end_auth_seq_id 
AA 1 THR A 10  ? GLY A 13  ? THR A 8   GLY A 11  
AA 2 TRP A 46  ? ASP A 50  ? TRP A 44  ASP A 48  
AA 3 TYR A 118 ? LEU A 122 ? TYR A 116 LEU A 120 
AA 4 ILE A 78  ? ALA A 82  ? ILE A 76  ALA A 80  
AA 5 VAL A 91  ? THR A 95  ? VAL A 89  THR A 93  
AB 1 THR A 106 ? ASP A 109 ? THR A 104 ASP A 107 
AB 2 ASN A 57  ? CYS A 65  ? ASN A 55  CYS A 63  
AC 1 GLY A 115 ? PHE A 116 ? GLY A 113 PHE A 114 
AC 2 ASN A 57  ? CYS A 65  ? ASN A 55  CYS A 63  
AD 1 GLU A 133 ? PRO A 140 ? GLU A 131 PRO A 138 
AD 2 ASN A 57  ? CYS A 65  ? ASN A 55  CYS A 63  
# 
loop_
_pdbx_struct_sheet_hbond.sheet_id 
_pdbx_struct_sheet_hbond.range_id_1 
_pdbx_struct_sheet_hbond.range_id_2 
_pdbx_struct_sheet_hbond.range_1_label_atom_id 
_pdbx_struct_sheet_hbond.range_1_label_comp_id 
_pdbx_struct_sheet_hbond.range_1_label_asym_id 
_pdbx_struct_sheet_hbond.range_1_label_seq_id 
_pdbx_struct_sheet_hbond.range_1_PDB_ins_code 
_pdbx_struct_sheet_hbond.range_1_auth_atom_id 
_pdbx_struct_sheet_hbond.range_1_auth_comp_id 
_pdbx_struct_sheet_hbond.range_1_auth_asym_id 
_pdbx_struct_sheet_hbond.range_1_auth_seq_id 
_pdbx_struct_sheet_hbond.range_2_label_atom_id 
_pdbx_struct_sheet_hbond.range_2_label_comp_id 
_pdbx_struct_sheet_hbond.range_2_label_asym_id 
_pdbx_struct_sheet_hbond.range_2_label_seq_id 
_pdbx_struct_sheet_hbond.range_2_PDB_ins_code 
_pdbx_struct_sheet_hbond.range_2_auth_atom_id 
_pdbx_struct_sheet_hbond.range_2_auth_comp_id 
_pdbx_struct_sheet_hbond.range_2_auth_asym_id 
_pdbx_struct_sheet_hbond.range_2_auth_seq_id 
AA 1 2 N ILE A 12  ? N ILE A 10  O GLY A 48  ? O GLY A 46  
AA 2 3 N LEU A 49  ? N LEU A 47  O VAL A 119 ? O VAL A 117 
AA 3 4 N LEU A 122 ? N LEU A 120 O ILE A 78  ? O ILE A 76  
AA 4 5 N GLY A 81  ? N GLY A 79  O VAL A 91  ? O VAL A 89  
AB 1 2 N VAL A 108 ? N VAL A 106 O ILE A 62  ? O ILE A 60  
AC 1 2 N PHE A 116 ? N PHE A 114 O ASN A 57  ? O ASN A 55  
AD 1 2 N THR A 139 ? N THR A 137 O VAL A 58  ? O VAL A 56  
# 
loop_
_struct_site.id 
_struct_site.pdbx_evidence_code 
_struct_site.pdbx_auth_asym_id 
_struct_site.pdbx_auth_comp_id 
_struct_site.pdbx_auth_seq_id 
_struct_site.pdbx_auth_ins_code 
_struct_site.pdbx_num_residues 
_struct_site.details 
AC1 Software A CA  1141 ? 6 'BINDING SITE FOR RESIDUE CA A 1141'  
AC2 Software A GOL 1142 ? 6 'BINDING SITE FOR RESIDUE GOL A 1142' 
AC3 Software A GOL 1143 ? 8 'BINDING SITE FOR RESIDUE GOL A 1143' 
# 
loop_
_struct_site_gen.id 
_struct_site_gen.site_id 
_struct_site_gen.pdbx_num_res 
_struct_site_gen.label_comp_id 
_struct_site_gen.label_asym_id 
_struct_site_gen.label_seq_id 
_struct_site_gen.pdbx_auth_ins_code 
_struct_site_gen.auth_comp_id 
_struct_site_gen.auth_asym_id 
_struct_site_gen.auth_seq_id 
_struct_site_gen.label_atom_id 
_struct_site_gen.label_alt_id 
_struct_site_gen.symmetry 
_struct_site_gen.details 
1  AC1 6 LYS A 27  ? LYS A 25   . ? 1_555 ? 
2  AC1 6 ASP A 30  ? ASP A 28   . ? 1_555 ? 
3  AC1 6 ASP A 32  ? ASP A 30   . ? 1_555 ? 
4  AC1 6 THR A 35  ? THR A 33   . ? 1_555 ? 
5  AC1 6 ALA A 132 ? ALA A 130  . ? 1_555 ? 
6  AC1 6 GLU A 133 ? GLU A 131  . ? 1_555 ? 
7  AC2 6 TRP A 18  ? TRP A 16   . ? 1_555 ? 
8  AC2 6 ASP A 38  ? ASP A 36   . ? 1_555 ? 
9  AC2 6 ARG A 67  ? ARG A 65   . ? 1_555 ? 
10 AC2 6 ARG A 73  ? ARG A 71   . ? 1_555 ? 
11 AC2 6 ASN A 128 ? ASN A 126  . ? 1_555 ? 
12 AC2 6 HOH E .   ? HOH A 2227 . ? 1_555 ? 
13 AC3 8 LEU A 7   ? LEU A 5    . ? 1_555 ? 
14 AC3 8 THR A 8   ? THR A 6    . ? 1_555 ? 
15 AC3 8 GLY A 9   ? GLY A 7    . ? 1_555 ? 
16 AC3 8 VAL A 11  ? VAL A 9    . ? 1_555 ? 
17 AC3 8 PHE A 29  ? PHE A 27   . ? 1_555 ? 
18 AC3 8 LEU A 49  ? LEU A 47   . ? 1_555 ? 
19 AC3 8 HOH E .   ? HOH A 2006 . ? 1_555 ? 
20 AC3 8 HOH E .   ? HOH A 2228 . ? 1_555 ? 
# 
loop_
_pdbx_validate_close_contact.id 
_pdbx_validate_close_contact.PDB_model_num 
_pdbx_validate_close_contact.auth_atom_id_1 
_pdbx_validate_close_contact.auth_asym_id_1 
_pdbx_validate_close_contact.auth_comp_id_1 
_pdbx_validate_close_contact.auth_seq_id_1 
_pdbx_validate_close_contact.PDB_ins_code_1 
_pdbx_validate_close_contact.label_alt_id_1 
_pdbx_validate_close_contact.auth_atom_id_2 
_pdbx_validate_close_contact.auth_asym_id_2 
_pdbx_validate_close_contact.auth_comp_id_2 
_pdbx_validate_close_contact.auth_seq_id_2 
_pdbx_validate_close_contact.PDB_ins_code_2 
_pdbx_validate_close_contact.label_alt_id_2 
_pdbx_validate_close_contact.dist 
1 1 OE1 A GLN 70   ? A O A HOH 2143 ? ? 1.89 
2 1 O   A HOH 2070 ? ? O A HOH 2072 ? ? 2.02 
3 1 CZ3 A TRP 16   ? B O A HOH 2221 ? ? 2.04 
# 
_pdbx_validate_torsion.id              1 
_pdbx_validate_torsion.PDB_model_num   1 
_pdbx_validate_torsion.auth_comp_id    PHE 
_pdbx_validate_torsion.auth_asym_id    A 
_pdbx_validate_torsion.auth_seq_id     85 
_pdbx_validate_torsion.PDB_ins_code    ? 
_pdbx_validate_torsion.label_alt_id    ? 
_pdbx_validate_torsion.phi             59.27 
_pdbx_validate_torsion.psi             18.30 
# 
loop_
_pdbx_struct_special_symmetry.id 
_pdbx_struct_special_symmetry.PDB_model_num 
_pdbx_struct_special_symmetry.auth_asym_id 
_pdbx_struct_special_symmetry.auth_comp_id 
_pdbx_struct_special_symmetry.auth_seq_id 
_pdbx_struct_special_symmetry.PDB_ins_code 
_pdbx_struct_special_symmetry.label_asym_id 
_pdbx_struct_special_symmetry.label_comp_id 
_pdbx_struct_special_symmetry.label_seq_id 
1 1 A HOH 2067 ? E HOH . 
2 1 A HOH 2084 ? E HOH . 
# 
loop_
_pdbx_distant_solvent_atoms.id 
_pdbx_distant_solvent_atoms.PDB_model_num 
_pdbx_distant_solvent_atoms.auth_atom_id 
_pdbx_distant_solvent_atoms.label_alt_id 
_pdbx_distant_solvent_atoms.auth_asym_id 
_pdbx_distant_solvent_atoms.auth_comp_id 
_pdbx_distant_solvent_atoms.auth_seq_id 
_pdbx_distant_solvent_atoms.PDB_ins_code 
_pdbx_distant_solvent_atoms.neighbor_macromolecule_distance 
_pdbx_distant_solvent_atoms.neighbor_ligand_distance 
1 1 O ? A HOH 2010 ? 5.99 . 
2 1 O ? A HOH 2011 ? 6.76 . 
# 
loop_
_pdbx_unobs_or_zero_occ_residues.id 
_pdbx_unobs_or_zero_occ_residues.PDB_model_num 
_pdbx_unobs_or_zero_occ_residues.polymer_flag 
_pdbx_unobs_or_zero_occ_residues.occupancy_flag 
_pdbx_unobs_or_zero_occ_residues.auth_asym_id 
_pdbx_unobs_or_zero_occ_residues.auth_comp_id 
_pdbx_unobs_or_zero_occ_residues.auth_seq_id 
_pdbx_unobs_or_zero_occ_residues.PDB_ins_code 
_pdbx_unobs_or_zero_occ_residues.label_asym_id 
_pdbx_unobs_or_zero_occ_residues.label_comp_id 
_pdbx_unobs_or_zero_occ_residues.label_seq_id 
1  1 Y 1 A MET -1  ? A MET 1   
2  1 Y 1 A ALA 0   ? A ALA 2   
3  1 Y 1 A GLU 141 ? A GLU 143 
4  1 Y 1 A GLU 142 ? A GLU 144 
5  1 Y 1 A ASN 143 ? A ASN 145 
6  1 Y 1 A ASP 144 ? A ASP 146 
7  1 Y 1 A ASP 145 ? A ASP 147 
8  1 Y 1 A LEU 146 ? A LEU 148 
9  1 Y 1 A GLU 147 ? A GLU 149 
10 1 Y 1 A HIS 148 ? A HIS 150 
11 1 Y 1 A HIS 149 ? A HIS 151 
12 1 Y 1 A HIS 150 ? A HIS 152 
13 1 Y 1 A HIS 151 ? A HIS 153 
14 1 Y 1 A HIS 152 ? A HIS 154 
15 1 Y 1 A HIS 153 ? A HIS 155 
# 
loop_
_chem_comp_atom.comp_id 
_chem_comp_atom.atom_id 
_chem_comp_atom.type_symbol 
_chem_comp_atom.pdbx_aromatic_flag 
_chem_comp_atom.pdbx_stereo_config 
_chem_comp_atom.pdbx_ordinal 
ALA N    N  N N 1   
ALA CA   C  N S 2   
ALA C    C  N N 3   
ALA O    O  N N 4   
ALA CB   C  N N 5   
ALA OXT  O  N N 6   
ALA H    H  N N 7   
ALA H2   H  N N 8   
ALA HA   H  N N 9   
ALA HB1  H  N N 10  
ALA HB2  H  N N 11  
ALA HB3  H  N N 12  
ALA HXT  H  N N 13  
ARG N    N  N N 14  
ARG CA   C  N S 15  
ARG C    C  N N 16  
ARG O    O  N N 17  
ARG CB   C  N N 18  
ARG CG   C  N N 19  
ARG CD   C  N N 20  
ARG NE   N  N N 21  
ARG CZ   C  N N 22  
ARG NH1  N  N N 23  
ARG NH2  N  N N 24  
ARG OXT  O  N N 25  
ARG H    H  N N 26  
ARG H2   H  N N 27  
ARG HA   H  N N 28  
ARG HB2  H  N N 29  
ARG HB3  H  N N 30  
ARG HG2  H  N N 31  
ARG HG3  H  N N 32  
ARG HD2  H  N N 33  
ARG HD3  H  N N 34  
ARG HE   H  N N 35  
ARG HH11 H  N N 36  
ARG HH12 H  N N 37  
ARG HH21 H  N N 38  
ARG HH22 H  N N 39  
ARG HXT  H  N N 40  
ASN N    N  N N 41  
ASN CA   C  N S 42  
ASN C    C  N N 43  
ASN O    O  N N 44  
ASN CB   C  N N 45  
ASN CG   C  N N 46  
ASN OD1  O  N N 47  
ASN ND2  N  N N 48  
ASN OXT  O  N N 49  
ASN H    H  N N 50  
ASN H2   H  N N 51  
ASN HA   H  N N 52  
ASN HB2  H  N N 53  
ASN HB3  H  N N 54  
ASN HD21 H  N N 55  
ASN HD22 H  N N 56  
ASN HXT  H  N N 57  
ASP N    N  N N 58  
ASP CA   C  N S 59  
ASP C    C  N N 60  
ASP O    O  N N 61  
ASP CB   C  N N 62  
ASP CG   C  N N 63  
ASP OD1  O  N N 64  
ASP OD2  O  N N 65  
ASP OXT  O  N N 66  
ASP H    H  N N 67  
ASP H2   H  N N 68  
ASP HA   H  N N 69  
ASP HB2  H  N N 70  
ASP HB3  H  N N 71  
ASP HD2  H  N N 72  
ASP HXT  H  N N 73  
CA  CA   CA N N 74  
CYS N    N  N N 75  
CYS CA   C  N R 76  
CYS C    C  N N 77  
CYS O    O  N N 78  
CYS CB   C  N N 79  
CYS SG   S  N N 80  
CYS OXT  O  N N 81  
CYS H    H  N N 82  
CYS H2   H  N N 83  
CYS HA   H  N N 84  
CYS HB2  H  N N 85  
CYS HB3  H  N N 86  
CYS HG   H  N N 87  
CYS HXT  H  N N 88  
GLN N    N  N N 89  
GLN CA   C  N S 90  
GLN C    C  N N 91  
GLN O    O  N N 92  
GLN CB   C  N N 93  
GLN CG   C  N N 94  
GLN CD   C  N N 95  
GLN OE1  O  N N 96  
GLN NE2  N  N N 97  
GLN OXT  O  N N 98  
GLN H    H  N N 99  
GLN H2   H  N N 100 
GLN HA   H  N N 101 
GLN HB2  H  N N 102 
GLN HB3  H  N N 103 
GLN HG2  H  N N 104 
GLN HG3  H  N N 105 
GLN HE21 H  N N 106 
GLN HE22 H  N N 107 
GLN HXT  H  N N 108 
GLU N    N  N N 109 
GLU CA   C  N S 110 
GLU C    C  N N 111 
GLU O    O  N N 112 
GLU CB   C  N N 113 
GLU CG   C  N N 114 
GLU CD   C  N N 115 
GLU OE1  O  N N 116 
GLU OE2  O  N N 117 
GLU OXT  O  N N 118 
GLU H    H  N N 119 
GLU H2   H  N N 120 
GLU HA   H  N N 121 
GLU HB2  H  N N 122 
GLU HB3  H  N N 123 
GLU HG2  H  N N 124 
GLU HG3  H  N N 125 
GLU HE2  H  N N 126 
GLU HXT  H  N N 127 
GLY N    N  N N 128 
GLY CA   C  N N 129 
GLY C    C  N N 130 
GLY O    O  N N 131 
GLY OXT  O  N N 132 
GLY H    H  N N 133 
GLY H2   H  N N 134 
GLY HA2  H  N N 135 
GLY HA3  H  N N 136 
GLY HXT  H  N N 137 
GOL C1   C  N N 138 
GOL O1   O  N N 139 
GOL C2   C  N N 140 
GOL O2   O  N N 141 
GOL C3   C  N N 142 
GOL O3   O  N N 143 
GOL H11  H  N N 144 
GOL H12  H  N N 145 
GOL HO1  H  N N 146 
GOL H2   H  N N 147 
GOL HO2  H  N N 148 
GOL H31  H  N N 149 
GOL H32  H  N N 150 
GOL HO3  H  N N 151 
HIS N    N  N N 152 
HIS CA   C  N S 153 
HIS C    C  N N 154 
HIS O    O  N N 155 
HIS CB   C  N N 156 
HIS CG   C  Y N 157 
HIS ND1  N  Y N 158 
HIS CD2  C  Y N 159 
HIS CE1  C  Y N 160 
HIS NE2  N  Y N 161 
HIS OXT  O  N N 162 
HIS H    H  N N 163 
HIS H2   H  N N 164 
HIS HA   H  N N 165 
HIS HB2  H  N N 166 
HIS HB3  H  N N 167 
HIS HD1  H  N N 168 
HIS HD2  H  N N 169 
HIS HE1  H  N N 170 
HIS HE2  H  N N 171 
HIS HXT  H  N N 172 
HOH O    O  N N 173 
HOH H1   H  N N 174 
HOH H2   H  N N 175 
ILE N    N  N N 176 
ILE CA   C  N S 177 
ILE C    C  N N 178 
ILE O    O  N N 179 
ILE CB   C  N S 180 
ILE CG1  C  N N 181 
ILE CG2  C  N N 182 
ILE CD1  C  N N 183 
ILE OXT  O  N N 184 
ILE H    H  N N 185 
ILE H2   H  N N 186 
ILE HA   H  N N 187 
ILE HB   H  N N 188 
ILE HG12 H  N N 189 
ILE HG13 H  N N 190 
ILE HG21 H  N N 191 
ILE HG22 H  N N 192 
ILE HG23 H  N N 193 
ILE HD11 H  N N 194 
ILE HD12 H  N N 195 
ILE HD13 H  N N 196 
ILE HXT  H  N N 197 
LEU N    N  N N 198 
LEU CA   C  N S 199 
LEU C    C  N N 200 
LEU O    O  N N 201 
LEU CB   C  N N 202 
LEU CG   C  N N 203 
LEU CD1  C  N N 204 
LEU CD2  C  N N 205 
LEU OXT  O  N N 206 
LEU H    H  N N 207 
LEU H2   H  N N 208 
LEU HA   H  N N 209 
LEU HB2  H  N N 210 
LEU HB3  H  N N 211 
LEU HG   H  N N 212 
LEU HD11 H  N N 213 
LEU HD12 H  N N 214 
LEU HD13 H  N N 215 
LEU HD21 H  N N 216 
LEU HD22 H  N N 217 
LEU HD23 H  N N 218 
LEU HXT  H  N N 219 
LYS N    N  N N 220 
LYS CA   C  N S 221 
LYS C    C  N N 222 
LYS O    O  N N 223 
LYS CB   C  N N 224 
LYS CG   C  N N 225 
LYS CD   C  N N 226 
LYS CE   C  N N 227 
LYS NZ   N  N N 228 
LYS OXT  O  N N 229 
LYS H    H  N N 230 
LYS H2   H  N N 231 
LYS HA   H  N N 232 
LYS HB2  H  N N 233 
LYS HB3  H  N N 234 
LYS HG2  H  N N 235 
LYS HG3  H  N N 236 
LYS HD2  H  N N 237 
LYS HD3  H  N N 238 
LYS HE2  H  N N 239 
LYS HE3  H  N N 240 
LYS HZ1  H  N N 241 
LYS HZ2  H  N N 242 
LYS HZ3  H  N N 243 
LYS HXT  H  N N 244 
MET N    N  N N 245 
MET CA   C  N S 246 
MET C    C  N N 247 
MET O    O  N N 248 
MET CB   C  N N 249 
MET CG   C  N N 250 
MET SD   S  N N 251 
MET CE   C  N N 252 
MET OXT  O  N N 253 
MET H    H  N N 254 
MET H2   H  N N 255 
MET HA   H  N N 256 
MET HB2  H  N N 257 
MET HB3  H  N N 258 
MET HG2  H  N N 259 
MET HG3  H  N N 260 
MET HE1  H  N N 261 
MET HE2  H  N N 262 
MET HE3  H  N N 263 
MET HXT  H  N N 264 
PHE N    N  N N 265 
PHE CA   C  N S 266 
PHE C    C  N N 267 
PHE O    O  N N 268 
PHE CB   C  N N 269 
PHE CG   C  Y N 270 
PHE CD1  C  Y N 271 
PHE CD2  C  Y N 272 
PHE CE1  C  Y N 273 
PHE CE2  C  Y N 274 
PHE CZ   C  Y N 275 
PHE OXT  O  N N 276 
PHE H    H  N N 277 
PHE H2   H  N N 278 
PHE HA   H  N N 279 
PHE HB2  H  N N 280 
PHE HB3  H  N N 281 
PHE HD1  H  N N 282 
PHE HD2  H  N N 283 
PHE HE1  H  N N 284 
PHE HE2  H  N N 285 
PHE HZ   H  N N 286 
PHE HXT  H  N N 287 
PRO N    N  N N 288 
PRO CA   C  N S 289 
PRO C    C  N N 290 
PRO O    O  N N 291 
PRO CB   C  N N 292 
PRO CG   C  N N 293 
PRO CD   C  N N 294 
PRO OXT  O  N N 295 
PRO H    H  N N 296 
PRO HA   H  N N 297 
PRO HB2  H  N N 298 
PRO HB3  H  N N 299 
PRO HG2  H  N N 300 
PRO HG3  H  N N 301 
PRO HD2  H  N N 302 
PRO HD3  H  N N 303 
PRO HXT  H  N N 304 
SER N    N  N N 305 
SER CA   C  N S 306 
SER C    C  N N 307 
SER O    O  N N 308 
SER CB   C  N N 309 
SER OG   O  N N 310 
SER OXT  O  N N 311 
SER H    H  N N 312 
SER H2   H  N N 313 
SER HA   H  N N 314 
SER HB2  H  N N 315 
SER HB3  H  N N 316 
SER HG   H  N N 317 
SER HXT  H  N N 318 
THR N    N  N N 319 
THR CA   C  N S 320 
THR C    C  N N 321 
THR O    O  N N 322 
THR CB   C  N R 323 
THR OG1  O  N N 324 
THR CG2  C  N N 325 
THR OXT  O  N N 326 
THR H    H  N N 327 
THR H2   H  N N 328 
THR HA   H  N N 329 
THR HB   H  N N 330 
THR HG1  H  N N 331 
THR HG21 H  N N 332 
THR HG22 H  N N 333 
THR HG23 H  N N 334 
THR HXT  H  N N 335 
TRP N    N  N N 336 
TRP CA   C  N S 337 
TRP C    C  N N 338 
TRP O    O  N N 339 
TRP CB   C  N N 340 
TRP CG   C  Y N 341 
TRP CD1  C  Y N 342 
TRP CD2  C  Y N 343 
TRP NE1  N  Y N 344 
TRP CE2  C  Y N 345 
TRP CE3  C  Y N 346 
TRP CZ2  C  Y N 347 
TRP CZ3  C  Y N 348 
TRP CH2  C  Y N 349 
TRP OXT  O  N N 350 
TRP H    H  N N 351 
TRP H2   H  N N 352 
TRP HA   H  N N 353 
TRP HB2  H  N N 354 
TRP HB3  H  N N 355 
TRP HD1  H  N N 356 
TRP HE1  H  N N 357 
TRP HE3  H  N N 358 
TRP HZ2  H  N N 359 
TRP HZ3  H  N N 360 
TRP HH2  H  N N 361 
TRP HXT  H  N N 362 
TYR N    N  N N 363 
TYR CA   C  N S 364 
TYR C    C  N N 365 
TYR O    O  N N 366 
TYR CB   C  N N 367 
TYR CG   C  Y N 368 
TYR CD1  C  Y N 369 
TYR CD2  C  Y N 370 
TYR CE1  C  Y N 371 
TYR CE2  C  Y N 372 
TYR CZ   C  Y N 373 
TYR OH   O  N N 374 
TYR OXT  O  N N 375 
TYR H    H  N N 376 
TYR H2   H  N N 377 
TYR HA   H  N N 378 
TYR HB2  H  N N 379 
TYR HB3  H  N N 380 
TYR HD1  H  N N 381 
TYR HD2  H  N N 382 
TYR HE1  H  N N 383 
TYR HE2  H  N N 384 
TYR HH   H  N N 385 
TYR HXT  H  N N 386 
VAL N    N  N N 387 
VAL CA   C  N S 388 
VAL C    C  N N 389 
VAL O    O  N N 390 
VAL CB   C  N N 391 
VAL CG1  C  N N 392 
VAL CG2  C  N N 393 
VAL OXT  O  N N 394 
VAL H    H  N N 395 
VAL H2   H  N N 396 
VAL HA   H  N N 397 
VAL HB   H  N N 398 
VAL HG11 H  N N 399 
VAL HG12 H  N N 400 
VAL HG13 H  N N 401 
VAL HG21 H  N N 402 
VAL HG22 H  N N 403 
VAL HG23 H  N N 404 
VAL HXT  H  N N 405 
# 
loop_
_chem_comp_bond.comp_id 
_chem_comp_bond.atom_id_1 
_chem_comp_bond.atom_id_2 
_chem_comp_bond.value_order 
_chem_comp_bond.pdbx_aromatic_flag 
_chem_comp_bond.pdbx_stereo_config 
_chem_comp_bond.pdbx_ordinal 
ALA N   CA   sing N N 1   
ALA N   H    sing N N 2   
ALA N   H2   sing N N 3   
ALA CA  C    sing N N 4   
ALA CA  CB   sing N N 5   
ALA CA  HA   sing N N 6   
ALA C   O    doub N N 7   
ALA C   OXT  sing N N 8   
ALA CB  HB1  sing N N 9   
ALA CB  HB2  sing N N 10  
ALA CB  HB3  sing N N 11  
ALA OXT HXT  sing N N 12  
ARG N   CA   sing N N 13  
ARG N   H    sing N N 14  
ARG N   H2   sing N N 15  
ARG CA  C    sing N N 16  
ARG CA  CB   sing N N 17  
ARG CA  HA   sing N N 18  
ARG C   O    doub N N 19  
ARG C   OXT  sing N N 20  
ARG CB  CG   sing N N 21  
ARG CB  HB2  sing N N 22  
ARG CB  HB3  sing N N 23  
ARG CG  CD   sing N N 24  
ARG CG  HG2  sing N N 25  
ARG CG  HG3  sing N N 26  
ARG CD  NE   sing N N 27  
ARG CD  HD2  sing N N 28  
ARG CD  HD3  sing N N 29  
ARG NE  CZ   sing N N 30  
ARG NE  HE   sing N N 31  
ARG CZ  NH1  sing N N 32  
ARG CZ  NH2  doub N N 33  
ARG NH1 HH11 sing N N 34  
ARG NH1 HH12 sing N N 35  
ARG NH2 HH21 sing N N 36  
ARG NH2 HH22 sing N N 37  
ARG OXT HXT  sing N N 38  
ASN N   CA   sing N N 39  
ASN N   H    sing N N 40  
ASN N   H2   sing N N 41  
ASN CA  C    sing N N 42  
ASN CA  CB   sing N N 43  
ASN CA  HA   sing N N 44  
ASN C   O    doub N N 45  
ASN C   OXT  sing N N 46  
ASN CB  CG   sing N N 47  
ASN CB  HB2  sing N N 48  
ASN CB  HB3  sing N N 49  
ASN CG  OD1  doub N N 50  
ASN CG  ND2  sing N N 51  
ASN ND2 HD21 sing N N 52  
ASN ND2 HD22 sing N N 53  
ASN OXT HXT  sing N N 54  
ASP N   CA   sing N N 55  
ASP N   H    sing N N 56  
ASP N   H2   sing N N 57  
ASP CA  C    sing N N 58  
ASP CA  CB   sing N N 59  
ASP CA  HA   sing N N 60  
ASP C   O    doub N N 61  
ASP C   OXT  sing N N 62  
ASP CB  CG   sing N N 63  
ASP CB  HB2  sing N N 64  
ASP CB  HB3  sing N N 65  
ASP CG  OD1  doub N N 66  
ASP CG  OD2  sing N N 67  
ASP OD2 HD2  sing N N 68  
ASP OXT HXT  sing N N 69  
CYS N   CA   sing N N 70  
CYS N   H    sing N N 71  
CYS N   H2   sing N N 72  
CYS CA  C    sing N N 73  
CYS CA  CB   sing N N 74  
CYS CA  HA   sing N N 75  
CYS C   O    doub N N 76  
CYS C   OXT  sing N N 77  
CYS CB  SG   sing N N 78  
CYS CB  HB2  sing N N 79  
CYS CB  HB3  sing N N 80  
CYS SG  HG   sing N N 81  
CYS OXT HXT  sing N N 82  
GLN N   CA   sing N N 83  
GLN N   H    sing N N 84  
GLN N   H2   sing N N 85  
GLN CA  C    sing N N 86  
GLN CA  CB   sing N N 87  
GLN CA  HA   sing N N 88  
GLN C   O    doub N N 89  
GLN C   OXT  sing N N 90  
GLN CB  CG   sing N N 91  
GLN CB  HB2  sing N N 92  
GLN CB  HB3  sing N N 93  
GLN CG  CD   sing N N 94  
GLN CG  HG2  sing N N 95  
GLN CG  HG3  sing N N 96  
GLN CD  OE1  doub N N 97  
GLN CD  NE2  sing N N 98  
GLN NE2 HE21 sing N N 99  
GLN NE2 HE22 sing N N 100 
GLN OXT HXT  sing N N 101 
GLU N   CA   sing N N 102 
GLU N   H    sing N N 103 
GLU N   H2   sing N N 104 
GLU CA  C    sing N N 105 
GLU CA  CB   sing N N 106 
GLU CA  HA   sing N N 107 
GLU C   O    doub N N 108 
GLU C   OXT  sing N N 109 
GLU CB  CG   sing N N 110 
GLU CB  HB2  sing N N 111 
GLU CB  HB3  sing N N 112 
GLU CG  CD   sing N N 113 
GLU CG  HG2  sing N N 114 
GLU CG  HG3  sing N N 115 
GLU CD  OE1  doub N N 116 
GLU CD  OE2  sing N N 117 
GLU OE2 HE2  sing N N 118 
GLU OXT HXT  sing N N 119 
GLY N   CA   sing N N 120 
GLY N   H    sing N N 121 
GLY N   H2   sing N N 122 
GLY CA  C    sing N N 123 
GLY CA  HA2  sing N N 124 
GLY CA  HA3  sing N N 125 
GLY C   O    doub N N 126 
GLY C   OXT  sing N N 127 
GLY OXT HXT  sing N N 128 
GOL C1  O1   sing N N 129 
GOL C1  C2   sing N N 130 
GOL C1  H11  sing N N 131 
GOL C1  H12  sing N N 132 
GOL O1  HO1  sing N N 133 
GOL C2  O2   sing N N 134 
GOL C2  C3   sing N N 135 
GOL C2  H2   sing N N 136 
GOL O2  HO2  sing N N 137 
GOL C3  O3   sing N N 138 
GOL C3  H31  sing N N 139 
GOL C3  H32  sing N N 140 
GOL O3  HO3  sing N N 141 
HIS N   CA   sing N N 142 
HIS N   H    sing N N 143 
HIS N   H2   sing N N 144 
HIS CA  C    sing N N 145 
HIS CA  CB   sing N N 146 
HIS CA  HA   sing N N 147 
HIS C   O    doub N N 148 
HIS C   OXT  sing N N 149 
HIS CB  CG   sing N N 150 
HIS CB  HB2  sing N N 151 
HIS CB  HB3  sing N N 152 
HIS CG  ND1  sing Y N 153 
HIS CG  CD2  doub Y N 154 
HIS ND1 CE1  doub Y N 155 
HIS ND1 HD1  sing N N 156 
HIS CD2 NE2  sing Y N 157 
HIS CD2 HD2  sing N N 158 
HIS CE1 NE2  sing Y N 159 
HIS CE1 HE1  sing N N 160 
HIS NE2 HE2  sing N N 161 
HIS OXT HXT  sing N N 162 
HOH O   H1   sing N N 163 
HOH O   H2   sing N N 164 
ILE N   CA   sing N N 165 
ILE N   H    sing N N 166 
ILE N   H2   sing N N 167 
ILE CA  C    sing N N 168 
ILE CA  CB   sing N N 169 
ILE CA  HA   sing N N 170 
ILE C   O    doub N N 171 
ILE C   OXT  sing N N 172 
ILE CB  CG1  sing N N 173 
ILE CB  CG2  sing N N 174 
ILE CB  HB   sing N N 175 
ILE CG1 CD1  sing N N 176 
ILE CG1 HG12 sing N N 177 
ILE CG1 HG13 sing N N 178 
ILE CG2 HG21 sing N N 179 
ILE CG2 HG22 sing N N 180 
ILE CG2 HG23 sing N N 181 
ILE CD1 HD11 sing N N 182 
ILE CD1 HD12 sing N N 183 
ILE CD1 HD13 sing N N 184 
ILE OXT HXT  sing N N 185 
LEU N   CA   sing N N 186 
LEU N   H    sing N N 187 
LEU N   H2   sing N N 188 
LEU CA  C    sing N N 189 
LEU CA  CB   sing N N 190 
LEU CA  HA   sing N N 191 
LEU C   O    doub N N 192 
LEU C   OXT  sing N N 193 
LEU CB  CG   sing N N 194 
LEU CB  HB2  sing N N 195 
LEU CB  HB3  sing N N 196 
LEU CG  CD1  sing N N 197 
LEU CG  CD2  sing N N 198 
LEU CG  HG   sing N N 199 
LEU CD1 HD11 sing N N 200 
LEU CD1 HD12 sing N N 201 
LEU CD1 HD13 sing N N 202 
LEU CD2 HD21 sing N N 203 
LEU CD2 HD22 sing N N 204 
LEU CD2 HD23 sing N N 205 
LEU OXT HXT  sing N N 206 
LYS N   CA   sing N N 207 
LYS N   H    sing N N 208 
LYS N   H2   sing N N 209 
LYS CA  C    sing N N 210 
LYS CA  CB   sing N N 211 
LYS CA  HA   sing N N 212 
LYS C   O    doub N N 213 
LYS C   OXT  sing N N 214 
LYS CB  CG   sing N N 215 
LYS CB  HB2  sing N N 216 
LYS CB  HB3  sing N N 217 
LYS CG  CD   sing N N 218 
LYS CG  HG2  sing N N 219 
LYS CG  HG3  sing N N 220 
LYS CD  CE   sing N N 221 
LYS CD  HD2  sing N N 222 
LYS CD  HD3  sing N N 223 
LYS CE  NZ   sing N N 224 
LYS CE  HE2  sing N N 225 
LYS CE  HE3  sing N N 226 
LYS NZ  HZ1  sing N N 227 
LYS NZ  HZ2  sing N N 228 
LYS NZ  HZ3  sing N N 229 
LYS OXT HXT  sing N N 230 
MET N   CA   sing N N 231 
MET N   H    sing N N 232 
MET N   H2   sing N N 233 
MET CA  C    sing N N 234 
MET CA  CB   sing N N 235 
MET CA  HA   sing N N 236 
MET C   O    doub N N 237 
MET C   OXT  sing N N 238 
MET CB  CG   sing N N 239 
MET CB  HB2  sing N N 240 
MET CB  HB3  sing N N 241 
MET CG  SD   sing N N 242 
MET CG  HG2  sing N N 243 
MET CG  HG3  sing N N 244 
MET SD  CE   sing N N 245 
MET CE  HE1  sing N N 246 
MET CE  HE2  sing N N 247 
MET CE  HE3  sing N N 248 
MET OXT HXT  sing N N 249 
PHE N   CA   sing N N 250 
PHE N   H    sing N N 251 
PHE N   H2   sing N N 252 
PHE CA  C    sing N N 253 
PHE CA  CB   sing N N 254 
PHE CA  HA   sing N N 255 
PHE C   O    doub N N 256 
PHE C   OXT  sing N N 257 
PHE CB  CG   sing N N 258 
PHE CB  HB2  sing N N 259 
PHE CB  HB3  sing N N 260 
PHE CG  CD1  doub Y N 261 
PHE CG  CD2  sing Y N 262 
PHE CD1 CE1  sing Y N 263 
PHE CD1 HD1  sing N N 264 
PHE CD2 CE2  doub Y N 265 
PHE CD2 HD2  sing N N 266 
PHE CE1 CZ   doub Y N 267 
PHE CE1 HE1  sing N N 268 
PHE CE2 CZ   sing Y N 269 
PHE CE2 HE2  sing N N 270 
PHE CZ  HZ   sing N N 271 
PHE OXT HXT  sing N N 272 
PRO N   CA   sing N N 273 
PRO N   CD   sing N N 274 
PRO N   H    sing N N 275 
PRO CA  C    sing N N 276 
PRO CA  CB   sing N N 277 
PRO CA  HA   sing N N 278 
PRO C   O    doub N N 279 
PRO C   OXT  sing N N 280 
PRO CB  CG   sing N N 281 
PRO CB  HB2  sing N N 282 
PRO CB  HB3  sing N N 283 
PRO CG  CD   sing N N 284 
PRO CG  HG2  sing N N 285 
PRO CG  HG3  sing N N 286 
PRO CD  HD2  sing N N 287 
PRO CD  HD3  sing N N 288 
PRO OXT HXT  sing N N 289 
SER N   CA   sing N N 290 
SER N   H    sing N N 291 
SER N   H2   sing N N 292 
SER CA  C    sing N N 293 
SER CA  CB   sing N N 294 
SER CA  HA   sing N N 295 
SER C   O    doub N N 296 
SER C   OXT  sing N N 297 
SER CB  OG   sing N N 298 
SER CB  HB2  sing N N 299 
SER CB  HB3  sing N N 300 
SER OG  HG   sing N N 301 
SER OXT HXT  sing N N 302 
THR N   CA   sing N N 303 
THR N   H    sing N N 304 
THR N   H2   sing N N 305 
THR CA  C    sing N N 306 
THR CA  CB   sing N N 307 
THR CA  HA   sing N N 308 
THR C   O    doub N N 309 
THR C   OXT  sing N N 310 
THR CB  OG1  sing N N 311 
THR CB  CG2  sing N N 312 
THR CB  HB   sing N N 313 
THR OG1 HG1  sing N N 314 
THR CG2 HG21 sing N N 315 
THR CG2 HG22 sing N N 316 
THR CG2 HG23 sing N N 317 
THR OXT HXT  sing N N 318 
TRP N   CA   sing N N 319 
TRP N   H    sing N N 320 
TRP N   H2   sing N N 321 
TRP CA  C    sing N N 322 
TRP CA  CB   sing N N 323 
TRP CA  HA   sing N N 324 
TRP C   O    doub N N 325 
TRP C   OXT  sing N N 326 
TRP CB  CG   sing N N 327 
TRP CB  HB2  sing N N 328 
TRP CB  HB3  sing N N 329 
TRP CG  CD1  doub Y N 330 
TRP CG  CD2  sing Y N 331 
TRP CD1 NE1  sing Y N 332 
TRP CD1 HD1  sing N N 333 
TRP CD2 CE2  doub Y N 334 
TRP CD2 CE3  sing Y N 335 
TRP NE1 CE2  sing Y N 336 
TRP NE1 HE1  sing N N 337 
TRP CE2 CZ2  sing Y N 338 
TRP CE3 CZ3  doub Y N 339 
TRP CE3 HE3  sing N N 340 
TRP CZ2 CH2  doub Y N 341 
TRP CZ2 HZ2  sing N N 342 
TRP CZ3 CH2  sing Y N 343 
TRP CZ3 HZ3  sing N N 344 
TRP CH2 HH2  sing N N 345 
TRP OXT HXT  sing N N 346 
TYR N   CA   sing N N 347 
TYR N   H    sing N N 348 
TYR N   H2   sing N N 349 
TYR CA  C    sing N N 350 
TYR CA  CB   sing N N 351 
TYR CA  HA   sing N N 352 
TYR C   O    doub N N 353 
TYR C   OXT  sing N N 354 
TYR CB  CG   sing N N 355 
TYR CB  HB2  sing N N 356 
TYR CB  HB3  sing N N 357 
TYR CG  CD1  doub Y N 358 
TYR CG  CD2  sing Y N 359 
TYR CD1 CE1  sing Y N 360 
TYR CD1 HD1  sing N N 361 
TYR CD2 CE2  doub Y N 362 
TYR CD2 HD2  sing N N 363 
TYR CE1 CZ   doub Y N 364 
TYR CE1 HE1  sing N N 365 
TYR CE2 CZ   sing Y N 366 
TYR CE2 HE2  sing N N 367 
TYR CZ  OH   sing N N 368 
TYR OH  HH   sing N N 369 
TYR OXT HXT  sing N N 370 
VAL N   CA   sing N N 371 
VAL N   H    sing N N 372 
VAL N   H2   sing N N 373 
VAL CA  C    sing N N 374 
VAL CA  CB   sing N N 375 
VAL CA  HA   sing N N 376 
VAL C   O    doub N N 377 
VAL C   OXT  sing N N 378 
VAL CB  CG1  sing N N 379 
VAL CB  CG2  sing N N 380 
VAL CB  HB   sing N N 381 
VAL CG1 HG11 sing N N 382 
VAL CG1 HG12 sing N N 383 
VAL CG1 HG13 sing N N 384 
VAL CG2 HG21 sing N N 385 
VAL CG2 HG22 sing N N 386 
VAL CG2 HG23 sing N N 387 
VAL OXT HXT  sing N N 388 
# 
_atom_sites.entry_id                    2YFU 
_atom_sites.fract_transf_matrix[1][1]   0.00477447 
_atom_sites.fract_transf_matrix[1][2]   0.00076203 
_atom_sites.fract_transf_matrix[1][3]   -0.00192493 
_atom_sites.fract_transf_matrix[2][1]   0.00112189 
_atom_sites.fract_transf_matrix[2][2]   -0.00501893 
_atom_sites.fract_transf_matrix[2][3]   0.00079580 
_atom_sites.fract_transf_matrix[3][1]   -0.00173994 
_atom_sites.fract_transf_matrix[3][2]   -0.00114510 
_atom_sites.fract_transf_matrix[3][3]   -0.00476896 
_atom_sites.fract_transf_vector[1]      0.428932 
_atom_sites.fract_transf_vector[2]      0.187966 
_atom_sites.fract_transf_vector[3]      0.181194 
# 
loop_
_atom_type.symbol 
C  
CA 
N  
O  
S  
# 
loop_
_atom_site.group_PDB 
_atom_site.id 
_atom_site.type_symbol 
_atom_site.label_atom_id 
_atom_site.label_alt_id 
_atom_site.label_comp_id 
_atom_site.label_asym_id 
_atom_site.label_entity_id 
_atom_site.label_seq_id 
_atom_site.pdbx_PDB_ins_code 
_atom_site.Cartn_x 
_atom_site.Cartn_y 
_atom_site.Cartn_z 
_atom_site.occupancy 
_atom_site.B_iso_or_equiv 
_atom_site.pdbx_formal_charge 
_atom_site.auth_seq_id 
_atom_site.auth_comp_id 
_atom_site.auth_asym_id 
_atom_site.auth_atom_id 
_atom_site.pdbx_PDB_model_num 
ATOM   1    N  N   . SER A 1 3   ? 16.732  7.306   8.427   1.00 36.69 ? 1    SER A N   1 
ATOM   2    C  CA  . SER A 1 3   ? 16.238  6.230   7.507   1.00 35.76 ? 1    SER A CA  1 
ATOM   3    C  C   . SER A 1 3   ? 16.100  4.864   8.213   1.00 34.75 ? 1    SER A C   1 
ATOM   4    O  O   . SER A 1 3   ? 17.084  4.129   8.404   1.00 35.99 ? 1    SER A O   1 
ATOM   5    C  CB  . SER A 1 3   ? 17.130  6.128   6.270   1.00 36.22 ? 1    SER A CB  1 
ATOM   6    N  N   . TYR A 1 4   ? 14.866  4.533   8.599   1.00 32.19 ? 2    TYR A N   1 
ATOM   7    C  CA  . TYR A 1 4   ? 14.556  3.267   9.265   1.00 28.87 ? 2    TYR A CA  1 
ATOM   8    C  C   . TYR A 1 4   ? 14.396  2.096   8.278   1.00 26.09 ? 2    TYR A C   1 
ATOM   9    O  O   . TYR A 1 4   ? 14.179  2.322   7.081   1.00 25.61 ? 2    TYR A O   1 
ATOM   10   C  CB  . TYR A 1 4   ? 13.288  3.449   10.103  1.00 29.19 ? 2    TYR A CB  1 
ATOM   11   C  CG  . TYR A 1 4   ? 13.490  4.342   11.306  1.00 31.36 ? 2    TYR A CG  1 
ATOM   12   C  CD1 . TYR A 1 4   ? 13.983  3.813   12.502  1.00 35.23 ? 2    TYR A CD1 1 
ATOM   13   C  CD2 . TYR A 1 4   ? 13.213  5.708   11.245  1.00 33.94 ? 2    TYR A CD2 1 
ATOM   14   C  CE1 . TYR A 1 4   ? 14.182  4.629   13.625  1.00 37.15 ? 2    TYR A CE1 1 
ATOM   15   C  CE2 . TYR A 1 4   ? 13.398  6.530   12.353  1.00 36.68 ? 2    TYR A CE2 1 
ATOM   16   C  CZ  . TYR A 1 4   ? 13.879  5.978   13.538  1.00 38.76 ? 2    TYR A CZ  1 
ATOM   17   O  OH  . TYR A 1 4   ? 14.080  6.770   14.646  1.00 42.09 ? 2    TYR A OH  1 
ATOM   18   N  N   . PRO A 1 5   ? 14.519  0.847   8.763   1.00 23.54 ? 3    PRO A N   1 
ATOM   19   C  CA  . PRO A 1 5   ? 14.458  -0.335  7.906   1.00 21.50 ? 3    PRO A CA  1 
ATOM   20   C  C   . PRO A 1 5   ? 13.091  -0.555  7.239   1.00 20.24 ? 3    PRO A C   1 
ATOM   21   O  O   . PRO A 1 5   ? 12.057  -0.118  7.765   1.00 18.79 ? 3    PRO A O   1 
ATOM   22   C  CB  . PRO A 1 5   ? 14.693  -1.501  8.880   1.00 22.35 ? 3    PRO A CB  1 
ATOM   23   C  CG  . PRO A 1 5   ? 15.362  -0.894  10.047  1.00 23.77 ? 3    PRO A CG  1 
ATOM   24   C  CD  . PRO A 1 5   ? 14.852  0.494   10.159  1.00 23.20 ? 3    PRO A CD  1 
ATOM   25   N  N   . LYS A 1 6   ? 13.101  -1.264  6.121   1.00 18.51 ? 4    LYS A N   1 
ATOM   26   C  CA  . LYS A 1 6   ? 11.861  -1.719  5.486   1.00 17.43 ? 4    LYS A CA  1 
ATOM   27   C  C   . LYS A 1 6   ? 11.225  -2.783  6.366   1.00 17.41 ? 4    LYS A C   1 
ATOM   28   O  O   . LYS A 1 6   ? 11.916  -3.674  6.905   1.00 18.43 ? 4    LYS A O   1 
ATOM   29   C  CB  . LYS A 1 6   ? 12.139  -2.268  4.083   1.00 17.91 ? 4    LYS A CB  1 
ATOM   30   C  CG  . LYS A 1 6   ? 10.869  -2.680  3.293   1.00 17.89 ? 4    LYS A CG  1 
ATOM   31   C  CD  . LYS A 1 6   ? 11.115  -2.721  1.752   1.00 23.70 ? 4    LYS A CD  1 
ATOM   32   C  CE  . LYS A 1 6   ? 12.097  -3.810  1.340   1.00 26.46 ? 4    LYS A CE  1 
ATOM   33   N  NZ  . LYS A 1 6   ? 11.479  -5.167  1.582   1.00 30.19 ? 4    LYS A NZ  1 
ATOM   34   N  N   . LEU A 1 7   ? 9.909   -2.690  6.532   1.00 14.78 ? 5    LEU A N   1 
ATOM   35   C  CA  . LEU A 1 7   ? 9.196   -3.613  7.408   1.00 14.13 ? 5    LEU A CA  1 
ATOM   36   C  C   . LEU A 1 7   ? 8.663   -4.807  6.637   1.00 15.06 ? 5    LEU A C   1 
ATOM   37   O  O   . LEU A 1 7   ? 8.315   -4.692  5.461   1.00 15.53 ? 5    LEU A O   1 
ATOM   38   C  CB  . LEU A 1 7   ? 8.034   -2.874  8.085   1.00 13.25 ? 5    LEU A CB  1 
ATOM   39   C  CG  . LEU A 1 7   ? 8.447   -1.616  8.861   1.00 13.91 ? 5    LEU A CG  1 
ATOM   40   C  CD1 . LEU A 1 7   ? 7.218   -0.833  9.301   1.00 12.90 ? 5    LEU A CD1 1 
ATOM   41   C  CD2 . LEU A 1 7   ? 9.314   -1.983  10.065  1.00 14.26 ? 5    LEU A CD2 1 
ATOM   42   N  N   . THR A 1 8   ? 8.619   -5.955  7.310   1.00 14.78 ? 6    THR A N   1 
ATOM   43   C  CA  . THR A 1 8   ? 8.140   -7.176  6.710   1.00 15.86 ? 6    THR A CA  1 
ATOM   44   C  C   . THR A 1 8   ? 6.843   -7.593  7.401   1.00 15.06 ? 6    THR A C   1 
ATOM   45   O  O   . THR A 1 8   ? 6.598   -7.228  8.557   1.00 15.83 ? 6    THR A O   1 
ATOM   46   C  CB  . THR A 1 8   ? 9.175   -8.330  6.853   1.00 16.92 ? 6    THR A CB  1 
ATOM   47   O  OG1 . THR A 1 8   ? 9.424   -8.561  8.237   1.00 21.27 ? 6    THR A OG1 1 
ATOM   48   C  CG2 . THR A 1 8   ? 10.484  -7.941  6.184   1.00 21.62 ? 6    THR A CG2 1 
ATOM   49   N  N   . GLY A 1 9   ? 6.036   -8.360  6.705   1.00 15.00 ? 7    GLY A N   1 
ATOM   50   C  CA  . GLY A 1 9   ? 4.845   -8.931  7.318   1.00 14.81 ? 7    GLY A CA  1 
ATOM   51   C  C   . GLY A 1 9   ? 4.132   -9.861  6.372   1.00 14.62 ? 7    GLY A C   1 
ATOM   52   O  O   . GLY A 1 9   ? 4.661   -10.222 5.297   1.00 15.74 ? 7    GLY A O   1 
ATOM   53   N  N   . THR A 1 10  ? 2.932   -10.263 6.770   1.00 12.80 ? 8    THR A N   1 
ATOM   54   C  CA  . THR A 1 10  ? 2.102   -11.135 5.950   1.00 12.52 ? 8    THR A CA  1 
ATOM   55   C  C   . THR A 1 10  ? 1.241   -10.250 5.065   1.00 12.15 ? 8    THR A C   1 
ATOM   56   O  O   . THR A 1 10  ? 0.583   -9.333  5.564   1.00 11.19 ? 8    THR A O   1 
ATOM   57   C  CB  . THR A 1 10  ? 1.201   -12.011 6.817   1.00 13.31 ? 8    THR A CB  1 
ATOM   58   O  OG1 . THR A 1 10  ? 2.041   -12.842 7.645   1.00 16.41 ? 8    THR A OG1 1 
ATOM   59   C  CG2 . THR A 1 10  ? 0.311   -12.881 5.964   1.00 14.99 ? 8    THR A CG2 1 
ATOM   60   N  N   . VAL A 1 11  ? 1.245   -10.537 3.772   1.00 11.46 ? 9    VAL A N   1 
ATOM   61   C  CA  . VAL A 1 11  ? 0.439   -9.744  2.819   1.00 10.85 ? 9    VAL A CA  1 
ATOM   62   C  C   . VAL A 1 11  ? -1.043  -10.044 3.042   1.00 11.30 ? 9    VAL A C   1 
ATOM   63   O  O   . VAL A 1 11  ? -1.464  -11.219 3.082   1.00 12.50 ? 9    VAL A O   1 
ATOM   64   C  CB  . VAL A 1 11  ? 0.863   -10.084 1.360   1.00 10.77 ? 9    VAL A CB  1 
ATOM   65   C  CG1 . VAL A 1 11  ? -0.082  -9.439  0.337   1.00 11.98 ? 9    VAL A CG1 1 
ATOM   66   C  CG2 . VAL A 1 11  ? 2.303   -9.607  1.142   1.00 10.56 ? 9    VAL A CG2 1 
ATOM   67   N  N   . ILE A 1 12  ? -1.833  -8.974  3.199   1.00 9.33  ? 10   ILE A N   1 
ATOM   68   C  CA  . ILE A 1 12  ? -3.282  -9.054  3.359   1.00 8.47  ? 10   ILE A CA  1 
ATOM   69   C  C   . ILE A 1 12  ? -3.942  -8.124  2.348   1.00 8.31  ? 10   ILE A C   1 
ATOM   70   O  O   . ILE A 1 12  ? -3.311  -7.200  1.835   1.00 9.32  ? 10   ILE A O   1 
ATOM   71   C  CB  . ILE A 1 12  ? -3.713  -8.662  4.793   1.00 8.08  ? 10   ILE A CB  1 
ATOM   72   C  CG1 . ILE A 1 12  ? -3.114  -7.294  5.175   1.00 8.66  ? 10   ILE A CG1 1 
ATOM   73   C  CG2 . ILE A 1 12  ? -3.207  -9.791  5.800   1.00 10.24 ? 10   ILE A CG2 1 
ATOM   74   C  CD1 . ILE A 1 12  ? -3.661  -6.708  6.539   1.00 11.44 ? 10   ILE A CD1 1 
ATOM   75   N  N   . GLY A 1 13  ? -5.209  -8.387  2.082   1.00 8.50  ? 11   GLY A N   1 
ATOM   76   C  CA  . GLY A 1 13  ? -5.995  -7.521  1.193   1.00 9.34  ? 11   GLY A CA  1 
ATOM   77   C  C   . GLY A 1 13  ? -6.978  -8.262  0.324   1.00 9.06  ? 11   GLY A C   1 
ATOM   78   O  O   . GLY A 1 13  ? -7.258  -9.445  0.526   1.00 10.86 ? 11   GLY A O   1 
ATOM   79   N  N   . THR A 1 14  ? -7.456  -7.541  -0.669  1.00 8.89  ? 12   THR A N   1 
ATOM   80   C  CA  . THR A 1 14  ? -8.424  -8.035  -1.641  1.00 9.31  ? 12   THR A CA  1 
ATOM   81   C  C   . THR A 1 14  ? -7.908  -9.293  -2.331  1.00 10.62 ? 12   THR A C   1 
ATOM   82   O  O   . THR A 1 14  ? -6.771  -9.328  -2.789  1.00 10.94 ? 12   THR A O   1 
ATOM   83   C  CB  . THR A 1 14  ? -8.630  -6.956  -2.690  1.00 9.81  ? 12   THR A CB  1 
ATOM   84   O  OG1 . THR A 1 14  ? -9.190  -5.796  -2.037  1.00 10.91 ? 12   THR A OG1 1 
ATOM   85   C  CG2 . THR A 1 14  ? -9.619  -7.435  -3.780  1.00 11.65 ? 12   THR A CG2 1 
ATOM   86   N  N   . GLN A 1 15  ? -8.747  -10.330 -2.382  1.00 9.98  ? 13   GLN A N   1 
ATOM   87   C  CA  . GLN A 1 15  ? -8.347  -11.584 -3.048  1.00 10.90 ? 13   GLN A CA  1 
ATOM   88   C  C   . GLN A 1 15  ? -8.686  -11.522 -4.531  1.00 10.36 ? 13   GLN A C   1 
ATOM   89   O  O   . GLN A 1 15  ? -9.619  -10.821 -4.955  1.00 11.10 ? 13   GLN A O   1 
ATOM   90   C  CB  . GLN A 1 15  ? -9.096  -12.758 -2.385  1.00 11.65 ? 13   GLN A CB  1 
ATOM   91   C  CG  . GLN A 1 15  ? -8.811  -12.830 -0.874  1.00 13.92 ? 13   GLN A CG  1 
ATOM   92   C  CD  . GLN A 1 15  ? -7.385  -13.167 -0.559  1.00 16.97 ? 13   GLN A CD  1 
ATOM   93   O  OE1 . GLN A 1 15  ? -6.966  -14.306 -0.763  1.00 19.12 ? 13   GLN A OE1 1 
ATOM   94   N  NE2 . GLN A 1 15  ? -6.617  -12.191 -0.041  1.00 18.76 ? 13   GLN A NE2 1 
ATOM   95   N  N   . GLY A 1 16  ? -7.925  -12.270 -5.333  1.00 10.25 ? 14   GLY A N   1 
ATOM   96   C  CA  . GLY A 1 16  ? -8.222  -12.366 -6.742  1.00 9.90  ? 14   GLY A CA  1 
ATOM   97   C  C   . GLY A 1 16  ? -7.524  -11.306 -7.582  1.00 10.32 ? 14   GLY A C   1 
ATOM   98   O  O   . GLY A 1 16  ? -6.659  -10.567 -7.100  1.00 10.15 ? 14   GLY A O   1 
ATOM   99   N  N   . SER A 1 17  ? -7.882  -11.253 -8.852  1.00 9.43  ? 15   SER A N   1 
ATOM   100  C  CA  . SER A 1 17  ? -7.233  -10.319 -9.769  1.00 9.29  ? 15   SER A CA  1 
ATOM   101  C  C   . SER A 1 17  ? -8.110  -10.134 -10.992 1.00 10.03 ? 15   SER A C   1 
ATOM   102  O  O   . SER A 1 17  ? -8.985  -10.974 -11.302 1.00 11.00 ? 15   SER A O   1 
ATOM   103  C  CB  . SER A 1 17  ? -5.841  -10.840 -10.227 1.00 10.06 ? 15   SER A CB  1 
ATOM   104  O  OG  . SER A 1 17  ? -5.959  -12.047 -10.998 1.00 11.02 ? 15   SER A OG  1 
ATOM   105  N  N   . TRP A 1 18  ? -7.842  -9.049  -11.712 1.00 9.39  ? 16   TRP A N   1 
ATOM   106  C  CA  A TRP A 1 18  ? -8.630  -8.699  -12.876 0.50 9.58  ? 16   TRP A CA  1 
ATOM   107  C  CA  B TRP A 1 18  ? -8.595  -8.679  -12.907 0.50 9.84  ? 16   TRP A CA  1 
ATOM   108  C  C   . TRP A 1 18  ? -8.577  -9.806  -13.934 1.00 9.94  ? 16   TRP A C   1 
ATOM   109  O  O   . TRP A 1 18  ? -7.495  -10.276 -14.335 1.00 10.37 ? 16   TRP A O   1 
ATOM   110  C  CB  A TRP A 1 18  ? -8.136  -7.381  -13.458 0.50 9.72  ? 16   TRP A CB  1 
ATOM   111  C  CB  B TRP A 1 18  ? -7.992  -7.420  -13.541 0.50 9.99  ? 16   TRP A CB  1 
ATOM   112  C  CG  A TRP A 1 18  ? -8.999  -6.840  -14.545 0.50 9.63  ? 16   TRP A CG  1 
ATOM   113  C  CG  B TRP A 1 18  ? -8.715  -6.957  -14.787 0.50 11.16 ? 16   TRP A CG  1 
ATOM   114  C  CD1 A TRP A 1 18  ? -10.219 -6.251  -14.406 0.50 11.26 ? 16   TRP A CD1 1 
ATOM   115  C  CD1 B TRP A 1 18  ? -8.228  -6.942  -16.070 0.50 11.35 ? 16   TRP A CD1 1 
ATOM   116  C  CD2 A TRP A 1 18  ? -8.700  -6.831  -15.947 0.50 10.97 ? 16   TRP A CD2 1 
ATOM   117  C  CD2 B TRP A 1 18  ? -10.051 -6.465  -14.860 0.50 13.22 ? 16   TRP A CD2 1 
ATOM   118  N  NE1 A TRP A 1 18  ? -10.704 -5.864  -15.638 0.50 11.76 ? 16   TRP A NE1 1 
ATOM   119  N  NE1 B TRP A 1 18  ? -9.183  -6.448  -16.937 0.50 13.62 ? 16   TRP A NE1 1 
ATOM   120  C  CE2 A TRP A 1 18  ? -9.788  -6.210  -16.600 0.50 11.66 ? 16   TRP A CE2 1 
ATOM   121  C  CE2 B TRP A 1 18  ? -10.312 -6.151  -16.218 0.50 13.96 ? 16   TRP A CE2 1 
ATOM   122  C  CE3 A TRP A 1 18  ? -7.617  -7.280  -16.715 0.50 11.75 ? 16   TRP A CE3 1 
ATOM   123  C  CE3 B TRP A 1 18  ? -11.058 -6.254  -13.911 0.50 13.99 ? 16   TRP A CE3 1 
ATOM   124  C  CZ2 A TRP A 1 18  ? -9.825  -6.029  -17.985 0.50 15.13 ? 16   TRP A CZ2 1 
ATOM   125  C  CZ2 B TRP A 1 18  ? -11.538 -5.639  -16.648 0.50 15.42 ? 16   TRP A CZ2 1 
ATOM   126  C  CZ3 A TRP A 1 18  ? -7.659  -7.097  -18.101 0.50 14.01 ? 16   TRP A CZ3 1 
ATOM   127  C  CZ3 B TRP A 1 18  ? -12.281 -5.753  -14.354 0.50 16.59 ? 16   TRP A CZ3 1 
ATOM   128  C  CH2 A TRP A 1 18  ? -8.757  -6.473  -18.716 0.50 14.43 ? 16   TRP A CH2 1 
ATOM   129  C  CH2 B TRP A 1 18  ? -12.500 -5.439  -15.706 0.50 17.34 ? 16   TRP A CH2 1 
ATOM   130  N  N   . ASN A 1 19  ? -9.774  -10.223 -14.348 1.00 10.70 ? 17   ASN A N   1 
ATOM   131  C  CA  . ASN A 1 19  ? -9.944  -11.271 -15.365 1.00 12.12 ? 17   ASN A CA  1 
ATOM   132  C  C   . ASN A 1 19  ? -9.170  -12.548 -15.025 1.00 11.53 ? 17   ASN A C   1 
ATOM   133  O  O   . ASN A 1 19  ? -8.853  -13.351 -15.916 1.00 12.03 ? 17   ASN A O   1 
ATOM   134  C  CB  . ASN A 1 19  ? -9.559  -10.733 -16.748 1.00 12.81 ? 17   ASN A CB  1 
ATOM   135  C  CG  . ASN A 1 19  ? -10.637 -9.824  -17.346 1.00 18.50 ? 17   ASN A CG  1 
ATOM   136  O  OD1 . ASN A 1 19  ? -11.755 -9.738  -16.830 1.00 24.82 ? 17   ASN A OD1 1 
ATOM   137  N  ND2 . ASN A 1 19  ? -10.299 -9.158  -18.442 1.00 23.48 ? 17   ASN A ND2 1 
ATOM   138  N  N   . ASN A 1 20  ? -8.904  -12.760 -13.730 1.00 10.42 ? 18   ASN A N   1 
ATOM   139  C  CA  . ASN A 1 20  ? -8.186  -13.941 -13.260 1.00 10.86 ? 18   ASN A CA  1 
ATOM   140  C  C   . ASN A 1 20  ? -6.811  -14.087 -13.913 1.00 10.86 ? 18   ASN A C   1 
ATOM   141  O  O   . ASN A 1 20  ? -6.261  -15.185 -13.959 1.00 11.01 ? 18   ASN A O   1 
ATOM   142  C  CB  . ASN A 1 20  ? -9.035  -15.231 -13.510 1.00 10.68 ? 18   ASN A CB  1 
ATOM   143  C  CG  . ASN A 1 20  ? -8.411  -16.470 -12.888 1.00 10.46 ? 18   ASN A CG  1 
ATOM   144  O  OD1 . ASN A 1 20  ? -8.076  -16.485 -11.696 1.00 11.40 ? 18   ASN A OD1 1 
ATOM   145  N  ND2 . ASN A 1 20  ? -8.292  -17.542 -13.696 1.00 10.53 ? 18   ASN A ND2 1 
ATOM   146  N  N   . ILE A 1 21  ? -6.229  -12.986 -14.391 1.00 10.83 ? 19   ILE A N   1 
ATOM   147  C  CA  A ILE A 1 21  ? -4.920  -13.075 -15.059 0.50 11.02 ? 19   ILE A CA  1 
ATOM   148  C  CA  B ILE A 1 21  ? -4.924  -13.071 -15.061 0.50 10.94 ? 19   ILE A CA  1 
ATOM   149  C  C   . ILE A 1 21  ? -3.836  -13.477 -14.070 1.00 11.39 ? 19   ILE A C   1 
ATOM   150  O  O   . ILE A 1 21  ? -2.910  -14.218 -14.426 1.00 12.13 ? 19   ILE A O   1 
ATOM   151  C  CB  A ILE A 1 21  ? -4.569  -11.784 -15.835 0.50 11.51 ? 19   ILE A CB  1 
ATOM   152  C  CB  B ILE A 1 21  ? -4.611  -11.773 -15.851 0.50 11.40 ? 19   ILE A CB  1 
ATOM   153  C  CG1 A ILE A 1 21  ? -5.588  -11.578 -16.951 0.50 13.40 ? 19   ILE A CG1 1 
ATOM   154  C  CG1 B ILE A 1 21  ? -5.546  -11.693 -17.061 0.50 13.23 ? 19   ILE A CG1 1 
ATOM   155  C  CG2 A ILE A 1 21  ? -3.160  -11.853 -16.430 0.50 12.79 ? 19   ILE A CG2 1 
ATOM   156  C  CG2 B ILE A 1 21  ? -3.142  -11.699 -16.284 0.50 12.28 ? 19   ILE A CG2 1 
ATOM   157  C  CD1 A ILE A 1 21  ? -5.609  -12.706 -17.944 0.50 13.73 ? 19   ILE A CD1 1 
ATOM   158  C  CD1 B ILE A 1 21  ? -5.709  -10.293 -17.625 0.50 13.52 ? 19   ILE A CD1 1 
ATOM   159  N  N   . GLY A 1 22  ? -3.955  -13.002 -12.819 1.00 9.59  ? 20   GLY A N   1 
ATOM   160  C  CA  . GLY A 1 22  ? -3.009  -13.374 -11.785 1.00 9.12  ? 20   GLY A CA  1 
ATOM   161  C  C   . GLY A 1 22  ? -2.232  -12.189 -11.198 1.00 8.92  ? 20   GLY A C   1 
ATOM   162  O  O   . GLY A 1 22  ? -1.300  -12.421 -10.426 1.00 9.51  ? 20   GLY A O   1 
ATOM   163  N  N   . ASN A 1 23  ? -2.607  -10.961 -11.549 1.00 8.87  ? 21   ASN A N   1 
ATOM   164  C  CA  . ASN A 1 23  ? -1.955  -9.774  -10.953 1.00 8.64  ? 21   ASN A CA  1 
ATOM   165  C  C   . ASN A 1 23  ? -2.527  -9.475  -9.577  1.00 8.66  ? 21   ASN A C   1 
ATOM   166  O  O   . ASN A 1 23  ? -3.215  -8.481  -9.369  1.00 8.62  ? 21   ASN A O   1 
ATOM   167  C  CB  . ASN A 1 23  ? -2.023  -8.610  -11.927 1.00 9.64  ? 21   ASN A CB  1 
ATOM   168  C  CG  . ASN A 1 23  ? -1.109  -8.862  -13.123 1.00 9.83  ? 21   ASN A CG  1 
ATOM   169  O  OD1 . ASN A 1 23  ? 0.003   -9.409  -12.964 1.00 10.12 ? 21   ASN A OD1 1 
ATOM   170  N  ND2 . ASN A 1 23  ? -1.573  -8.490  -14.319 1.00 10.02 ? 21   ASN A ND2 1 
ATOM   171  N  N   . THR A 1 24  ? -2.241  -10.385 -8.650  1.00 8.98  ? 22   THR A N   1 
ATOM   172  C  CA  . THR A 1 24  ? -2.812  -10.303 -7.295  1.00 8.76  ? 22   THR A CA  1 
ATOM   173  C  C   . THR A 1 24  ? -2.064  -9.257  -6.458  1.00 8.09  ? 22   THR A C   1 
ATOM   174  O  O   . THR A 1 24  ? -1.056  -8.653  -6.886  1.00 8.67  ? 22   THR A O   1 
ATOM   175  C  CB  . THR A 1 24  ? -2.693  -11.615 -6.559  1.00 9.46  ? 22   THR A CB  1 
ATOM   176  O  OG1 . THR A 1 24  ? -1.290  -11.915 -6.376  1.00 9.61  ? 22   THR A OG1 1 
ATOM   177  C  CG2 . THR A 1 24  ? -3.372  -12.767 -7.360  1.00 9.58  ? 22   THR A CG2 1 
ATOM   178  N  N   . ILE A 1 25  ? -2.541  -9.082  -5.230  1.00 8.36  ? 23   ILE A N   1 
ATOM   179  C  CA  . ILE A 1 25  ? -1.894  -8.150  -4.286  1.00 7.90  ? 23   ILE A CA  1 
ATOM   180  C  C   . ILE A 1 25  ? -0.409  -8.455  -4.072  1.00 9.08  ? 23   ILE A C   1 
ATOM   181  O  O   . ILE A 1 25  ? 0.367   -7.552  -3.755  1.00 8.69  ? 23   ILE A O   1 
ATOM   182  C  CB  . ILE A 1 25  ? -2.642  -8.091  -2.913  1.00 8.05  ? 23   ILE A CB  1 
ATOM   183  C  CG1 . ILE A 1 25  ? -2.757  -9.496  -2.289  1.00 8.95  ? 23   ILE A CG1 1 
ATOM   184  C  CG2 . ILE A 1 25  ? -4.030  -7.428  -3.139  1.00 7.80  ? 23   ILE A CG2 1 
ATOM   185  C  CD1 . ILE A 1 25  ? -3.530  -9.526  -0.918  1.00 10.13 ? 23   ILE A CD1 1 
ATOM   186  N  N   . HIS A 1 26  ? -0.011  -9.721  -4.269  1.00 8.86  ? 24   HIS A N   1 
ATOM   187  C  CA  . HIS A 1 26  ? 1.378   -10.082 -4.051  1.00 9.41  ? 24   HIS A CA  1 
ATOM   188  C  C   . HIS A 1 26  ? 2.337   -9.383  -5.015  1.00 9.17  ? 24   HIS A C   1 
ATOM   189  O  O   . HIS A 1 26  ? 3.528   -9.235  -4.676  1.00 9.54  ? 24   HIS A O   1 
ATOM   190  C  CB  . HIS A 1 26  ? 1.530   -11.606 -4.126  1.00 9.25  ? 24   HIS A CB  1 
ATOM   191  C  CG  . HIS A 1 26  ? 0.840   -12.287 -2.991  1.00 9.75  ? 24   HIS A CG  1 
ATOM   192  N  ND1 . HIS A 1 26  ? 1.432   -12.444 -1.752  1.00 12.78 ? 24   HIS A ND1 1 
ATOM   193  C  CD2 . HIS A 1 26  ? -0.443  -12.723 -2.867  1.00 11.27 ? 24   HIS A CD2 1 
ATOM   194  C  CE1 . HIS A 1 26  ? 0.564   -13.019 -0.932  1.00 12.94 ? 24   HIS A CE1 1 
ATOM   195  N  NE2 . HIS A 1 26  ? -0.583  -13.184 -1.574  1.00 12.15 ? 24   HIS A NE2 1 
ATOM   196  N  N   . LYS A 1 27  ? 1.826   -8.937  -6.165  1.00 8.81  ? 25   LYS A N   1 
ATOM   197  C  CA  . LYS A 1 27  ? 2.684   -8.231  -7.139  1.00 8.92  ? 25   LYS A CA  1 
ATOM   198  C  C   . LYS A 1 27  ? 3.151   -6.898  -6.614  1.00 9.02  ? 25   LYS A C   1 
ATOM   199  O  O   . LYS A 1 27  ? 4.098   -6.313  -7.171  1.00 9.26  ? 25   LYS A O   1 
ATOM   200  C  CB  . LYS A 1 27  ? 1.935   -7.994  -8.453  1.00 8.78  ? 25   LYS A CB  1 
ATOM   201  C  CG  . LYS A 1 27  ? 1.443   -9.247  -9.152  1.00 10.60 ? 25   LYS A CG  1 
ATOM   202  C  CD  . LYS A 1 27  ? 2.577   -10.273 -9.355  1.00 13.75 ? 25   LYS A CD  1 
ATOM   203  C  CE  . LYS A 1 27  ? 1.960   -11.497 -10.046 1.00 16.02 ? 25   LYS A CE  1 
ATOM   204  N  NZ  . LYS A 1 27  ? 2.869   -12.703 -9.915  1.00 19.42 ? 25   LYS A NZ  1 
ATOM   205  N  N   . ALA A 1 28  ? 2.535   -6.368  -5.549  1.00 8.52  ? 26   ALA A N   1 
ATOM   206  C  CA  . ALA A 1 28  ? 2.991   -5.078  -5.004  1.00 8.24  ? 26   ALA A CA  1 
ATOM   207  C  C   . ALA A 1 28  ? 4.145   -5.215  -4.030  1.00 8.56  ? 26   ALA A C   1 
ATOM   208  O  O   . ALA A 1 28  ? 4.624   -4.196  -3.472  1.00 9.54  ? 26   ALA A O   1 
ATOM   209  C  CB  . ALA A 1 28  ? 1.797   -4.343  -4.321  1.00 8.31  ? 26   ALA A CB  1 
ATOM   210  N  N   . PHE A 1 29  ? 4.606   -6.453  -3.792  1.00 9.44  ? 27   PHE A N   1 
ATOM   211  C  CA  . PHE A 1 29  ? 5.650   -6.681  -2.768  1.00 9.63  ? 27   PHE A CA  1 
ATOM   212  C  C   . PHE A 1 29  ? 6.825   -7.484  -3.299  1.00 10.16 ? 27   PHE A C   1 
ATOM   213  O  O   . PHE A 1 29  ? 7.650   -7.979  -2.510  1.00 11.63 ? 27   PHE A O   1 
ATOM   214  C  CB  . PHE A 1 29  ? 5.046   -7.391  -1.526  1.00 10.41 ? 27   PHE A CB  1 
ATOM   215  C  CG  . PHE A 1 29  ? 3.892   -6.646  -0.924  1.00 10.22 ? 27   PHE A CG  1 
ATOM   216  C  CD1 . PHE A 1 29  ? 4.131   -5.633  0.017   1.00 11.16 ? 27   PHE A CD1 1 
ATOM   217  C  CD2 . PHE A 1 29  ? 2.575   -6.930  -1.308  1.00 9.69  ? 27   PHE A CD2 1 
ATOM   218  C  CE1 . PHE A 1 29  ? 3.057   -4.948  0.605   1.00 12.29 ? 27   PHE A CE1 1 
ATOM   219  C  CE2 . PHE A 1 29  ? 1.492   -6.236  -0.736  1.00 11.40 ? 27   PHE A CE2 1 
ATOM   220  C  CZ  . PHE A 1 29  ? 1.728   -5.247  0.210   1.00 11.66 ? 27   PHE A CZ  1 
ATOM   221  N  N   . ASP A 1 30  ? 6.931   -7.570  -4.622  1.00 9.37  ? 28   ASP A N   1 
ATOM   222  C  CA  . ASP A 1 30  ? 7.886   -8.479  -5.247  1.00 10.24 ? 28   ASP A CA  1 
ATOM   223  C  C   . ASP A 1 30  ? 9.184   -7.815  -5.662  1.00 10.46 ? 28   ASP A C   1 
ATOM   224  O  O   . ASP A 1 30  ? 10.071  -8.512  -6.179  1.00 12.14 ? 28   ASP A O   1 
ATOM   225  C  CB  . ASP A 1 30  ? 7.278   -9.224  -6.448  1.00 10.63 ? 28   ASP A CB  1 
ATOM   226  C  CG  . ASP A 1 30  ? 6.810   -8.328  -7.547  1.00 9.76  ? 28   ASP A CG  1 
ATOM   227  O  OD1 . ASP A 1 30  ? 6.966   -7.095  -7.438  1.00 9.03  ? 28   ASP A OD1 1 
ATOM   228  O  OD2 . ASP A 1 30  ? 6.240   -8.877  -8.515  1.00 11.68 ? 28   ASP A OD2 1 
ATOM   229  N  N   . GLY A 1 31  ? 9.291   -6.518  -5.432  1.00 9.85  ? 29   GLY A N   1 
ATOM   230  C  CA  . GLY A 1 31  ? 10.538  -5.789  -5.816  1.00 10.46 ? 29   GLY A CA  1 
ATOM   231  C  C   . GLY A 1 31  ? 10.613  -5.386  -7.272  1.00 10.96 ? 29   GLY A C   1 
ATOM   232  O  O   . GLY A 1 31  ? 11.610  -4.754  -7.675  1.00 10.24 ? 29   GLY A O   1 
ATOM   233  N  N   . ASP A 1 32  ? 9.600   -5.709  -8.071  1.00 9.77  ? 30   ASP A N   1 
ATOM   234  C  CA  . ASP A 1 32  ? 9.631   -5.378  -9.506  1.00 9.64  ? 30   ASP A CA  1 
ATOM   235  C  C   . ASP A 1 32  ? 8.664   -4.242  -9.787  1.00 9.61  ? 30   ASP A C   1 
ATOM   236  O  O   . ASP A 1 32  ? 7.446   -4.399  -9.553  1.00 9.45  ? 30   ASP A O   1 
ATOM   237  C  CB  . ASP A 1 32  ? 9.249   -6.620  -10.327 1.00 10.04 ? 30   ASP A CB  1 
ATOM   238  C  CG  . ASP A 1 32  ? 9.463   -6.436  -11.817 1.00 10.30 ? 30   ASP A CG  1 
ATOM   239  O  OD1 . ASP A 1 32  ? 9.761   -5.304  -12.252 1.00 10.83 ? 30   ASP A OD1 1 
ATOM   240  O  OD2 . ASP A 1 32  ? 9.334   -7.444  -12.548 1.00 12.85 ? 30   ASP A OD2 1 
ATOM   241  N  N   . LEU A 1 33  ? 9.158   -3.089  -10.271 1.00 9.03  ? 31   LEU A N   1 
ATOM   242  C  CA  . LEU A 1 33  ? 8.231   -1.967  -10.521 1.00 9.59  ? 31   LEU A CA  1 
ATOM   243  C  C   . LEU A 1 33  ? 7.402   -2.193  -11.773 1.00 9.39  ? 31   LEU A C   1 
ATOM   244  O  O   . LEU A 1 33  ? 6.462   -1.440  -12.044 1.00 10.04 ? 31   LEU A O   1 
ATOM   245  C  CB  . LEU A 1 33  ? 8.995   -0.634  -10.606 1.00 9.25  ? 31   LEU A CB  1 
ATOM   246  C  CG  . LEU A 1 33  ? 9.926   -0.334  -9.432  1.00 9.15  ? 31   LEU A CG  1 
ATOM   247  C  CD1 . LEU A 1 33  ? 10.512  1.090   -9.613  1.00 11.55 ? 31   LEU A CD1 1 
ATOM   248  C  CD2 . LEU A 1 33  ? 9.187   -0.468  -8.064  1.00 10.72 ? 31   LEU A CD2 1 
ATOM   249  N  N   . ASN A 1 34  ? 7.748   -3.232  -12.543 1.00 9.70  ? 32   ASN A N   1 
ATOM   250  C  CA  . ASN A 1 34  ? 6.981   -3.575  -13.734 1.00 9.99  ? 32   ASN A CA  1 
ATOM   251  C  C   . ASN A 1 34  ? 5.778   -4.476  -13.466 1.00 10.32 ? 32   ASN A C   1 
ATOM   252  O  O   . ASN A 1 34  ? 4.962   -4.674  -14.371 1.00 11.65 ? 32   ASN A O   1 
ATOM   253  C  CB  . ASN A 1 34  ? 7.884   -4.319  -14.714 1.00 10.34 ? 32   ASN A CB  1 
ATOM   254  C  CG  . ASN A 1 34  ? 9.092   -3.491  -15.108 1.00 11.84 ? 32   ASN A CG  1 
ATOM   255  O  OD1 . ASN A 1 34  ? 10.242  -3.826  -14.733 1.00 15.67 ? 32   ASN A OD1 1 
ATOM   256  N  ND2 . ASN A 1 34  ? 8.853   -2.394  -15.799 1.00 12.20 ? 32   ASN A ND2 1 
ATOM   257  N  N   . THR A 1 35  ? 5.711   -5.080  -12.281 1.00 9.99  ? 33   THR A N   1 
ATOM   258  C  CA  . THR A 1 35  ? 4.571   -5.947  -11.940 1.00 9.67  ? 33   THR A CA  1 
ATOM   259  C  C   . THR A 1 35  ? 3.667   -5.188  -10.997 1.00 9.36  ? 33   THR A C   1 
ATOM   260  O  O   . THR A 1 35  ? 4.153   -4.411  -10.162 1.00 9.19  ? 33   THR A O   1 
ATOM   261  C  CB  . THR A 1 35  ? 4.977   -7.223  -11.222 1.00 10.22 ? 33   THR A CB  1 
ATOM   262  O  OG1 . THR A 1 35  ? 5.654   -6.901  -10.019 1.00 8.88  ? 33   THR A OG1 1 
ATOM   263  C  CG2 . THR A 1 35  ? 5.894   -8.101  -12.073 1.00 11.35 ? 33   THR A CG2 1 
ATOM   264  N  N   . PHE A 1 36  ? 2.352   -5.402  -11.137 1.00 8.85  ? 34   PHE A N   1 
ATOM   265  C  CA  . PHE A 1 36  ? 1.394   -4.558  -10.423 1.00 8.83  ? 34   PHE A CA  1 
ATOM   266  C  C   . PHE A 1 36  ? 0.213   -5.402  -9.961  1.00 8.88  ? 34   PHE A C   1 
ATOM   267  O  O   . PHE A 1 36  ? -0.051  -6.476  -10.514 1.00 9.81  ? 34   PHE A O   1 
ATOM   268  C  CB  . PHE A 1 36  ? 0.882   -3.417  -11.332 1.00 8.65  ? 34   PHE A CB  1 
ATOM   269  C  CG  . PHE A 1 36  ? 0.403   -3.897  -12.669 1.00 10.60 ? 34   PHE A CG  1 
ATOM   270  C  CD1 . PHE A 1 36  ? -0.924  -4.316  -12.862 1.00 10.40 ? 34   PHE A CD1 1 
ATOM   271  C  CD2 . PHE A 1 36  ? 1.298   -3.993  -13.722 1.00 10.97 ? 34   PHE A CD2 1 
ATOM   272  C  CE1 . PHE A 1 36  ? -1.348  -4.820  -14.101 1.00 13.27 ? 34   PHE A CE1 1 
ATOM   273  C  CE2 . PHE A 1 36  ? 0.894   -4.478  -14.963 1.00 12.81 ? 34   PHE A CE2 1 
ATOM   274  C  CZ  . PHE A 1 36  ? -0.413  -4.901  -15.167 1.00 15.03 ? 34   PHE A CZ  1 
ATOM   275  N  N   . PHE A 1 37  ? -0.484  -4.897  -8.940  1.00 8.27  ? 35   PHE A N   1 
ATOM   276  C  CA  . PHE A 1 37  ? -1.788  -5.436  -8.533  1.00 8.39  ? 35   PHE A CA  1 
ATOM   277  C  C   . PHE A 1 37  ? -2.870  -4.845  -9.445  1.00 7.90  ? 35   PHE A C   1 
ATOM   278  O  O   . PHE A 1 37  ? -2.969  -3.626  -9.589  1.00 8.11  ? 35   PHE A O   1 
ATOM   279  C  CB  . PHE A 1 37  ? -2.048  -4.988  -7.085  1.00 8.54  ? 35   PHE A CB  1 
ATOM   280  C  CG  . PHE A 1 37  ? -3.452  -5.286  -6.564  1.00 8.56  ? 35   PHE A CG  1 
ATOM   281  C  CD1 . PHE A 1 37  ? -4.075  -6.526  -6.810  1.00 8.05  ? 35   PHE A CD1 1 
ATOM   282  C  CD2 . PHE A 1 37  ? -4.130  -4.313  -5.807  1.00 10.28 ? 35   PHE A CD2 1 
ATOM   283  C  CE1 . PHE A 1 37  ? -5.360  -6.804  -6.314  1.00 8.80  ? 35   PHE A CE1 1 
ATOM   284  C  CE2 . PHE A 1 37  ? -5.433  -4.573  -5.289  1.00 8.69  ? 35   PHE A CE2 1 
ATOM   285  C  CZ  . PHE A 1 37  ? -6.048  -5.810  -5.564  1.00 9.68  ? 35   PHE A CZ  1 
ATOM   286  N  N   . ASP A 1 38  ? -3.678  -5.725  -10.033 1.00 8.38  ? 36   ASP A N   1 
ATOM   287  C  CA  . ASP A 1 38  ? -4.843  -5.313  -10.829 1.00 8.61  ? 36   ASP A CA  1 
ATOM   288  C  C   . ASP A 1 38  ? -6.001  -6.083  -10.200 1.00 8.96  ? 36   ASP A C   1 
ATOM   289  O  O   . ASP A 1 38  ? -6.111  -7.299  -10.347 1.00 8.92  ? 36   ASP A O   1 
ATOM   290  C  CB  . ASP A 1 38  ? -4.638  -5.725  -12.298 1.00 9.66  ? 36   ASP A CB  1 
ATOM   291  C  CG  . ASP A 1 38  ? -5.538  -4.956  -13.270 1.00 9.70  ? 36   ASP A CG  1 
ATOM   292  O  OD1 . ASP A 1 38  ? -6.192  -3.948  -12.861 1.00 10.96 ? 36   ASP A OD1 1 
ATOM   293  O  OD2 . ASP A 1 38  ? -5.562  -5.335  -14.474 1.00 11.00 ? 36   ASP A OD2 1 
ATOM   294  N  N   . GLY A 1 39  ? -6.815  -5.376  -9.412  1.00 8.90  ? 37   GLY A N   1 
ATOM   295  C  CA  . GLY A 1 39  ? -7.870  -6.066  -8.612  1.00 9.07  ? 37   GLY A CA  1 
ATOM   296  C  C   . GLY A 1 39  ? -9.043  -6.538  -9.475  1.00 9.74  ? 37   GLY A C   1 
ATOM   297  O  O   . GLY A 1 39  ? -9.235  -6.121  -10.612 1.00 9.46  ? 37   GLY A O   1 
ATOM   298  N  N   . PRO A 1 40  ? -9.846  -7.426  -8.910  1.00 10.26 ? 38   PRO A N   1 
ATOM   299  C  CA  . PRO A 1 40  ? -10.945 -8.039  -9.658  1.00 11.04 ? 38   PRO A CA  1 
ATOM   300  C  C   . PRO A 1 40  ? -12.125 -7.084  -9.887  1.00 12.38 ? 38   PRO A C   1 
ATOM   301  O  O   . PRO A 1 40  ? -12.970 -7.358  -10.755 1.00 14.47 ? 38   PRO A O   1 
ATOM   302  C  CB  . PRO A 1 40  ? -11.335 -9.203  -8.754  1.00 11.15 ? 38   PRO A CB  1 
ATOM   303  C  CG  . PRO A 1 40  ? -10.964 -8.774  -7.367  1.00 12.02 ? 38   PRO A CG  1 
ATOM   304  C  CD  . PRO A 1 40  ? -9.672  -7.997  -7.568  1.00 10.47 ? 38   PRO A CD  1 
ATOM   305  N  N   . THR A 1 41  ? -12.189 -6.000  -9.113  1.00 11.47 ? 39   THR A N   1 
ATOM   306  C  CA  . THR A 1 41  ? -13.275 -5.006  -9.236  1.00 12.03 ? 39   THR A CA  1 
ATOM   307  C  C   . THR A 1 41  ? -12.708 -3.605  -9.332  1.00 11.63 ? 39   THR A C   1 
ATOM   308  O  O   . THR A 1 41  ? -11.594 -3.346  -8.856  1.00 10.59 ? 39   THR A O   1 
ATOM   309  C  CB  . THR A 1 41  ? -14.225 -5.066  -8.006  1.00 13.29 ? 39   THR A CB  1 
ATOM   310  O  OG1 . THR A 1 41  ? -13.484 -4.836  -6.804  1.00 15.73 ? 39   THR A OG1 1 
ATOM   311  C  CG2 . THR A 1 41  ? -14.900 -6.465  -7.917  1.00 16.55 ? 39   THR A CG2 1 
ATOM   312  N  N   . ALA A 1 42  ? -13.477 -2.685  -9.914  1.00 10.00 ? 40   ALA A N   1 
ATOM   313  C  CA  . ALA A 1 42  ? -13.003 -1.300  -10.007 1.00 10.10 ? 40   ALA A CA  1 
ATOM   314  C  C   . ALA A 1 42  ? -12.864 -0.644  -8.650  1.00 9.92  ? 40   ALA A C   1 
ATOM   315  O  O   . ALA A 1 42  ? -11.935 0.157   -8.448  1.00 9.36  ? 40   ALA A O   1 
ATOM   316  C  CB  . ALA A 1 42  ? -13.962 -0.463  -10.886 1.00 11.53 ? 40   ALA A CB  1 
ATOM   317  N  N   . ASN A 1 43  ? -13.807 -0.943  -7.749  1.00 9.52  ? 41   ASN A N   1 
ATOM   318  C  CA  . ASN A 1 43  ? -13.843 -0.267  -6.467  1.00 9.43  ? 41   ASN A CA  1 
ATOM   319  C  C   . ASN A 1 43  ? -13.574 -1.229  -5.331  1.00 9.87  ? 41   ASN A C   1 
ATOM   320  O  O   . ASN A 1 43  ? -13.791 -2.453  -5.467  1.00 11.06 ? 41   ASN A O   1 
ATOM   321  C  CB  . ASN A 1 43  ? -15.250 0.313   -6.215  1.00 9.63  ? 41   ASN A CB  1 
ATOM   322  C  CG  . ASN A 1 43  ? -15.667 1.360   -7.233  1.00 10.73 ? 41   ASN A CG  1 
ATOM   323  O  OD1 . ASN A 1 43  ? -14.885 1.840   -8.072  1.00 11.19 ? 41   ASN A OD1 1 
ATOM   324  N  ND2 . ASN A 1 43  ? -16.963 1.713   -7.173  1.00 13.96 ? 41   ASN A ND2 1 
ATOM   325  N  N   . GLY A 1 44  ? -13.137 -0.674  -4.206  1.00 9.19  ? 42   GLY A N   1 
ATOM   326  C  CA  . GLY A 1 44  ? -13.067 -1.433  -2.955  1.00 9.04  ? 42   GLY A CA  1 
ATOM   327  C  C   . GLY A 1 44  ? -11.742 -2.149  -2.711  1.00 9.19  ? 42   GLY A C   1 
ATOM   328  O  O   . GLY A 1 44  ? -11.551 -2.750  -1.647  1.00 10.32 ? 42   GLY A O   1 
ATOM   329  N  N   . CYS A 1 45  ? -10.816 -2.093  -3.677  1.00 8.41  ? 43   CYS A N   1 
ATOM   330  C  CA  . CYS A 1 45  ? -9.592  -2.892  -3.539  1.00 8.37  ? 43   CYS A CA  1 
ATOM   331  C  C   . CYS A 1 45  ? -8.625  -2.298  -2.534  1.00 8.18  ? 43   CYS A C   1 
ATOM   332  O  O   . CYS A 1 45  ? -8.486  -1.085  -2.429  1.00 8.98  ? 43   CYS A O   1 
ATOM   333  C  CB  . CYS A 1 45  ? -8.887  -3.054  -4.898  1.00 7.79  ? 43   CYS A CB  1 
ATOM   334  S  SG  . CYS A 1 45  ? -9.879  -3.986  -6.105  1.00 11.00 ? 43   CYS A SG  1 
ATOM   335  N  N   . TRP A 1 46  ? -7.948  -3.167  -1.787  1.00 8.21  ? 44   TRP A N   1 
ATOM   336  C  CA  . TRP A 1 46  ? -6.962  -2.700  -0.829  1.00 7.95  ? 44   TRP A CA  1 
ATOM   337  C  C   . TRP A 1 46  ? -5.923  -3.779  -0.603  1.00 8.23  ? 44   TRP A C   1 
ATOM   338  O  O   . TRP A 1 46  ? -6.142  -4.955  -0.960  1.00 8.55  ? 44   TRP A O   1 
ATOM   339  C  CB  . TRP A 1 46  ? -7.623  -2.300  0.507   1.00 8.19  ? 44   TRP A CB  1 
ATOM   340  C  CG  . TRP A 1 46  ? -8.242  -3.448  1.263   1.00 9.67  ? 44   TRP A CG  1 
ATOM   341  C  CD1 . TRP A 1 46  ? -9.511  -3.951  1.097   1.00 10.88 ? 44   TRP A CD1 1 
ATOM   342  C  CD2 . TRP A 1 46  ? -7.617  -4.246  2.279   1.00 8.88  ? 44   TRP A CD2 1 
ATOM   343  N  NE1 . TRP A 1 46  ? -9.724  -5.007  1.971   1.00 12.69 ? 44   TRP A NE1 1 
ATOM   344  C  CE2 . TRP A 1 46  ? -8.574  -5.209  2.699   1.00 11.37 ? 44   TRP A CE2 1 
ATOM   345  C  CE3 . TRP A 1 46  ? -6.344  -4.236  2.895   1.00 9.69  ? 44   TRP A CE3 1 
ATOM   346  C  CZ2 . TRP A 1 46  ? -8.299  -6.154  3.719   1.00 11.78 ? 44   TRP A CZ2 1 
ATOM   347  C  CZ3 . TRP A 1 46  ? -6.076  -5.164  3.920   1.00 10.40 ? 44   TRP A CZ3 1 
ATOM   348  C  CH2 . TRP A 1 46  ? -7.052  -6.117  4.309   1.00 12.08 ? 44   TRP A CH2 1 
ATOM   349  N  N   . LEU A 1 47  ? -4.775  -3.377  -0.077  1.00 7.88  ? 45   LEU A N   1 
ATOM   350  C  CA  . LEU A 1 47  ? -3.712  -4.364  0.244   1.00 7.95  ? 45   LEU A CA  1 
ATOM   351  C  C   . LEU A 1 47  ? -2.795  -3.791  1.286   1.00 8.54  ? 45   LEU A C   1 
ATOM   352  O  O   . LEU A 1 47  ? -2.663  -2.551  1.421   1.00 8.36  ? 45   LEU A O   1 
ATOM   353  C  CB  . LEU A 1 47  ? -2.905  -4.762  -1.025  1.00 8.33  ? 45   LEU A CB  1 
ATOM   354  C  CG  . LEU A 1 47  ? -2.064  -3.677  -1.727  1.00 10.98 ? 45   LEU A CG  1 
ATOM   355  C  CD1 . LEU A 1 47  ? -1.376  -4.341  -2.932  1.00 12.07 ? 45   LEU A CD1 1 
ATOM   356  C  CD2 . LEU A 1 47  ? -2.834  -2.459  -2.188  1.00 13.96 ? 45   LEU A CD2 1 
ATOM   357  N  N   . GLY A 1 48  ? -2.103  -4.668  2.000   1.00 8.46  ? 46   GLY A N   1 
ATOM   358  C  CA  . GLY A 1 48  ? -1.226  -4.174  3.061   1.00 8.81  ? 46   GLY A CA  1 
ATOM   359  C  C   . GLY A 1 48  ? -0.548  -5.320  3.777   1.00 8.72  ? 46   GLY A C   1 
ATOM   360  O  O   . GLY A 1 48  ? -0.358  -6.392  3.189   1.00 9.20  ? 46   GLY A O   1 
ATOM   361  N  N   . LEU A 1 49  ? -0.171  -5.077  5.034   1.00 9.12  ? 47   LEU A N   1 
ATOM   362  C  CA  . LEU A 1 49  ? 0.579   -6.064  5.810   1.00 8.59  ? 47   LEU A CA  1 
ATOM   363  C  C   . LEU A 1 49  ? -0.017  -6.234  7.189   1.00 9.59  ? 47   LEU A C   1 
ATOM   364  O  O   . LEU A 1 49  ? -0.490  -5.262  7.797   1.00 8.70  ? 47   LEU A O   1 
ATOM   365  C  CB  . LEU A 1 49  ? 2.042   -5.629  6.011   1.00 10.08 ? 47   LEU A CB  1 
ATOM   366  C  CG  . LEU A 1 49  ? 2.856   -5.430  4.723   1.00 10.77 ? 47   LEU A CG  1 
ATOM   367  C  CD1 . LEU A 1 49  ? 4.204   -4.776  5.023   1.00 12.07 ? 47   LEU A CD1 1 
ATOM   368  C  CD2 . LEU A 1 49  ? 3.035   -6.791  4.034   1.00 10.98 ? 47   LEU A CD2 1 
ATOM   369  N  N   . ASP A 1 50  ? 0.053   -7.472  7.672   1.00 9.34  ? 48   ASP A N   1 
ATOM   370  C  CA  . ASP A 1 50  ? -0.139  -7.764  9.084   1.00 9.59  ? 48   ASP A CA  1 
ATOM   371  C  C   . ASP A 1 50  ? 1.264   -8.116  9.608   1.00 10.34 ? 48   ASP A C   1 
ATOM   372  O  O   . ASP A 1 50  ? 1.864   -9.113  9.163   1.00 11.60 ? 48   ASP A O   1 
ATOM   373  C  CB  . ASP A 1 50  ? -1.098  -8.958  9.225   1.00 10.38 ? 48   ASP A CB  1 
ATOM   374  C  CG  . ASP A 1 50  ? -1.225  -9.471  10.677  1.00 10.72 ? 48   ASP A CG  1 
ATOM   375  O  OD1 . ASP A 1 50  ? -0.589  -8.909  11.583  1.00 12.03 ? 48   ASP A OD1 1 
ATOM   376  O  OD2 . ASP A 1 50  ? -1.995  -10.449 10.869  1.00 14.34 ? 48   ASP A OD2 1 
ATOM   377  N  N   . PHE A 1 51  ? 1.765   -7.304  10.528  1.00 10.79 ? 49   PHE A N   1 
ATOM   378  C  CA  . PHE A 1 51  ? 3.133   -7.498  11.056  1.00 11.57 ? 49   PHE A CA  1 
ATOM   379  C  C   . PHE A 1 51  ? 3.210   -8.715  11.978  1.00 13.58 ? 49   PHE A C   1 
ATOM   380  O  O   . PHE A 1 51  ? 4.324   -9.185  12.273  1.00 15.44 ? 49   PHE A O   1 
ATOM   381  C  CB  . PHE A 1 51  ? 3.633   -6.245  11.771  1.00 11.15 ? 49   PHE A CB  1 
ATOM   382  C  CG  . PHE A 1 51  ? 3.723   -5.028  10.886  1.00 10.67 ? 49   PHE A CG  1 
ATOM   383  C  CD1 . PHE A 1 51  ? 4.371   -5.095  9.644   1.00 11.79 ? 49   PHE A CD1 1 
ATOM   384  C  CD2 . PHE A 1 51  ? 3.181   -3.811  11.302  1.00 11.12 ? 49   PHE A CD2 1 
ATOM   385  C  CE1 . PHE A 1 51  ? 4.459   -3.950  8.818   1.00 12.13 ? 49   PHE A CE1 1 
ATOM   386  C  CE2 . PHE A 1 51  ? 3.293   -2.653  10.504  1.00 13.44 ? 49   PHE A CE2 1 
ATOM   387  C  CZ  . PHE A 1 51  ? 3.923   -2.731  9.250   1.00 12.10 ? 49   PHE A CZ  1 
ATOM   388  N  N   . GLY A 1 52  ? 2.046   -9.215  12.393  1.00 13.65 ? 50   GLY A N   1 
ATOM   389  C  CA  . GLY A 1 52  ? 1.937   -10.414 13.232  1.00 14.75 ? 50   GLY A CA  1 
ATOM   390  C  C   . GLY A 1 52  ? 1.426   -10.119 14.638  1.00 15.01 ? 50   GLY A C   1 
ATOM   391  O  O   . GLY A 1 52  ? 1.543   -9.002  15.144  1.00 14.87 ? 50   GLY A O   1 
ATOM   392  N  N   . GLU A 1 53  ? 0.846   -11.143 15.252  1.00 17.36 ? 51   GLU A N   1 
ATOM   393  C  CA  . GLU A 1 53  ? 0.380   -11.064 16.626  1.00 20.42 ? 51   GLU A CA  1 
ATOM   394  C  C   . GLU A 1 53  ? 1.456   -10.538 17.543  1.00 20.27 ? 51   GLU A C   1 
ATOM   395  O  O   . GLU A 1 53  ? 2.595   -11.008 17.490  1.00 20.91 ? 51   GLU A O   1 
ATOM   396  C  CB  . GLU A 1 53  ? 0.072   -12.473 17.118  1.00 21.57 ? 51   GLU A CB  1 
ATOM   397  C  CG  . GLU A 1 53  ? -1.299  -12.969 16.945  1.00 28.87 ? 51   GLU A CG  1 
ATOM   398  C  CD  . GLU A 1 53  ? -1.484  -14.258 17.758  1.00 36.35 ? 51   GLU A CD  1 
ATOM   399  O  OE1 . GLU A 1 53  ? -1.596  -14.172 19.000  1.00 39.41 ? 51   GLU A OE1 1 
ATOM   400  O  OE2 . GLU A 1 53  ? -1.446  -15.352 17.165  1.00 40.58 ? 51   GLU A OE2 1 
ATOM   401  N  N   . GLY A 1 54  ? 1.101   -9.557  18.363  1.00 20.75 ? 52   GLY A N   1 
ATOM   402  C  CA  . GLY A 1 54  ? 2.062   -8.943  19.284  1.00 21.89 ? 52   GLY A CA  1 
ATOM   403  C  C   . GLY A 1 54  ? 3.158   -8.077  18.690  1.00 21.76 ? 52   GLY A C   1 
ATOM   404  O  O   . GLY A 1 54  ? 4.048   -7.611  19.411  1.00 22.91 ? 52   GLY A O   1 
ATOM   405  N  N   . VAL A 1 55  ? 3.120   -7.852  17.375  1.00 19.64 ? 53   VAL A N   1 
ATOM   406  C  CA  . VAL A 1 55  ? 4.126   -7.010  16.738  1.00 18.36 ? 53   VAL A CA  1 
ATOM   407  C  C   . VAL A 1 55  ? 3.460   -5.689  16.359  1.00 17.61 ? 53   VAL A C   1 
ATOM   408  O  O   . VAL A 1 55  ? 2.397   -5.695  15.725  1.00 19.16 ? 53   VAL A O   1 
ATOM   409  C  CB  . VAL A 1 55  ? 4.683   -7.677  15.448  1.00 18.43 ? 53   VAL A CB  1 
ATOM   410  C  CG1 . VAL A 1 55  ? 5.704   -6.777  14.792  1.00 18.32 ? 53   VAL A CG1 1 
ATOM   411  C  CG2 . VAL A 1 55  ? 5.319   -9.046  15.769  1.00 19.80 ? 53   VAL A CG2 1 
ATOM   412  N  N   . ARG A 1 56  ? 4.054   -4.582  16.781  1.00 15.97 ? 54   ARG A N   1 
ATOM   413  C  CA  A ARG A 1 56  ? 3.567   -3.245  16.424  0.50 15.77 ? 54   ARG A CA  1 
ATOM   414  C  CA  B ARG A 1 56  ? 3.569   -3.254  16.411  0.50 15.92 ? 54   ARG A CA  1 
ATOM   415  C  C   . ARG A 1 56  ? 4.740   -2.395  15.978  1.00 15.54 ? 54   ARG A C   1 
ATOM   416  O  O   . ARG A 1 56  ? 5.791   -2.367  16.656  1.00 16.09 ? 54   ARG A O   1 
ATOM   417  C  CB  A ARG A 1 56  ? 2.879   -2.560  17.611  0.50 15.99 ? 54   ARG A CB  1 
ATOM   418  C  CB  B ARG A 1 56  ? 2.825   -2.594  17.577  0.50 16.39 ? 54   ARG A CB  1 
ATOM   419  C  CG  A ARG A 1 56  ? 1.439   -3.041  17.884  0.50 16.81 ? 54   ARG A CG  1 
ATOM   420  C  CG  B ARG A 1 56  ? 1.552   -3.367  17.967  0.50 17.55 ? 54   ARG A CG  1 
ATOM   421  C  CD  A ARG A 1 56  ? 0.904   -2.386  19.158  0.50 17.92 ? 54   ARG A CD  1 
ATOM   422  C  CD  B ARG A 1 56  ? 0.679   -2.612  18.957  0.50 21.67 ? 54   ARG A CD  1 
ATOM   423  N  NE  A ARG A 1 56  ? 1.610   -2.922  20.315  0.50 19.95 ? 54   ARG A NE  1 
ATOM   424  N  NE  B ARG A 1 56  ? -0.524  -3.394  19.245  0.50 27.03 ? 54   ARG A NE  1 
ATOM   425  C  CZ  A ARG A 1 56  ? 1.262   -4.033  20.954  0.50 22.85 ? 54   ARG A CZ  1 
ATOM   426  C  CZ  B ARG A 1 56  ? -0.591  -4.359  20.161  0.50 27.37 ? 54   ARG A CZ  1 
ATOM   427  N  NH1 A ARG A 1 56  ? 0.184   -4.716  20.570  0.50 24.52 ? 54   ARG A NH1 1 
ATOM   428  N  NH1 B ARG A 1 56  ? 0.464   -4.657  20.904  0.50 30.48 ? 54   ARG A NH1 1 
ATOM   429  N  NH2 A ARG A 1 56  ? 1.987   -4.461  21.985  0.50 23.13 ? 54   ARG A NH2 1 
ATOM   430  N  NH2 B ARG A 1 56  ? -1.724  -5.024  20.333  0.50 28.07 ? 54   ARG A NH2 1 
ATOM   431  N  N   . ASN A 1 57  ? 4.582   -1.714  14.854  1.00 13.56 ? 55   ASN A N   1 
ATOM   432  C  CA  . ASN A 1 57  ? 5.635   -0.823  14.374  1.00 12.73 ? 55   ASN A CA  1 
ATOM   433  C  C   . ASN A 1 57  ? 5.128   0.576   14.278  1.00 12.92 ? 55   ASN A C   1 
ATOM   434  O  O   . ASN A 1 57  ? 3.961   0.797   13.928  1.00 13.33 ? 55   ASN A O   1 
ATOM   435  C  CB  . ASN A 1 57  ? 6.101   -1.251  12.958  1.00 12.54 ? 55   ASN A CB  1 
ATOM   436  C  CG  . ASN A 1 57  ? 6.875   -2.555  12.971  1.00 13.82 ? 55   ASN A CG  1 
ATOM   437  O  OD1 . ASN A 1 57  ? 7.839   -2.698  13.719  1.00 16.46 ? 55   ASN A OD1 1 
ATOM   438  N  ND2 . ASN A 1 57  ? 6.449   -3.523  12.159  1.00 12.92 ? 55   ASN A ND2 1 
ATOM   439  N  N   . VAL A 1 58  ? 5.999   1.541   14.566  1.00 11.92 ? 56   VAL A N   1 
ATOM   440  C  CA  . VAL A 1 58  ? 5.757   2.936   14.288  1.00 12.34 ? 56   VAL A CA  1 
ATOM   441  C  C   . VAL A 1 58  ? 6.212   3.135   12.841  1.00 12.90 ? 56   VAL A C   1 
ATOM   442  O  O   . VAL A 1 58  ? 7.325   2.725   12.481  1.00 14.23 ? 56   VAL A O   1 
ATOM   443  C  CB  . VAL A 1 58  ? 6.591   3.818   15.240  1.00 12.98 ? 56   VAL A CB  1 
ATOM   444  C  CG1 . VAL A 1 58  ? 6.472   5.266   14.877  1.00 14.61 ? 56   VAL A CG1 1 
ATOM   445  C  CG2 . VAL A 1 58  ? 6.129   3.553   16.705  1.00 14.34 ? 56   VAL A CG2 1 
ATOM   446  N  N   . ILE A 1 59  ? 5.336   3.717   12.030  1.00 12.01 ? 57   ILE A N   1 
ATOM   447  C  CA  . ILE A 1 59  ? 5.620   3.936   10.610  1.00 11.78 ? 57   ILE A CA  1 
ATOM   448  C  C   . ILE A 1 59  ? 6.250   5.312   10.421  1.00 12.39 ? 57   ILE A C   1 
ATOM   449  O  O   . ILE A 1 59  ? 5.705   6.329   10.859  1.00 13.77 ? 57   ILE A O   1 
ATOM   450  C  CB  . ILE A 1 59  ? 4.308   3.849   9.806   1.00 10.86 ? 57   ILE A CB  1 
ATOM   451  C  CG1 . ILE A 1 59  ? 3.596   2.503   10.078  1.00 10.48 ? 57   ILE A CG1 1 
ATOM   452  C  CG2 . ILE A 1 59  ? 4.597   4.082   8.291   1.00 11.48 ? 57   ILE A CG2 1 
ATOM   453  C  CD1 . ILE A 1 59  ? 4.413   1.240   9.772   1.00 10.75 ? 57   ILE A CD1 1 
ATOM   454  N  N   . THR A 1 60  ? 7.416   5.352   9.771   1.00 12.77 ? 58   THR A N   1 
ATOM   455  C  CA  . THR A 1 60  ? 8.118   6.618   9.559   1.00 13.64 ? 58   THR A CA  1 
ATOM   456  C  C   . THR A 1 60  ? 8.151   7.078   8.102   1.00 13.90 ? 58   THR A C   1 
ATOM   457  O  O   . THR A 1 60  ? 8.381   8.256   7.811   1.00 14.65 ? 58   THR A O   1 
ATOM   458  C  CB  . THR A 1 60  ? 9.576   6.517   10.079  1.00 13.52 ? 58   THR A CB  1 
ATOM   459  O  OG1 . THR A 1 60  ? 10.217  5.403   9.463   1.00 15.06 ? 58   THR A OG1 1 
ATOM   460  C  CG2 . THR A 1 60  ? 9.556   6.288   11.608  1.00 15.06 ? 58   THR A CG2 1 
ATOM   461  N  N   . GLN A 1 61  ? 7.914   6.148   7.179   1.00 13.72 ? 59   GLN A N   1 
ATOM   462  C  CA  . GLN A 1 61  ? 7.999   6.470   5.758   1.00 12.01 ? 59   GLN A CA  1 
ATOM   463  C  C   . GLN A 1 61  ? 7.221   5.407   5.000   1.00 11.36 ? 59   GLN A C   1 
ATOM   464  O  O   . GLN A 1 61  ? 7.188   4.243   5.412   1.00 10.92 ? 59   GLN A O   1 
ATOM   465  C  CB  . GLN A 1 61  ? 9.475   6.382   5.336   1.00 14.21 ? 59   GLN A CB  1 
ATOM   466  C  CG  . GLN A 1 61  ? 9.838   6.927   4.015   1.00 20.64 ? 59   GLN A CG  1 
ATOM   467  C  CD  . GLN A 1 61  ? 11.356  6.790   3.803   1.00 28.73 ? 59   GLN A CD  1 
ATOM   468  O  OE1 . GLN A 1 61  ? 12.051  6.191   4.636   1.00 35.47 ? 59   GLN A OE1 1 
ATOM   469  N  NE2 . GLN A 1 61  ? 11.870  7.346   2.721   1.00 31.52 ? 59   GLN A NE2 1 
ATOM   470  N  N   . ILE A 1 62  ? 6.600   5.827   3.898   1.00 9.77  ? 60   ILE A N   1 
ATOM   471  C  CA  . ILE A 1 62  ? 5.936   4.887   2.973   1.00 10.44 ? 60   ILE A CA  1 
ATOM   472  C  C   . ILE A 1 62  ? 6.488   5.173   1.595   1.00 9.84  ? 60   ILE A C   1 
ATOM   473  O  O   . ILE A 1 62  ? 6.698   6.329   1.236   1.00 10.61 ? 60   ILE A O   1 
ATOM   474  C  CB  . ILE A 1 62  ? 4.422   5.118   2.970   1.00 10.00 ? 60   ILE A CB  1 
ATOM   475  C  CG1 . ILE A 1 62  ? 3.863   4.773   4.360   1.00 11.13 ? 60   ILE A CG1 1 
ATOM   476  C  CG2 . ILE A 1 62  ? 3.720   4.208   1.926   1.00 10.99 ? 60   ILE A CG2 1 
ATOM   477  C  CD1 . ILE A 1 62  ? 2.354   5.208   4.534   1.00 13.59 ? 60   ILE A CD1 1 
ATOM   478  N  N   . LYS A 1 63  ? 6.736   4.126   0.819   1.00 9.82  ? 61   LYS A N   1 
ATOM   479  C  CA  . LYS A 1 63  ? 7.117   4.338   -0.587  1.00 9.70  ? 61   LYS A CA  1 
ATOM   480  C  C   . LYS A 1 63  ? 6.206   3.558   -1.484  1.00 10.04 ? 61   LYS A C   1 
ATOM   481  O  O   . LYS A 1 63  ? 5.777   2.443   -1.136  1.00 11.40 ? 61   LYS A O   1 
ATOM   482  C  CB  . LYS A 1 63  ? 8.551   3.847   -0.836  1.00 9.58  ? 61   LYS A CB  1 
ATOM   483  C  CG  . LYS A 1 63  ? 9.617   4.580   0.014   1.00 10.82 ? 61   LYS A CG  1 
ATOM   484  C  CD  . LYS A 1 63  ? 11.010  4.062   -0.350  1.00 11.64 ? 61   LYS A CD  1 
ATOM   485  C  CE  . LYS A 1 63  ? 12.041  4.540   0.670   1.00 15.07 ? 61   LYS A CE  1 
ATOM   486  N  NZ  . LYS A 1 63  ? 13.416  3.974   0.328   1.00 17.16 ? 61   LYS A NZ  1 
ATOM   487  N  N   . PHE A 1 64  ? 5.892   4.140   -2.638  1.00 9.18  ? 62   PHE A N   1 
ATOM   488  C  CA  . PHE A 1 64  ? 4.978   3.461   -3.558  1.00 9.56  ? 62   PHE A CA  1 
ATOM   489  C  C   . PHE A 1 64  ? 5.327   3.777   -4.996  1.00 8.88  ? 62   PHE A C   1 
ATOM   490  O  O   . PHE A 1 64  ? 5.897   4.829   -5.286  1.00 9.75  ? 62   PHE A O   1 
ATOM   491  C  CB  . PHE A 1 64  ? 3.503   3.830   -3.250  1.00 10.32 ? 62   PHE A CB  1 
ATOM   492  C  CG  . PHE A 1 64  ? 3.227   5.311   -3.246  1.00 10.88 ? 62   PHE A CG  1 
ATOM   493  C  CD1 . PHE A 1 64  ? 3.374   6.048   -2.074  1.00 12.02 ? 62   PHE A CD1 1 
ATOM   494  C  CD2 . PHE A 1 64  ? 2.825   5.959   -4.431  1.00 13.28 ? 62   PHE A CD2 1 
ATOM   495  C  CE1 . PHE A 1 64  ? 3.138   7.436   -2.071  1.00 12.37 ? 62   PHE A CE1 1 
ATOM   496  C  CE2 . PHE A 1 64  ? 2.574   7.344   -4.431  1.00 13.83 ? 62   PHE A CE2 1 
ATOM   497  C  CZ  . PHE A 1 64  ? 2.729   8.067   -3.256  1.00 13.50 ? 62   PHE A CZ  1 
ATOM   498  N  N   . CYS A 1 65  ? 4.933   2.887   -5.897  1.00 8.02  ? 63   CYS A N   1 
ATOM   499  C  CA  . CYS A 1 65  ? 5.108   3.133   -7.333  1.00 8.45  ? 63   CYS A CA  1 
ATOM   500  C  C   . CYS A 1 65  ? 3.778   2.793   -7.991  1.00 9.00  ? 63   CYS A C   1 
ATOM   501  O  O   . CYS A 1 65  ? 3.216   1.729   -7.706  1.00 8.35  ? 63   CYS A O   1 
ATOM   502  C  CB  . CYS A 1 65  ? 6.179   2.171   -7.860  1.00 8.69  ? 63   CYS A CB  1 
ATOM   503  S  SG  . CYS A 1 65  ? 6.464   2.344   -9.680  1.00 10.07 ? 63   CYS A SG  1 
ATOM   504  N  N   . PRO A 1 66  ? 3.276   3.661   -8.873  1.00 8.92  ? 64   PRO A N   1 
ATOM   505  C  CA  . PRO A 1 66  ? 2.003   3.369   -9.563  1.00 9.05  ? 64   PRO A CA  1 
ATOM   506  C  C   . PRO A 1 66  ? 2.179   2.293   -10.636 1.00 9.72  ? 64   PRO A C   1 
ATOM   507  O  O   . PRO A 1 66  ? 3.309   2.009   -11.072 1.00 9.71  ? 64   PRO A O   1 
ATOM   508  C  CB  . PRO A 1 66  ? 1.648   4.707   -10.228 1.00 9.44  ? 64   PRO A CB  1 
ATOM   509  C  CG  . PRO A 1 66  ? 3.043   5.342   -10.491 1.00 10.68 ? 64   PRO A CG  1 
ATOM   510  C  CD  . PRO A 1 66  ? 3.864   4.955   -9.280  1.00 9.96  ? 64   PRO A CD  1 
ATOM   511  N  N   . ARG A 1 67  ? 1.066   1.709   -11.077 1.00 9.35  ? 65   ARG A N   1 
ATOM   512  C  CA  . ARG A 1 67  ? 1.089   0.894   -12.290 1.00 9.90  ? 65   ARG A CA  1 
ATOM   513  C  C   . ARG A 1 67  ? 1.398   1.800   -13.470 1.00 10.41 ? 65   ARG A C   1 
ATOM   514  O  O   . ARG A 1 67  ? 0.741   2.806   -13.685 1.00 11.13 ? 65   ARG A O   1 
ATOM   515  C  CB  . ARG A 1 67  ? -0.292  0.265   -12.491 1.00 9.50  ? 65   ARG A CB  1 
ATOM   516  C  CG  . ARG A 1 67  ? -0.402  -0.514  -13.788 1.00 10.54 ? 65   ARG A CG  1 
ATOM   517  C  CD  . ARG A 1 67  ? -1.839  -1.011  -13.962 1.00 9.85  ? 65   ARG A CD  1 
ATOM   518  N  NE  . ARG A 1 67  ? -1.971  -1.779  -15.209 1.00 11.22 ? 65   ARG A NE  1 
ATOM   519  C  CZ  . ARG A 1 67  ? -3.135  -2.265  -15.642 1.00 12.89 ? 65   ARG A CZ  1 
ATOM   520  N  NH1 . ARG A 1 67  ? -4.280  -2.010  -14.969 1.00 10.75 ? 65   ARG A NH1 1 
ATOM   521  N  NH2 . ARG A 1 67  ? -3.165  -2.963  -16.781 1.00 14.30 ? 65   ARG A NH2 1 
ATOM   522  N  N   . SER A 1 68  ? 2.375   1.376   -14.271 1.00 10.92 ? 66   SER A N   1 
ATOM   523  C  CA  A SER A 1 68  ? 2.775   2.113   -15.467 0.50 11.43 ? 66   SER A CA  1 
ATOM   524  C  CA  B SER A 1 68  ? 2.762   2.132   -15.449 0.50 12.43 ? 66   SER A CA  1 
ATOM   525  C  C   . SER A 1 68  ? 1.580   2.345   -16.379 1.00 12.27 ? 66   SER A C   1 
ATOM   526  O  O   . SER A 1 68  ? 0.891   1.391   -16.752 1.00 13.10 ? 66   SER A O   1 
ATOM   527  C  CB  A SER A 1 68  ? 3.834   1.309   -16.238 0.50 11.58 ? 66   SER A CB  1 
ATOM   528  C  CB  B SER A 1 68  ? 3.872   1.376   -16.173 0.50 12.87 ? 66   SER A CB  1 
ATOM   529  O  OG  A SER A 1 68  ? 4.301   2.066   -17.348 0.50 10.38 ? 66   SER A OG  1 
ATOM   530  O  OG  B SER A 1 68  ? 5.076   1.580   -15.474 0.50 17.67 ? 66   SER A OG  1 
ATOM   531  N  N   . GLY A 1 69  ? 1.361   3.607   -16.745 1.00 12.88 ? 67   GLY A N   1 
ATOM   532  C  CA  . GLY A 1 69  ? 0.267   3.987   -17.635 1.00 13.77 ? 67   GLY A CA  1 
ATOM   533  C  C   . GLY A 1 69  ? -1.057  4.237   -16.940 1.00 14.23 ? 67   GLY A C   1 
ATOM   534  O  O   . GLY A 1 69  ? -2.037  4.663   -17.590 1.00 15.51 ? 67   GLY A O   1 
ATOM   535  N  N   . TYR A 1 70  ? -1.089  3.944   -15.638 1.00 12.84 ? 68   TYR A N   1 
ATOM   536  C  CA  . TYR A 1 70  ? -2.324  4.089   -14.848 1.00 11.99 ? 68   TYR A CA  1 
ATOM   537  C  C   . TYR A 1 70  ? -2.023  4.857   -13.560 1.00 12.03 ? 68   TYR A C   1 
ATOM   538  O  O   . TYR A 1 70  ? -2.640  4.624   -12.508 1.00 11.70 ? 68   TYR A O   1 
ATOM   539  C  CB  . TYR A 1 70  ? -2.901  2.704   -14.519 1.00 12.07 ? 68   TYR A CB  1 
ATOM   540  C  CG  . TYR A 1 70  ? -3.470  1.969   -15.726 1.00 13.74 ? 68   TYR A CG  1 
ATOM   541  C  CD1 . TYR A 1 70  ? -2.651  1.173   -16.532 1.00 14.04 ? 68   TYR A CD1 1 
ATOM   542  C  CD2 . TYR A 1 70  ? -4.816  2.068   -16.042 1.00 15.11 ? 68   TYR A CD2 1 
ATOM   543  C  CE1 . TYR A 1 70  ? -3.178  0.474   -17.622 1.00 16.71 ? 68   TYR A CE1 1 
ATOM   544  C  CE2 . TYR A 1 70  ? -5.352  1.365   -17.125 1.00 18.52 ? 68   TYR A CE2 1 
ATOM   545  C  CZ  . TYR A 1 70  ? -4.528  0.583   -17.903 1.00 19.76 ? 68   TYR A CZ  1 
ATOM   546  O  OH  . TYR A 1 70  ? -5.081  -0.090  -18.987 1.00 23.54 ? 68   TYR A OH  1 
ATOM   547  N  N   . GLU A 1 71  ? -1.107  5.820   -13.649 1.00 11.54 ? 69   GLU A N   1 
ATOM   548  C  CA  . GLU A 1 71  ? -0.653  6.581   -12.472 1.00 11.89 ? 69   GLU A CA  1 
ATOM   549  C  C   . GLU A 1 71  ? -1.791  7.393   -11.828 1.00 10.78 ? 69   GLU A C   1 
ATOM   550  O  O   . GLU A 1 71  ? -1.841  7.555   -10.595 1.00 10.79 ? 69   GLU A O   1 
ATOM   551  C  CB  . GLU A 1 71  ? 0.502   7.512   -12.886 1.00 11.79 ? 69   GLU A CB  1 
ATOM   552  C  CG  . GLU A 1 71  ? 1.721   6.723   -13.448 1.00 12.67 ? 69   GLU A CG  1 
ATOM   553  C  CD  . GLU A 1 71  ? 1.640   6.410   -14.959 1.00 15.70 ? 69   GLU A CD  1 
ATOM   554  O  OE1 . GLU A 1 71  ? 0.638   6.713   -15.642 1.00 14.79 ? 69   GLU A OE1 1 
ATOM   555  O  OE2 . GLU A 1 71  ? 2.628   5.847   -15.478 1.00 16.45 ? 69   GLU A OE2 1 
ATOM   556  N  N   . GLN A 1 72  ? -2.726  7.867   -12.653 1.00 11.63 ? 70   GLN A N   1 
ATOM   557  C  CA  A GLN A 1 72  ? -3.828  8.663   -12.147 0.50 11.54 ? 70   GLN A CA  1 
ATOM   558  C  CA  B GLN A 1 72  ? -3.851  8.658   -12.145 0.50 11.79 ? 70   GLN A CA  1 
ATOM   559  C  C   . GLN A 1 72  ? -4.733  7.850   -11.201 1.00 11.51 ? 70   GLN A C   1 
ATOM   560  O  O   . GLN A 1 72  ? -5.418  8.433   -10.353 1.00 10.52 ? 70   GLN A O   1 
ATOM   561  C  CB  A GLN A 1 72  ? -4.619  9.297   -13.315 0.50 12.55 ? 70   GLN A CB  1 
ATOM   562  C  CB  B GLN A 1 72  ? -4.719  9.226   -13.287 0.50 12.81 ? 70   GLN A CB  1 
ATOM   563  C  CG  A GLN A 1 72  ? -5.505  8.349   -14.134 0.50 14.46 ? 70   GLN A CG  1 
ATOM   564  C  CG  B GLN A 1 72  ? -5.897  10.082  -12.822 0.50 16.15 ? 70   GLN A CG  1 
ATOM   565  C  CD  A GLN A 1 72  ? -4.762  7.259   -14.940 0.50 17.34 ? 70   GLN A CD  1 
ATOM   566  C  CD  B GLN A 1 72  ? -7.191  9.290   -12.622 0.50 20.06 ? 70   GLN A CD  1 
ATOM   567  O  OE1 A GLN A 1 72  ? -3.582  7.409   -15.329 0.50 18.65 ? 70   GLN A OE1 1 
ATOM   568  O  OE1 B GLN A 1 72  ? -8.172  9.801   -12.043 0.50 22.26 ? 70   GLN A OE1 1 
ATOM   569  N  NE2 A GLN A 1 72  ? -5.471  6.161   -15.217 0.50 16.67 ? 70   GLN A NE2 1 
ATOM   570  N  NE2 B GLN A 1 72  ? -7.199  8.034   -13.093 0.50 20.52 ? 70   GLN A NE2 1 
ATOM   571  N  N   . ARG A 1 73  ? -4.705  6.530   -11.350 1.00 9.77  ? 71   ARG A N   1 
ATOM   572  C  CA  . ARG A 1 73  ? -5.528  5.640   -10.497 1.00 9.73  ? 71   ARG A CA  1 
ATOM   573  C  C   . ARG A 1 73  ? -5.078  5.602   -9.040  1.00 9.91  ? 71   ARG A C   1 
ATOM   574  O  O   . ARG A 1 73  ? -5.797  5.037   -8.198  1.00 9.71  ? 71   ARG A O   1 
ATOM   575  C  CB  . ARG A 1 73  ? -5.590  4.217   -11.064 1.00 9.54  ? 71   ARG A CB  1 
ATOM   576  C  CG  . ARG A 1 73  ? -6.472  4.138   -12.300 1.00 9.92  ? 71   ARG A CG  1 
ATOM   577  C  CD  . ARG A 1 73  ? -6.552  2.694   -12.803 1.00 9.28  ? 71   ARG A CD  1 
ATOM   578  N  NE  . ARG A 1 73  ? -7.534  2.591   -13.881 1.00 11.29 ? 71   ARG A NE  1 
ATOM   579  C  CZ  . ARG A 1 73  ? -7.883  1.418   -14.418 1.00 12.65 ? 71   ARG A CZ  1 
ATOM   580  N  NH1 . ARG A 1 73  ? -7.323  0.269   -13.991 1.00 11.47 ? 71   ARG A NH1 1 
ATOM   581  N  NH2 . ARG A 1 73  ? -8.839  1.393   -15.360 1.00 15.34 ? 71   ARG A NH2 1 
ATOM   582  N  N   . MET A 1 74  ? -3.958  6.252   -8.722  1.00 9.05  ? 72   MET A N   1 
ATOM   583  C  CA  . MET A 1 74  ? -3.555  6.365   -7.310  1.00 8.94  ? 72   MET A CA  1 
ATOM   584  C  C   . MET A 1 74  ? -4.038  7.641   -6.636  1.00 9.07  ? 72   MET A C   1 
ATOM   585  O  O   . MET A 1 74  ? -3.985  7.736   -5.407  1.00 9.58  ? 72   MET A O   1 
ATOM   586  C  CB  . MET A 1 74  ? -2.022  6.278   -7.136  1.00 8.96  ? 72   MET A CB  1 
ATOM   587  C  CG  . MET A 1 74  ? -1.479  4.916   -7.584  1.00 9.52  ? 72   MET A CG  1 
ATOM   588  S  SD  . MET A 1 74  ? 0.142   4.583   -6.833  1.00 10.23 ? 72   MET A SD  1 
ATOM   589  C  CE  . MET A 1 74  ? -0.376  4.088   -5.144  1.00 9.77  ? 72   MET A CE  1 
ATOM   590  N  N   . ILE A 1 75  ? -4.460  8.635   -7.427  1.00 9.66  ? 73   ILE A N   1 
ATOM   591  C  CA  . ILE A 1 75  ? -4.813  9.914   -6.803  1.00 9.91  ? 73   ILE A CA  1 
ATOM   592  C  C   . ILE A 1 75  ? -6.073  9.728   -5.961  1.00 9.58  ? 73   ILE A C   1 
ATOM   593  O  O   . ILE A 1 75  ? -7.057  9.147   -6.421  1.00 10.07 ? 73   ILE A O   1 
ATOM   594  C  CB  . ILE A 1 75  ? -5.027  11.014  -7.875  1.00 11.10 ? 73   ILE A CB  1 
ATOM   595  C  CG1 . ILE A 1 75  ? -3.710  11.205  -8.625  1.00 13.01 ? 73   ILE A CG1 1 
ATOM   596  C  CG2 . ILE A 1 75  ? -5.369  12.343  -7.175  1.00 12.44 ? 73   ILE A CG2 1 
ATOM   597  C  CD1 . ILE A 1 75  ? -3.853  12.184  -9.824  1.00 15.60 ? 73   ILE A CD1 1 
ATOM   598  N  N   . GLY A 1 76  ? -5.998  10.205  -4.722  1.00 9.35  ? 74   GLY A N   1 
ATOM   599  C  CA  . GLY A 1 76  ? -7.058  9.969   -3.742  1.00 10.57 ? 74   GLY A CA  1 
ATOM   600  C  C   . GLY A 1 76  ? -6.906  8.692   -2.916  1.00 10.02 ? 74   GLY A C   1 
ATOM   601  O  O   . GLY A 1 76  ? -7.639  8.482   -1.938  1.00 11.32 ? 74   GLY A O   1 
ATOM   602  N  N   . GLY A 1 77  ? -5.972  7.822   -3.298  1.00 9.43  ? 75   GLY A N   1 
ATOM   603  C  CA  . GLY A 1 77  ? -5.696  6.662   -2.427  1.00 8.60  ? 75   GLY A CA  1 
ATOM   604  C  C   . GLY A 1 77  ? -5.153  7.131   -1.085  1.00 9.29  ? 75   GLY A C   1 
ATOM   605  O  O   . GLY A 1 77  ? -4.472  8.175   -0.984  1.00 10.02 ? 75   GLY A O   1 
ATOM   606  N  N   . ILE A 1 78  ? -5.424  6.347   -0.043  1.00 8.76  ? 76   ILE A N   1 
ATOM   607  C  CA  . ILE A 1 78  ? -4.893  6.682   1.276   1.00 8.19  ? 76   ILE A CA  1 
ATOM   608  C  C   . ILE A 1 78  ? -4.149  5.491   1.870   1.00 8.56  ? 76   ILE A C   1 
ATOM   609  O  O   . ILE A 1 78  ? -4.363  4.341   1.458   1.00 8.51  ? 76   ILE A O   1 
ATOM   610  C  CB  . ILE A 1 78  ? -6.001  7.118   2.290   1.00 8.41  ? 76   ILE A CB  1 
ATOM   611  C  CG1 . ILE A 1 78  ? -6.958  5.961   2.633   1.00 8.70  ? 76   ILE A CG1 1 
ATOM   612  C  CG2 . ILE A 1 78  ? -6.730  8.374   1.785   1.00 10.48 ? 76   ILE A CG2 1 
ATOM   613  C  CD1 . ILE A 1 78  ? -7.876  6.314   3.849   1.00 9.03  ? 76   ILE A CD1 1 
ATOM   614  N  N   . PHE A 1 79  ? -3.259  5.785   2.818   1.00 7.96  ? 77   PHE A N   1 
ATOM   615  C  CA  . PHE A 1 79  ? -2.572  4.742   3.584   1.00 7.86  ? 77   PHE A CA  1 
ATOM   616  C  C   . PHE A 1 79  ? -3.063  4.855   5.005   1.00 8.84  ? 77   PHE A C   1 
ATOM   617  O  O   . PHE A 1 79  ? -3.190  5.968   5.528   1.00 9.67  ? 77   PHE A O   1 
ATOM   618  C  CB  . PHE A 1 79  ? -1.055  4.969   3.530   1.00 8.90  ? 77   PHE A CB  1 
ATOM   619  C  CG  . PHE A 1 79  ? -0.506  4.929   2.121   1.00 8.40  ? 77   PHE A CG  1 
ATOM   620  C  CD1 . PHE A 1 79  ? -0.180  3.711   1.530   1.00 9.73  ? 77   PHE A CD1 1 
ATOM   621  C  CD2 . PHE A 1 79  ? -0.369  6.109   1.384   1.00 11.12 ? 77   PHE A CD2 1 
ATOM   622  C  CE1 . PHE A 1 79  ? 0.309   3.659   0.231   1.00 10.06 ? 77   PHE A CE1 1 
ATOM   623  C  CE2 . PHE A 1 79  ? 0.122   6.067   0.065   1.00 10.98 ? 77   PHE A CE2 1 
ATOM   624  C  CZ  . PHE A 1 79  ? 0.448   4.835   -0.496  1.00 9.81  ? 77   PHE A CZ  1 
ATOM   625  N  N   . GLN A 1 80  ? -3.329  3.706   5.624   1.00 8.47  ? 78   GLN A N   1 
ATOM   626  C  CA  . GLN A 1 80  ? -3.850  3.678   6.994   1.00 8.65  ? 78   GLN A CA  1 
ATOM   627  C  C   . GLN A 1 80  ? -3.023  2.761   7.881   1.00 9.19  ? 78   GLN A C   1 
ATOM   628  O  O   . GLN A 1 80  ? -2.450  1.774   7.409   1.00 9.31  ? 78   GLN A O   1 
ATOM   629  C  CB  . GLN A 1 80  ? -5.271  3.122   6.996   1.00 9.74  ? 78   GLN A CB  1 
ATOM   630  C  CG  . GLN A 1 80  ? -6.300  4.037   6.327   1.00 9.59  ? 78   GLN A CG  1 
ATOM   631  C  CD  . GLN A 1 80  ? -7.651  3.358   6.240   1.00 10.62 ? 78   GLN A CD  1 
ATOM   632  O  OE1 . GLN A 1 80  ? -7.754  2.268   5.689   1.00 12.79 ? 78   GLN A OE1 1 
ATOM   633  N  NE2 . GLN A 1 80  ? -8.704  4.001   6.772   1.00 10.33 ? 78   GLN A NE2 1 
ATOM   634  N  N   . GLY A 1 81  ? -2.975  3.103   9.167   1.00 8.59  ? 79   GLY A N   1 
ATOM   635  C  CA  . GLY A 1 81  ? -2.440  2.179   10.192  1.00 9.05  ? 79   GLY A CA  1 
ATOM   636  C  C   . GLY A 1 81  ? -3.592  1.766   11.091  1.00 8.68  ? 79   GLY A C   1 
ATOM   637  O  O   . GLY A 1 81  ? -4.522  2.556   11.297  1.00 8.31  ? 79   GLY A O   1 
ATOM   638  N  N   . ALA A 1 82  ? -3.550  0.541   11.597  1.00 8.70  ? 80   ALA A N   1 
ATOM   639  C  CA  . ALA A 1 82  ? -4.609  0.076   12.503  1.00 8.56  ? 80   ALA A CA  1 
ATOM   640  C  C   . ALA A 1 82  ? -4.094  -1.037  13.403  1.00 9.36  ? 80   ALA A C   1 
ATOM   641  O  O   . ALA A 1 82  ? -3.015  -1.617  13.176  1.00 9.47  ? 80   ALA A O   1 
ATOM   642  C  CB  . ALA A 1 82  ? -5.814  -0.438  11.699  1.00 8.37  ? 80   ALA A CB  1 
ATOM   643  N  N   . ASN A 1 83  ? -4.884  -1.330  14.436  1.00 8.16  ? 81   ASN A N   1 
ATOM   644  C  CA  . ASN A 1 83  ? -4.645  -2.500  15.296  1.00 8.73  ? 81   ASN A CA  1 
ATOM   645  C  C   . ASN A 1 83  ? -5.802  -3.483  15.317  1.00 8.38  ? 81   ASN A C   1 
ATOM   646  O  O   . ASN A 1 83  ? -5.825  -4.420  16.125  1.00 8.96  ? 81   ASN A O   1 
ATOM   647  C  CB  . ASN A 1 83  ? -4.253  -2.021  16.709  1.00 9.18  ? 81   ASN A CB  1 
ATOM   648  C  CG  . ASN A 1 83  ? -2.830  -1.489  16.721  1.00 8.78  ? 81   ASN A CG  1 
ATOM   649  O  OD1 . ASN A 1 83  ? -1.880  -2.283  16.579  1.00 10.62 ? 81   ASN A OD1 1 
ATOM   650  N  ND2 . ASN A 1 83  ? -2.683  -0.173  16.817  1.00 9.75  ? 81   ASN A ND2 1 
ATOM   651  N  N   . LYS A 1 84  ? -6.729  -3.295  14.369  1.00 7.84  ? 82   LYS A N   1 
ATOM   652  C  CA  . LYS A 1 84  ? -7.793  -4.253  14.082  1.00 8.44  ? 82   LYS A CA  1 
ATOM   653  C  C   . LYS A 1 84  ? -7.715  -4.591  12.610  1.00 8.75  ? 82   LYS A C   1 
ATOM   654  O  O   . LYS A 1 84  ? -7.565  -3.664  11.783  1.00 9.51  ? 82   LYS A O   1 
ATOM   655  C  CB  . LYS A 1 84  ? -9.185  -3.671  14.350  1.00 8.17  ? 82   LYS A CB  1 
ATOM   656  C  CG  . LYS A 1 84  ? -9.394  -3.331  15.869  1.00 8.45  ? 82   LYS A CG  1 
ATOM   657  C  CD  . LYS A 1 84  ? -10.760 -2.745  16.107  1.00 8.90  ? 82   LYS A CD  1 
ATOM   658  C  CE  . LYS A 1 84  ? -11.878 -3.804  15.772  1.00 9.26  ? 82   LYS A CE  1 
ATOM   659  N  NZ  . LYS A 1 84  ? -13.237 -3.182  16.063  1.00 11.08 ? 82   LYS A NZ  1 
ATOM   660  N  N   . GLU A 1 85  ? -7.873  -5.875  12.293  1.00 9.38  ? 83   GLU A N   1 
ATOM   661  C  CA  . GLU A 1 85  ? -7.712  -6.288  10.874  1.00 11.30 ? 83   GLU A CA  1 
ATOM   662  C  C   . GLU A 1 85  ? -8.848  -5.738  10.005  1.00 11.01 ? 83   GLU A C   1 
ATOM   663  O  O   . GLU A 1 85  ? -8.704  -5.713  8.777   1.00 12.10 ? 83   GLU A O   1 
ATOM   664  C  CB  . GLU A 1 85  ? -7.612  -7.807  10.727  1.00 11.45 ? 83   GLU A CB  1 
ATOM   665  C  CG  . GLU A 1 85  ? -8.850  -8.540  11.212  1.00 16.20 ? 83   GLU A CG  1 
ATOM   666  C  CD  . GLU A 1 85  ? -8.782  -10.051 10.970  1.00 22.44 ? 83   GLU A CD  1 
ATOM   667  O  OE1 . GLU A 1 85  ? -7.741  -10.558 10.461  1.00 21.66 ? 83   GLU A OE1 1 
ATOM   668  O  OE2 . GLU A 1 85  ? -9.791  -10.721 11.298  1.00 25.32 ? 83   GLU A OE2 1 
ATOM   669  N  N   . ASP A 1 86  ? -9.968  -5.323  10.610  1.00 10.78 ? 84   ASP A N   1 
ATOM   670  C  CA  . ASP A 1 86  ? -11.034 -4.685  9.840   1.00 11.69 ? 84   ASP A CA  1 
ATOM   671  C  C   . ASP A 1 86  ? -10.870 -3.182  9.675   1.00 11.12 ? 84   ASP A C   1 
ATOM   672  O  O   . ASP A 1 86  ? -11.714 -2.501  9.068   1.00 11.97 ? 84   ASP A O   1 
ATOM   673  C  CB  . ASP A 1 86  ? -12.435 -5.081  10.361  1.00 12.16 ? 84   ASP A CB  1 
ATOM   674  C  CG  . ASP A 1 86  ? -12.815 -4.391  11.663  1.00 13.25 ? 84   ASP A CG  1 
ATOM   675  O  OD1 . ASP A 1 86  ? -12.029 -3.590  12.217  1.00 11.13 ? 84   ASP A OD1 1 
ATOM   676  O  OD2 . ASP A 1 86  ? -13.950 -4.648  12.128  1.00 14.80 ? 84   ASP A OD2 1 
ATOM   677  N  N   . PHE A 1 87  ? -9.767  -2.647  10.201  1.00 10.42 ? 85   PHE A N   1 
ATOM   678  C  CA  . PHE A 1 87  ? -9.450  -1.215  10.093  1.00 10.13 ? 85   PHE A CA  1 
ATOM   679  C  C   . PHE A 1 87  ? -10.481 -0.245  10.692  1.00 9.52  ? 85   PHE A C   1 
ATOM   680  O  O   . PHE A 1 87  ? -10.456 0.962   10.394  1.00 9.86  ? 85   PHE A O   1 
ATOM   681  C  CB  . PHE A 1 87  ? -9.040  -0.835  8.627   1.00 10.05 ? 85   PHE A CB  1 
ATOM   682  C  CG  . PHE A 1 87  ? -7.718  -1.424  8.232   1.00 10.84 ? 85   PHE A CG  1 
ATOM   683  C  CD1 . PHE A 1 87  ? -7.633  -2.762  7.838   1.00 13.87 ? 85   PHE A CD1 1 
ATOM   684  C  CD2 . PHE A 1 87  ? -6.559  -0.641  8.285   1.00 11.15 ? 85   PHE A CD2 1 
ATOM   685  C  CE1 . PHE A 1 87  ? -6.361  -3.344  7.520   1.00 12.60 ? 85   PHE A CE1 1 
ATOM   686  C  CE2 . PHE A 1 87  ? -5.302  -1.208  7.981   1.00 12.88 ? 85   PHE A CE2 1 
ATOM   687  C  CZ  . PHE A 1 87  ? -5.219  -2.546  7.587   1.00 12.24 ? 85   PHE A CZ  1 
ATOM   688  N  N   . SER A 1 88  ? -11.358 -0.751  11.570  1.00 9.33  ? 86   SER A N   1 
ATOM   689  C  CA  . SER A 1 88  ? -12.332 0.138   12.174  1.00 9.62  ? 86   SER A CA  1 
ATOM   690  C  C   . SER A 1 88  ? -11.718 1.180   13.108  1.00 10.20 ? 86   SER A C   1 
ATOM   691  O  O   . SER A 1 88  ? -12.339 2.232   13.370  1.00 11.27 ? 86   SER A O   1 
ATOM   692  C  CB  . SER A 1 88  ? -13.434 -0.653  12.891  1.00 10.81 ? 86   SER A CB  1 
ATOM   693  O  OG  . SER A 1 88  ? -12.867 -1.562  13.831  1.00 10.97 ? 86   SER A OG  1 
ATOM   694  N  N   . ASP A 1 89  ? -10.505 0.910   13.612  1.00 9.29  ? 87   ASP A N   1 
ATOM   695  C  CA  . ASP A 1 89  ? -9.805  1.857   14.464  1.00 8.86  ? 87   ASP A CA  1 
ATOM   696  C  C   . ASP A 1 89  ? -8.774  2.657   13.692  1.00 9.90  ? 87   ASP A C   1 
ATOM   697  O  O   . ASP A 1 89  ? -7.958  3.357   14.288  1.00 10.71 ? 87   ASP A O   1 
ATOM   698  C  CB  . ASP A 1 89  ? -9.047  1.083   15.575  1.00 8.47  ? 87   ASP A CB  1 
ATOM   699  C  CG  . ASP A 1 89  ? -7.985  0.140   14.997  1.00 10.64 ? 87   ASP A CG  1 
ATOM   700  O  OD1 . ASP A 1 89  ? -8.232  -0.523  13.968  1.00 9.12  ? 87   ASP A OD1 1 
ATOM   701  O  OD2 . ASP A 1 89  ? -6.897  0.033   15.600  1.00 12.36 ? 87   ASP A OD2 1 
ATOM   702  N  N   . ALA A 1 90  ? -8.801  2.551   12.359  1.00 9.74  ? 88   ALA A N   1 
ATOM   703  C  CA  . ALA A 1 90  ? -7.690  3.089   11.560  1.00 9.42  ? 88   ALA A CA  1 
ATOM   704  C  C   . ALA A 1 90  ? -7.535  4.610   11.626  1.00 10.38 ? 88   ALA A C   1 
ATOM   705  O  O   . ALA A 1 90  ? -8.510  5.363   11.859  1.00 10.69 ? 88   ALA A O   1 
ATOM   706  C  CB  . ALA A 1 90  ? -7.840  2.675   10.087  1.00 9.29  ? 88   ALA A CB  1 
ATOM   707  N  N   . VAL A 1 91  ? -6.306  5.045   11.382  1.00 10.00 ? 89   VAL A N   1 
ATOM   708  C  CA  . VAL A 1 91  ? -5.986  6.465   11.188  1.00 10.62 ? 89   VAL A CA  1 
ATOM   709  C  C   . VAL A 1 91  ? -5.285  6.597   9.826   1.00 10.71 ? 89   VAL A C   1 
ATOM   710  O  O   . VAL A 1 91  ? -4.508  5.715   9.411   1.00 10.72 ? 89   VAL A O   1 
ATOM   711  C  CB  . VAL A 1 91  ? -5.109  6.989   12.338  1.00 11.70 ? 89   VAL A CB  1 
ATOM   712  C  CG1 . VAL A 1 91  ? -3.820  6.142   12.515  1.00 12.39 ? 89   VAL A CG1 1 
ATOM   713  C  CG2 . VAL A 1 91  ? -4.814  8.506   12.156  1.00 12.42 ? 89   VAL A CG2 1 
ATOM   714  N  N   . THR A 1 92  ? -5.577  7.686   9.122   1.00 9.48  ? 90   THR A N   1 
ATOM   715  C  CA  . THR A 1 92  ? -4.931  7.933   7.831   1.00 10.16 ? 90   THR A CA  1 
ATOM   716  C  C   . THR A 1 92  ? -3.524  8.475   8.043   1.00 10.64 ? 90   THR A C   1 
ATOM   717  O  O   . THR A 1 92  ? -3.336  9.479   8.756   1.00 12.51 ? 90   THR A O   1 
ATOM   718  C  CB  . THR A 1 92  ? -5.779  8.909   7.027   1.00 9.47  ? 90   THR A CB  1 
ATOM   719  O  OG1 . THR A 1 92  ? -7.018  8.256   6.735   1.00 10.48 ? 90   THR A OG1 1 
ATOM   720  C  CG2 . THR A 1 92  ? -5.081  9.286   5.693   1.00 11.47 ? 90   THR A CG2 1 
ATOM   721  N  N   . LEU A 1 93  ? -2.538  7.793   7.457   1.00 9.80  ? 91   LEU A N   1 
ATOM   722  C  CA  . LEU A 1 93  ? -1.126  8.165   7.581   1.00 10.07 ? 91   LEU A CA  1 
ATOM   723  C  C   . LEU A 1 93  ? -0.682  9.113   6.475   1.00 10.76 ? 91   LEU A C   1 
ATOM   724  O  O   . LEU A 1 93  ? 0.241   9.921   6.694   1.00 11.64 ? 91   LEU A O   1 
ATOM   725  C  CB  . LEU A 1 93  ? -0.243  6.910   7.539   1.00 10.29 ? 91   LEU A CB  1 
ATOM   726  C  CG  . LEU A 1 93  ? -0.597  5.860   8.619   1.00 11.05 ? 91   LEU A CG  1 
ATOM   727  C  CD1 . LEU A 1 93  ? 0.280   4.612   8.440   1.00 12.71 ? 91   LEU A CD1 1 
ATOM   728  C  CD2 . LEU A 1 93  ? -0.460  6.409   10.060  1.00 12.68 ? 91   LEU A CD2 1 
ATOM   729  N  N   . PHE A 1 94  ? -1.335  9.022   5.320   1.00 10.27 ? 92   PHE A N   1 
ATOM   730  C  CA  . PHE A 1 94  ? -0.981  9.848   4.153   1.00 10.51 ? 92   PHE A CA  1 
ATOM   731  C  C   . PHE A 1 94  ? -2.090  9.734   3.133   1.00 10.52 ? 92   PHE A C   1 
ATOM   732  O  O   . PHE A 1 94  ? -2.683  8.669   2.988   1.00 10.31 ? 92   PHE A O   1 
ATOM   733  C  CB  . PHE A 1 94  ? 0.363   9.411   3.539   1.00 11.10 ? 92   PHE A CB  1 
ATOM   734  C  CG  . PHE A 1 94  ? 0.812   10.306  2.420   1.00 11.49 ? 92   PHE A CG  1 
ATOM   735  C  CD1 . PHE A 1 94  ? 1.406   11.532  2.699   1.00 14.92 ? 92   PHE A CD1 1 
ATOM   736  C  CD2 . PHE A 1 94  ? 0.611   9.939   1.098   1.00 12.47 ? 92   PHE A CD2 1 
ATOM   737  C  CE1 . PHE A 1 94  ? 1.795   12.396  1.640   1.00 14.53 ? 92   PHE A CE1 1 
ATOM   738  C  CE2 . PHE A 1 94  ? 1.003   10.774  0.047   1.00 14.91 ? 92   PHE A CE2 1 
ATOM   739  C  CZ  . PHE A 1 94  ? 1.583   12.015  0.327   1.00 14.56 ? 92   PHE A CZ  1 
ATOM   740  N  N   . THR A 1 95  ? -2.340  10.824  2.418   1.00 10.14 ? 93   THR A N   1 
ATOM   741  C  CA  . THR A 1 95  ? -3.310  10.839  1.324   1.00 10.57 ? 93   THR A CA  1 
ATOM   742  C  C   . THR A 1 95  ? -2.603  11.281  0.055   1.00 10.91 ? 93   THR A C   1 
ATOM   743  O  O   . THR A 1 95  ? -1.955  12.333  0.043   1.00 12.25 ? 93   THR A O   1 
ATOM   744  C  CB  . THR A 1 95  ? -4.435  11.842  1.643   1.00 11.21 ? 93   THR A CB  1 
ATOM   745  O  OG1 . THR A 1 95  ? -5.060  11.436  2.885   1.00 11.38 ? 93   THR A OG1 1 
ATOM   746  C  CG2 . THR A 1 95  ? -5.474  11.847  0.539   1.00 11.51 ? 93   THR A CG2 1 
ATOM   747  N  N   . ILE A 1 96  ? -2.731  10.486  -1.004  1.00 10.52 ? 94   ILE A N   1 
ATOM   748  C  CA  . ILE A 1 96  ? -2.103  10.847  -2.288  1.00 11.01 ? 94   ILE A CA  1 
ATOM   749  C  C   . ILE A 1 96  ? -2.940  11.913  -2.959  1.00 12.26 ? 94   ILE A C   1 
ATOM   750  O  O   . ILE A 1 96  ? -4.102  11.691  -3.282  1.00 12.41 ? 94   ILE A O   1 
ATOM   751  C  CB  . ILE A 1 96  ? -1.951  9.625   -3.209  1.00 10.31 ? 94   ILE A CB  1 
ATOM   752  C  CG1 . ILE A 1 96  ? -1.080  8.559   -2.518  1.00 11.34 ? 94   ILE A CG1 1 
ATOM   753  C  CG2 . ILE A 1 96  ? -1.322  10.045  -4.579  1.00 11.66 ? 94   ILE A CG2 1 
ATOM   754  C  CD1 . ILE A 1 96  ? -1.023  7.210   -3.329  1.00 10.35 ? 94   ILE A CD1 1 
ATOM   755  N  N   . THR A 1 97  ? -2.323  13.076  -3.207  1.00 13.23 ? 95   THR A N   1 
ATOM   756  C  CA  . THR A 1 97  ? -3.084  14.159  -3.833  1.00 15.18 ? 95   THR A CA  1 
ATOM   757  C  C   . THR A 1 97  ? -2.491  14.604  -5.161  1.00 16.45 ? 95   THR A C   1 
ATOM   758  O  O   . THR A 1 97  ? -3.144  15.351  -5.890  1.00 18.31 ? 95   THR A O   1 
ATOM   759  C  CB  . THR A 1 97  ? -3.169  15.383  -2.903  1.00 15.65 ? 95   THR A CB  1 
ATOM   760  O  OG1 . THR A 1 97  ? -1.850  15.847  -2.598  1.00 17.37 ? 95   THR A OG1 1 
ATOM   761  C  CG2 . THR A 1 97  ? -3.914  15.015  -1.621  1.00 16.99 ? 95   THR A CG2 1 
ATOM   762  N  N   . SER A 1 98  ? -1.269  14.182  -5.451  1.00 16.88 ? 96   SER A N   1 
ATOM   763  C  CA  A SER A 1 98  ? -0.721  14.517  -6.758  0.50 17.44 ? 96   SER A CA  1 
ATOM   764  C  CA  B SER A 1 98  ? -0.548  14.529  -6.682  0.50 17.51 ? 96   SER A CA  1 
ATOM   765  C  C   . SER A 1 98  ? -0.307  13.280  -7.526  1.00 17.06 ? 96   SER A C   1 
ATOM   766  O  O   . SER A 1 98  ? -0.116  12.201  -6.972  1.00 16.38 ? 96   SER A O   1 
ATOM   767  C  CB  A SER A 1 98  ? 0.432   15.512  -6.654  0.50 17.92 ? 96   SER A CB  1 
ATOM   768  C  CB  B SER A 1 98  ? 0.820   15.112  -6.334  0.50 17.68 ? 96   SER A CB  1 
ATOM   769  O  OG  A SER A 1 98  ? 1.509   14.943  -5.945  0.50 19.60 ? 96   SER A OG  1 
ATOM   770  O  OG  B SER A 1 98  ? 0.726   16.336  -5.618  0.50 20.35 ? 96   SER A OG  1 
ATOM   771  N  N   . LEU A 1 99  ? -0.232  13.442  -8.839  1.00 16.26 ? 97   LEU A N   1 
ATOM   772  C  CA  . LEU A 1 99  ? 0.067   12.326  -9.718  1.00 14.97 ? 97   LEU A CA  1 
ATOM   773  C  C   . LEU A 1 99  ? 1.464   11.747  -9.403  1.00 14.27 ? 97   LEU A C   1 
ATOM   774  O  O   . LEU A 1 99  ? 2.469   12.457  -9.507  1.00 14.87 ? 97   LEU A O   1 
ATOM   775  C  CB  . LEU A 1 99  ? 0.010   12.851  -11.165 1.00 15.10 ? 97   LEU A CB  1 
ATOM   776  C  CG  . LEU A 1 99  ? 0.193   11.825  -12.257 1.00 15.34 ? 97   LEU A CG  1 
ATOM   777  C  CD1 . LEU A 1 99  ? -1.010  10.898  -12.337 1.00 16.10 ? 97   LEU A CD1 1 
ATOM   778  C  CD2 . LEU A 1 99  ? 0.381   12.549  -13.613 1.00 18.06 ? 97   LEU A CD2 1 
ATOM   779  N  N   . PRO A 1 100 ? 1.556   10.454  -9.024  1.00 14.02 ? 98   PRO A N   1 
ATOM   780  C  CA  . PRO A 1 100 ? 2.884   9.898   -8.762  1.00 13.61 ? 98   PRO A CA  1 
ATOM   781  C  C   . PRO A 1 100 ? 3.672   9.672   -10.036 1.00 13.17 ? 98   PRO A C   1 
ATOM   782  O  O   . PRO A 1 100 ? 3.114   9.268   -11.073 1.00 13.70 ? 98   PRO A O   1 
ATOM   783  C  CB  . PRO A 1 100 ? 2.620   8.539   -8.071  1.00 13.98 ? 98   PRO A CB  1 
ATOM   784  C  CG  . PRO A 1 100 ? 1.170   8.411   -7.987  1.00 17.22 ? 98   PRO A CG  1 
ATOM   785  C  CD  . PRO A 1 100 ? 0.463   9.534   -8.666  1.00 12.96 ? 98   PRO A CD  1 
ATOM   786  N  N   . GLY A 1 101 ? 4.969   9.950   -9.950  1.00 13.86 ? 99   GLY A N   1 
ATOM   787  C  CA  . GLY A 1 101 ? 5.871   9.660   -11.075 1.00 14.00 ? 99   GLY A CA  1 
ATOM   788  C  C   . GLY A 1 101 ? 5.919   8.196   -11.481 1.00 13.13 ? 99   GLY A C   1 
ATOM   789  O  O   . GLY A 1 101 ? 5.931   7.289   -10.629 1.00 12.92 ? 99   GLY A O   1 
ATOM   790  N  N   . SER A 1 102 ? 5.958   7.947   -12.791 1.00 13.23 ? 100  SER A N   1 
ATOM   791  C  CA  A SER A 1 102 ? 5.991   6.602   -13.327 0.25 12.36 ? 100  SER A CA  1 
ATOM   792  C  CA  B SER A 1 102 ? 5.982   6.580   -13.306 0.25 13.19 ? 100  SER A CA  1 
ATOM   793  C  CA  C SER A 1 102 ? 5.984   6.572   -13.302 0.50 13.68 ? 100  SER A CA  1 
ATOM   794  C  C   . SER A 1 102 ? 7.335   5.905   -13.077 1.00 13.19 ? 100  SER A C   1 
ATOM   795  O  O   . SER A 1 102 ? 8.395   6.567   -13.093 1.00 13.68 ? 100  SER A O   1 
ATOM   796  C  CB  A SER A 1 102 ? 5.722   6.670   -14.832 0.25 12.80 ? 100  SER A CB  1 
ATOM   797  C  CB  B SER A 1 102 ? 5.649   6.548   -14.808 0.25 13.73 ? 100  SER A CB  1 
ATOM   798  C  CB  C SER A 1 102 ? 5.658   6.497   -14.813 0.50 14.73 ? 100  SER A CB  1 
ATOM   799  O  OG  A SER A 1 102 ? 5.346   5.410   -15.318 0.25 8.22  ? 100  SER A OG  1 
ATOM   800  O  OG  B SER A 1 102 ? 6.779   6.909   -15.581 0.25 14.21 ? 100  SER A OG  1 
ATOM   801  O  OG  C SER A 1 102 ? 4.739   7.497   -15.179 0.50 18.59 ? 100  SER A OG  1 
ATOM   802  N  N   . GLY A 1 103 ? 7.298   4.600   -12.849 1.00 12.35 ? 101  GLY A N   1 
ATOM   803  C  CA  . GLY A 1 103 ? 8.514   3.787   -12.800 1.00 12.01 ? 101  GLY A CA  1 
ATOM   804  C  C   . GLY A 1 103 ? 9.521   4.131   -11.723 1.00 11.38 ? 101  GLY A C   1 
ATOM   805  O  O   . GLY A 1 103 ? 10.716  3.879   -11.893 1.00 11.62 ? 101  GLY A O   1 
ATOM   806  N  N   . THR A 1 104 ? 9.040   4.668   -10.600 1.00 10.84 ? 102  THR A N   1 
ATOM   807  C  CA  . THR A 1 104 ? 9.934   4.939   -9.484  1.00 10.41 ? 102  THR A CA  1 
ATOM   808  C  C   . THR A 1 104 ? 9.145   4.838   -8.182  1.00 10.51 ? 102  THR A C   1 
ATOM   809  O  O   . THR A 1 104 ? 7.918   4.780   -8.216  1.00 10.12 ? 102  THR A O   1 
ATOM   810  C  CB  . THR A 1 104 ? 10.597  6.355   -9.605  1.00 10.93 ? 102  THR A CB  1 
ATOM   811  O  OG1 . THR A 1 104 ? 11.628  6.454   -8.635  1.00 11.43 ? 102  THR A OG1 1 
ATOM   812  C  CG2 . THR A 1 104 ? 9.588   7.482   -9.387  1.00 11.71 ? 102  THR A CG2 1 
ATOM   813  N  N   . LEU A 1 105 ? 9.875   4.796   -7.071  1.00 10.09 ? 103  LEU A N   1 
ATOM   814  C  CA  . LEU A 1 105 ? 9.245   4.816   -5.737  1.00 10.26 ? 103  LEU A CA  1 
ATOM   815  C  C   . LEU A 1 105 ? 9.171   6.249   -5.272  1.00 11.50 ? 103  LEU A C   1 
ATOM   816  O  O   . LEU A 1 105 ? 10.207  6.910   -5.112  1.00 13.24 ? 103  LEU A O   1 
ATOM   817  C  CB  . LEU A 1 105 ? 10.047  3.978   -4.737  1.00 10.27 ? 103  LEU A CB  1 
ATOM   818  C  CG  . LEU A 1 105 ? 9.947   2.481   -4.986  1.00 9.85  ? 103  LEU A CG  1 
ATOM   819  C  CD1 . LEU A 1 105 ? 11.021  1.721   -4.196  1.00 11.77 ? 103  LEU A CD1 1 
ATOM   820  C  CD2 . LEU A 1 105 ? 8.526   1.965   -4.595  1.00 10.28 ? 103  LEU A CD2 1 
ATOM   821  N  N   . THR A 1 106 ? 7.953   6.741   -5.083  1.00 10.68 ? 104  THR A N   1 
ATOM   822  C  CA  . THR A 1 106 ? 7.718   8.008   -4.411  1.00 11.56 ? 104  THR A CA  1 
ATOM   823  C  C   . THR A 1 106 ? 7.750   7.762   -2.910  1.00 12.05 ? 104  THR A C   1 
ATOM   824  O  O   . THR A 1 106 ? 7.118   6.815   -2.429  1.00 11.36 ? 104  THR A O   1 
ATOM   825  C  CB  . THR A 1 106 ? 6.351   8.564   -4.846  1.00 12.19 ? 104  THR A CB  1 
ATOM   826  O  OG1 . THR A 1 106 ? 6.434   8.919   -6.238  1.00 14.30 ? 104  THR A OG1 1 
ATOM   827  C  CG2 . THR A 1 106 ? 5.991   9.812   -4.017  1.00 12.89 ? 104  THR A CG2 1 
ATOM   828  N  N   . SER A 1 107 ? 8.528   8.577   -2.180  1.00 12.24 ? 105  SER A N   1 
ATOM   829  C  CA  A SER A 1 107 ? 8.678   8.388   -0.738  0.70 13.04 ? 105  SER A CA  1 
ATOM   830  C  CA  B SER A 1 107 ? 8.710   8.415   -0.735  0.30 13.72 ? 105  SER A CA  1 
ATOM   831  C  C   . SER A 1 107 ? 7.978   9.511   0.007   1.00 14.35 ? 105  SER A C   1 
ATOM   832  O  O   . SER A 1 107 ? 8.113   10.689  -0.340  1.00 15.59 ? 105  SER A O   1 
ATOM   833  C  CB  A SER A 1 107 ? 10.168  8.333   -0.340  0.70 13.71 ? 105  SER A CB  1 
ATOM   834  C  CB  B SER A 1 107 ? 10.195  8.512   -0.368  0.30 14.05 ? 105  SER A CB  1 
ATOM   835  O  OG  A SER A 1 107 ? 10.324  8.086   1.050   0.70 13.71 ? 105  SER A OG  1 
ATOM   836  O  OG  B SER A 1 107 ? 10.951  7.523   -1.030  0.30 16.60 ? 105  SER A OG  1 
ATOM   837  N  N   . VAL A 1 108 ? 7.218   9.139   1.036   1.00 13.32 ? 106  VAL A N   1 
ATOM   838  C  CA  . VAL A 1 108 ? 6.507   10.149  1.840   1.00 14.40 ? 106  VAL A CA  1 
ATOM   839  C  C   . VAL A 1 108 ? 6.787   9.910   3.306   1.00 14.53 ? 106  VAL A C   1 
ATOM   840  O  O   . VAL A 1 108 ? 6.878   8.772   3.743   1.00 13.06 ? 106  VAL A O   1 
ATOM   841  C  CB  . VAL A 1 108 ? 5.001   10.198  1.551   1.00 14.44 ? 106  VAL A CB  1 
ATOM   842  C  CG1 . VAL A 1 108 ? 4.753   10.588  0.085   1.00 16.88 ? 106  VAL A CG1 1 
ATOM   843  C  CG2 . VAL A 1 108 ? 4.315   8.862   1.888   1.00 14.82 ? 106  VAL A CG2 1 
ATOM   844  N  N   . ASP A 1 109 ? 6.968   10.988  4.073   1.00 15.43 ? 107  ASP A N   1 
ATOM   845  C  CA  . ASP A 1 109 ? 7.189   10.821  5.520   1.00 17.27 ? 107  ASP A CA  1 
ATOM   846  C  C   . ASP A 1 109 ? 5.879   10.669  6.272   1.00 16.37 ? 107  ASP A C   1 
ATOM   847  O  O   . ASP A 1 109 ? 4.840   11.224  5.884   1.00 18.03 ? 107  ASP A O   1 
ATOM   848  C  CB  . ASP A 1 109 ? 7.922   12.034  6.090   1.00 19.43 ? 107  ASP A CB  1 
ATOM   849  C  CG  . ASP A 1 109 ? 9.362   12.111  5.632   1.00 23.00 ? 107  ASP A CG  1 
ATOM   850  O  OD1 . ASP A 1 109 ? 9.987   11.091  5.241   1.00 25.40 ? 107  ASP A OD1 1 
ATOM   851  O  OD2 . ASP A 1 109 ? 9.881   13.247  5.682   1.00 32.52 ? 107  ASP A OD2 1 
ATOM   852  N  N   . VAL A 1 110 ? 5.941   9.889   7.340   1.00 16.12 ? 108  VAL A N   1 
ATOM   853  C  CA  . VAL A 1 110 ? 4.796   9.709   8.223   1.00 16.58 ? 108  VAL A CA  1 
ATOM   854  C  C   . VAL A 1 110 ? 5.224   10.193  9.597   1.00 17.45 ? 108  VAL A C   1 
ATOM   855  O  O   . VAL A 1 110 ? 6.305   9.852   10.062  1.00 18.32 ? 108  VAL A O   1 
ATOM   856  C  CB  . VAL A 1 110 ? 4.347   8.233   8.274   1.00 15.89 ? 108  VAL A CB  1 
ATOM   857  C  CG1 . VAL A 1 110 ? 3.253   8.009   9.351   1.00 15.09 ? 108  VAL A CG1 1 
ATOM   858  C  CG2 . VAL A 1 110 ? 3.844   7.766   6.879   1.00 16.27 ? 108  VAL A CG2 1 
ATOM   859  N  N   . ASP A 1 111 ? 4.336   10.954  10.231  1.00 20.10 ? 109  ASP A N   1 
ATOM   860  C  CA  . ASP A 1 111 ? 4.565   11.526  11.547  1.00 22.05 ? 109  ASP A CA  1 
ATOM   861  C  C   . ASP A 1 111 ? 3.337   11.150  12.392  1.00 21.59 ? 109  ASP A C   1 
ATOM   862  O  O   . ASP A 1 111 ? 2.327   11.884  12.497  1.00 23.29 ? 109  ASP A O   1 
ATOM   863  C  CB  . ASP A 1 111 ? 4.703   13.050  11.411  1.00 24.19 ? 109  ASP A CB  1 
ATOM   864  C  CG  . ASP A 1 111 ? 4.806   13.763  12.745  1.00 29.29 ? 109  ASP A CG  1 
ATOM   865  O  OD1 . ASP A 1 111 ? 5.405   13.205  13.707  1.00 33.21 ? 109  ASP A OD1 1 
ATOM   866  O  OD2 . ASP A 1 111 ? 4.284   14.908  12.808  1.00 35.35 ? 109  ASP A OD2 1 
ATOM   867  N  N   . ASN A 1 112 ? 3.404   9.944   12.902  1.00 19.19 ? 110  ASN A N   1 
ATOM   868  C  CA  . ASN A 1 112 ? 2.388   9.419   13.791  1.00 17.87 ? 110  ASN A CA  1 
ATOM   869  C  C   . ASN A 1 112 ? 3.110   8.470   14.727  1.00 17.33 ? 110  ASN A C   1 
ATOM   870  O  O   . ASN A 1 112 ? 3.720   7.511   14.283  1.00 16.48 ? 110  ASN A O   1 
ATOM   871  C  CB  . ASN A 1 112 ? 1.292   8.692   12.997  1.00 17.44 ? 110  ASN A CB  1 
ATOM   872  C  CG  . ASN A 1 112 ? 0.125   8.276   13.881  1.00 16.85 ? 110  ASN A CG  1 
ATOM   873  O  OD1 . ASN A 1 112 ? 0.334   7.794   14.994  1.00 18.39 ? 110  ASN A OD1 1 
ATOM   874  N  ND2 . ASN A 1 112 ? -1.097  8.496   13.414  1.00 15.85 ? 110  ASN A ND2 1 
ATOM   875  N  N   . PRO A 1 113 ? 3.071   8.743   16.046  1.00 17.62 ? 111  PRO A N   1 
ATOM   876  C  CA  . PRO A 1 113 ? 3.826   7.943   16.997  1.00 17.12 ? 111  PRO A CA  1 
ATOM   877  C  C   . PRO A 1 113 ? 3.183   6.620   17.354  1.00 16.24 ? 111  PRO A C   1 
ATOM   878  O  O   . PRO A 1 113 ? 3.791   5.830   18.080  1.00 16.73 ? 111  PRO A O   1 
ATOM   879  C  CB  . PRO A 1 113 ? 3.894   8.854   18.241  1.00 18.16 ? 111  PRO A CB  1 
ATOM   880  C  CG  . PRO A 1 113 ? 2.596   9.626   18.186  1.00 18.92 ? 111  PRO A CG  1 
ATOM   881  C  CD  . PRO A 1 113 ? 2.327   9.850   16.694  1.00 18.48 ? 111  PRO A CD  1 
ATOM   882  N  N   . THR A 1 114 ? 1.966   6.369   16.867  1.00 14.50 ? 112  THR A N   1 
ATOM   883  C  CA  . THR A 1 114 ? 1.257   5.138   17.207  1.00 14.30 ? 112  THR A CA  1 
ATOM   884  C  C   . THR A 1 114 ? 1.926   3.888   16.654  1.00 13.55 ? 112  THR A C   1 
ATOM   885  O  O   . THR A 1 114 ? 2.389   3.876   15.497  1.00 14.39 ? 112  THR A O   1 
ATOM   886  C  CB  . THR A 1 114 ? -0.214  5.179   16.698  1.00 13.59 ? 112  THR A CB  1 
ATOM   887  O  OG1 . THR A 1 114 ? -0.832  6.377   17.173  1.00 15.91 ? 112  THR A OG1 1 
ATOM   888  C  CG2 . THR A 1 114 ? -0.994  3.933   17.132  1.00 14.68 ? 112  THR A CG2 1 
ATOM   889  N  N   . GLY A 1 115 ? 1.985   2.838   17.466  1.00 13.28 ? 113  GLY A N   1 
ATOM   890  C  CA  . GLY A 1 115 ? 2.398   1.520   16.992  1.00 12.49 ? 113  GLY A CA  1 
ATOM   891  C  C   . GLY A 1 115 ? 1.224   0.784   16.357  1.00 12.46 ? 113  GLY A C   1 
ATOM   892  O  O   . GLY A 1 115 ? 0.144   0.684   16.960  1.00 13.61 ? 113  GLY A O   1 
ATOM   893  N  N   . PHE A 1 116 ? 1.438   0.253   15.158  1.00 11.11 ? 114  PHE A N   1 
ATOM   894  C  CA  . PHE A 1 116 ? 0.409   -0.511  14.438  1.00 9.80  ? 114  PHE A CA  1 
ATOM   895  C  C   . PHE A 1 116 ? 0.790   -1.938  14.136  1.00 10.63 ? 114  PHE A C   1 
ATOM   896  O  O   . PHE A 1 116 ? 1.913   -2.206  13.696  1.00 11.20 ? 114  PHE A O   1 
ATOM   897  C  CB  . PHE A 1 116 ? 0.126   0.152   13.063  1.00 10.12 ? 114  PHE A CB  1 
ATOM   898  C  CG  . PHE A 1 116 ? -0.327  1.577   13.172  1.00 10.52 ? 114  PHE A CG  1 
ATOM   899  C  CD1 . PHE A 1 116 ? -1.581  1.886   13.722  1.00 9.69  ? 114  PHE A CD1 1 
ATOM   900  C  CD2 . PHE A 1 116 ? 0.483   2.616   12.703  1.00 11.76 ? 114  PHE A CD2 1 
ATOM   901  C  CE1 . PHE A 1 116 ? -2.010  3.230   13.829  1.00 10.49 ? 114  PHE A CE1 1 
ATOM   902  C  CE2 . PHE A 1 116 ? 0.079   3.943   12.805  1.00 13.21 ? 114  PHE A CE2 1 
ATOM   903  C  CZ  . PHE A 1 116 ? -1.186  4.265   13.352  1.00 12.65 ? 114  PHE A CZ  1 
ATOM   904  N  N   . ARG A 1 117 ? -0.158  -2.851  14.295  1.00 10.50 ? 115  ARG A N   1 
ATOM   905  C  CA  . ARG A 1 117 ? -0.028  -4.212  13.804  1.00 9.97  ? 115  ARG A CA  1 
ATOM   906  C  C   . ARG A 1 117 ? -0.294  -4.315  12.285  1.00 10.18 ? 115  ARG A C   1 
ATOM   907  O  O   . ARG A 1 117 ? 0.276   -5.185  11.581  1.00 9.50  ? 115  ARG A O   1 
ATOM   908  C  CB  . ARG A 1 117 ? -0.953  -5.159  14.561  1.00 10.34 ? 115  ARG A CB  1 
ATOM   909  C  CG  . ARG A 1 117 ? -0.940  -6.556  13.982  1.00 9.94  ? 115  ARG A CG  1 
ATOM   910  C  CD  . ARG A 1 117 ? -1.692  -7.538  14.879  1.00 11.37 ? 115  ARG A CD  1 
ATOM   911  N  NE  . ARG A 1 117 ? -1.880  -8.758  14.131  1.00 10.48 ? 115  ARG A NE  1 
ATOM   912  C  CZ  . ARG A 1 117 ? -2.577  -9.809  14.566  1.00 13.07 ? 115  ARG A CZ  1 
ATOM   913  N  NH1 . ARG A 1 117 ? -3.146  -9.775  15.783  1.00 14.24 ? 115  ARG A NH1 1 
ATOM   914  N  NH2 . ARG A 1 117 ? -2.717  -10.879 13.803  1.00 13.46 ? 115  ARG A NH2 1 
ATOM   915  N  N   . TYR A 1 118 ? -1.207  -3.471  11.795  1.00 9.32  ? 116  TYR A N   1 
ATOM   916  C  CA  . TYR A 1 118 ? -1.664  -3.550  10.408  1.00 8.75  ? 116  TYR A CA  1 
ATOM   917  C  C   . TYR A 1 118 ? -1.488  -2.233  9.692   1.00 8.68  ? 116  TYR A C   1 
ATOM   918  O  O   . TYR A 1 118 ? -1.648  -1.146  10.276  1.00 9.59  ? 116  TYR A O   1 
ATOM   919  C  CB  . TYR A 1 118 ? -3.155  -3.875  10.327  1.00 8.99  ? 116  TYR A CB  1 
ATOM   920  C  CG  . TYR A 1 118 ? -3.600  -5.066  11.109  1.00 9.16  ? 116  TYR A CG  1 
ATOM   921  C  CD1 . TYR A 1 118 ? -3.529  -6.360  10.554  1.00 9.83  ? 116  TYR A CD1 1 
ATOM   922  C  CD2 . TYR A 1 118 ? -4.149  -4.907  12.391  1.00 8.83  ? 116  TYR A CD2 1 
ATOM   923  C  CE1 . TYR A 1 118 ? -3.994  -7.484  11.276  1.00 8.74  ? 116  TYR A CE1 1 
ATOM   924  C  CE2 . TYR A 1 118 ? -4.614  -6.016  13.111  1.00 8.22  ? 116  TYR A CE2 1 
ATOM   925  C  CZ  . TYR A 1 118 ? -4.557  -7.294  12.539  1.00 9.76  ? 116  TYR A CZ  1 
ATOM   926  O  OH  . TYR A 1 118 ? -5.024  -8.390  13.225  1.00 10.80 ? 116  TYR A OH  1 
ATOM   927  N  N   . VAL A 1 119 ? -1.136  -2.320  8.406   1.00 8.26  ? 117  VAL A N   1 
ATOM   928  C  CA  . VAL A 1 119 ? -1.066  -1.115  7.574   1.00 8.30  ? 117  VAL A CA  1 
ATOM   929  C  C   . VAL A 1 119 ? -1.665  -1.468  6.215   1.00 8.08  ? 117  VAL A C   1 
ATOM   930  O  O   . VAL A 1 119 ? -1.639  -2.632  5.813   1.00 9.03  ? 117  VAL A O   1 
ATOM   931  C  CB  . VAL A 1 119 ? 0.403   -0.598  7.347   1.00 8.34  ? 117  VAL A CB  1 
ATOM   932  C  CG1 . VAL A 1 119 ? 0.920   0.042   8.635   1.00 10.13 ? 117  VAL A CG1 1 
ATOM   933  C  CG2 . VAL A 1 119 ? 1.329   -1.743  6.898   1.00 9.24  ? 117  VAL A CG2 1 
ATOM   934  N  N   . ARG A 1 120 ? -2.211  -0.481  5.511   1.00 8.17  ? 118  ARG A N   1 
ATOM   935  C  CA  . ARG A 1 120 ? -2.707  -0.788  4.153   1.00 7.57  ? 118  ARG A CA  1 
ATOM   936  C  C   . ARG A 1 120 ? -2.775  0.455   3.291   1.00 8.20  ? 118  ARG A C   1 
ATOM   937  O  O   . ARG A 1 120 ? -2.730  1.591   3.782   1.00 8.58  ? 118  ARG A O   1 
ATOM   938  C  CB  . ARG A 1 120 ? -4.122  -1.427  4.148   1.00 7.24  ? 118  ARG A CB  1 
ATOM   939  C  CG  . ARG A 1 120 ? -5.252  -0.458  4.534   1.00 7.12  ? 118  ARG A CG  1 
ATOM   940  C  CD  . ARG A 1 120 ? -6.570  -1.204  4.435   1.00 9.10  ? 118  ARG A CD  1 
ATOM   941  N  NE  . ARG A 1 120 ? -7.688  -0.348  4.878   1.00 8.36  ? 118  ARG A NE  1 
ATOM   942  C  CZ  . ARG A 1 120 ? -8.951  -0.762  4.899   1.00 9.03  ? 118  ARG A CZ  1 
ATOM   943  N  NH1 . ARG A 1 120 ? -9.286  -2.000  4.484   1.00 10.28 ? 118  ARG A NH1 1 
ATOM   944  N  NH2 . ARG A 1 120 ? -9.906  0.082   5.322   1.00 8.82  ? 118  ARG A NH2 1 
ATOM   945  N  N   . TYR A 1 121 ? -2.867  0.182   1.990   1.00 7.83  ? 119  TYR A N   1 
ATOM   946  C  CA  . TYR A 1 121 ? -3.242  1.156   0.969   1.00 7.85  ? 119  TYR A CA  1 
ATOM   947  C  C   . TYR A 1 121 ? -4.699  0.877   0.596   1.00 8.89  ? 119  TYR A C   1 
ATOM   948  O  O   . TYR A 1 121 ? -5.053  -0.259  0.288   1.00 8.80  ? 119  TYR A O   1 
ATOM   949  C  CB  . TYR A 1 121 ? -2.336  0.933   -0.254  1.00 7.14  ? 119  TYR A CB  1 
ATOM   950  C  CG  . TYR A 1 121 ? -2.771  1.779   -1.438  1.00 7.34  ? 119  TYR A CG  1 
ATOM   951  C  CD1 . TYR A 1 121 ? -2.729  3.164   -1.367  1.00 8.51  ? 119  TYR A CD1 1 
ATOM   952  C  CD2 . TYR A 1 121 ? -3.239  1.169   -2.616  1.00 8.09  ? 119  TYR A CD2 1 
ATOM   953  C  CE1 . TYR A 1 121 ? -3.145  3.946   -2.459  1.00 8.53  ? 119  TYR A CE1 1 
ATOM   954  C  CE2 . TYR A 1 121 ? -3.660  1.944   -3.723  1.00 6.83  ? 119  TYR A CE2 1 
ATOM   955  C  CZ  . TYR A 1 121 ? -3.613  3.324   -3.610  1.00 8.72  ? 119  TYR A CZ  1 
ATOM   956  O  OH  . TYR A 1 121 ? -3.995  4.094   -4.690  1.00 10.06 ? 119  TYR A OH  1 
ATOM   957  N  N   . LEU A 1 122 ? -5.546  1.918   0.663   1.00 7.74  ? 120  LEU A N   1 
ATOM   958  C  CA  . LEU A 1 122 ? -6.990  1.810   0.374   1.00 7.94  ? 120  LEU A CA  1 
ATOM   959  C  C   . LEU A 1 122 ? -7.255  2.629   -0.889  1.00 8.27  ? 120  LEU A C   1 
ATOM   960  O  O   . LEU A 1 122 ? -7.092  3.848   -0.886  1.00 9.61  ? 120  LEU A O   1 
ATOM   961  C  CB  . LEU A 1 122 ? -7.769  2.366   1.581   1.00 8.59  ? 120  LEU A CB  1 
ATOM   962  C  CG  . LEU A 1 122 ? -9.281  2.189   1.490   1.00 8.56  ? 120  LEU A CG  1 
ATOM   963  C  CD1 . LEU A 1 122 ? -9.645  0.690   1.586   1.00 9.08  ? 120  LEU A CD1 1 
ATOM   964  C  CD2 . LEU A 1 122 ? -9.906  3.005   2.656   1.00 11.33 ? 120  LEU A CD2 1 
ATOM   965  N  N   . SER A 1 123 ? -7.547  1.927   -1.987  1.00 7.52  ? 121  SER A N   1 
ATOM   966  C  CA  . SER A 1 123 ? -7.567  2.557   -3.328  1.00 7.45  ? 121  SER A CA  1 
ATOM   967  C  C   . SER A 1 123 ? -8.897  3.270   -3.626  1.00 8.14  ? 121  SER A C   1 
ATOM   968  O  O   . SER A 1 123 ? -9.964  2.900   -3.114  1.00 8.49  ? 121  SER A O   1 
ATOM   969  C  CB  . SER A 1 123 ? -7.272  1.492   -4.393  1.00 8.07  ? 121  SER A CB  1 
ATOM   970  O  OG  . SER A 1 123 ? -8.402  0.601   -4.536  1.00 8.63  ? 121  SER A OG  1 
ATOM   971  N  N   . PRO A 1 124 ? -8.828  4.309   -4.460  1.00 7.86  ? 122  PRO A N   1 
ATOM   972  C  CA  . PRO A 1 124 ? -10.028 5.116   -4.736  1.00 8.23  ? 122  PRO A CA  1 
ATOM   973  C  C   . PRO A 1 124 ? -10.932 4.451   -5.770  1.00 8.68  ? 122  PRO A C   1 
ATOM   974  O  O   . PRO A 1 124 ? -10.503 3.536   -6.493  1.00 8.72  ? 122  PRO A O   1 
ATOM   975  C  CB  . PRO A 1 124 ? -9.427  6.413   -5.276  1.00 9.20  ? 122  PRO A CB  1 
ATOM   976  C  CG  . PRO A 1 124 ? -8.140  5.921   -6.015  1.00 8.69  ? 122  PRO A CG  1 
ATOM   977  C  CD  . PRO A 1 124 ? -7.608  4.843   -5.099  1.00 7.89  ? 122  PRO A CD  1 
ATOM   978  N  N   . ASP A 1 125 ? -12.182 4.904   -5.877  1.00 8.36  ? 123  ASP A N   1 
ATOM   979  C  CA  . ASP A 1 125 ? -13.052 4.285   -6.875  1.00 8.43  ? 123  ASP A CA  1 
ATOM   980  C  C   . ASP A 1 125 ? -12.470 4.433   -8.281  1.00 8.86  ? 123  ASP A C   1 
ATOM   981  O  O   . ASP A 1 125 ? -11.833 5.435   -8.610  1.00 10.16 ? 123  ASP A O   1 
ATOM   982  C  CB  . ASP A 1 125 ? -14.448 4.929   -6.857  1.00 8.82  ? 123  ASP A CB  1 
ATOM   983  C  CG  . ASP A 1 125 ? -15.262 4.556   -5.619  1.00 9.78  ? 123  ASP A CG  1 
ATOM   984  O  OD1 . ASP A 1 125 ? -14.853 3.694   -4.806  1.00 9.54  ? 123  ASP A OD1 1 
ATOM   985  O  OD2 . ASP A 1 125 ? -16.349 5.172   -5.459  1.00 10.46 ? 123  ASP A OD2 1 
ATOM   986  N  N   . GLY A 1 126 ? -12.676 3.390   -9.062  1.00 9.15  ? 124  GLY A N   1 
ATOM   987  C  CA  . GLY A 1 126 ? -12.269 3.382   -10.470 1.00 10.00 ? 124  GLY A CA  1 
ATOM   988  C  C   . GLY A 1 126 ? -10.829 2.969   -10.676 1.00 10.86 ? 124  GLY A C   1 
ATOM   989  O  O   . GLY A 1 126 ? -10.351 3.035   -11.813 1.00 12.16 ? 124  GLY A O   1 
ATOM   990  N  N   . SER A 1 127 ? -10.149 2.536   -9.608  1.00 9.04  ? 125  SER A N   1 
ATOM   991  C  CA  . SER A 1 127 ? -8.713  2.259   -9.700  1.00 8.70  ? 125  SER A CA  1 
ATOM   992  C  C   . SER A 1 127 ? -8.353  0.807   -9.955  1.00 8.93  ? 125  SER A C   1 
ATOM   993  O  O   . SER A 1 127 ? -7.204  0.548   -10.310 1.00 8.83  ? 125  SER A O   1 
ATOM   994  C  CB  . SER A 1 127 ? -8.027  2.684   -8.404  1.00 8.60  ? 125  SER A CB  1 
ATOM   995  O  OG  . SER A 1 127 ? -8.539  1.906   -7.316  1.00 7.73  ? 125  SER A OG  1 
ATOM   996  N  N   . ASN A 1 128 ? -9.275  -0.141  -9.697  1.00 8.93  ? 126  ASN A N   1 
ATOM   997  C  CA  . ASN A 1 128 ? -8.890  -1.570  -9.606  1.00 9.33  ? 126  ASN A CA  1 
ATOM   998  C  C   . ASN A 1 128 ? -7.698  -1.770  -8.664  1.00 9.14  ? 126  ASN A C   1 
ATOM   999  O  O   . ASN A 1 128 ? -6.914  -2.707  -8.823  1.00 9.37  ? 126  ASN A O   1 
ATOM   1000 C  CB  . ASN A 1 128 ? -8.562  -2.149  -10.997 1.00 9.75  ? 126  ASN A CB  1 
ATOM   1001 C  CG  . ASN A 1 128 ? -9.812  -2.388  -11.818 1.00 11.46 ? 126  ASN A CG  1 
ATOM   1002 O  OD1 . ASN A 1 128 ? -10.454 -1.454  -12.300 1.00 12.27 ? 126  ASN A OD1 1 
ATOM   1003 N  ND2 . ASN A 1 128 ? -10.177 -3.666  -11.965 1.00 11.68 ? 126  ASN A ND2 1 
ATOM   1004 N  N   . GLY A 1 129 ? -7.564  -0.898  -7.669  1.00 8.68  ? 127  GLY A N   1 
ATOM   1005 C  CA  . GLY A 1 129 ? -6.478  -1.027  -6.691  1.00 8.21  ? 127  GLY A CA  1 
ATOM   1006 C  C   . GLY A 1 129 ? -5.079  -0.806  -7.278  1.00 8.38  ? 127  GLY A C   1 
ATOM   1007 O  O   . GLY A 1 129 ? -4.095  -1.100  -6.615  1.00 9.28  ? 127  GLY A O   1 
ATOM   1008 N  N   . ASN A 1 130 ? -4.995  -0.280  -8.492  1.00 7.55  ? 128  ASN A N   1 
ATOM   1009 C  CA  . ASN A 1 130 ? -3.717  -0.351  -9.223  1.00 8.03  ? 128  ASN A CA  1 
ATOM   1010 C  C   . ASN A 1 130 ? -2.559  0.328   -8.511  1.00 8.43  ? 128  ASN A C   1 
ATOM   1011 O  O   . ASN A 1 130 ? -2.611  1.533   -8.199  1.00 8.82  ? 128  ASN A O   1 
ATOM   1012 C  CB  . ASN A 1 130 ? -3.835  0.272   -10.627 1.00 8.19  ? 128  ASN A CB  1 
ATOM   1013 C  CG  . ASN A 1 130 ? -4.541  -0.612  -11.651 1.00 9.71  ? 128  ASN A CG  1 
ATOM   1014 O  OD1 . ASN A 1 130 ? -4.786  -0.131  -12.748 1.00 9.50  ? 128  ASN A OD1 1 
ATOM   1015 N  ND2 . ASN A 1 130 ? -4.854  -1.872  -11.328 1.00 9.18  ? 128  ASN A ND2 1 
ATOM   1016 N  N   . ILE A 1 131 ? -1.515  -0.464  -8.309  1.00 7.96  ? 129  ILE A N   1 
ATOM   1017 C  CA  . ILE A 1 131 ? -0.291  -0.036  -7.646  1.00 8.29  ? 129  ILE A CA  1 
ATOM   1018 C  C   . ILE A 1 131 ? 0.750   -1.076  -8.040  1.00 8.54  ? 129  ILE A C   1 
ATOM   1019 O  O   . ILE A 1 131 ? 0.442   -2.272  -8.105  1.00 8.67  ? 129  ILE A O   1 
ATOM   1020 C  CB  . ILE A 1 131 ? -0.485  0.066   -6.097  1.00 8.01  ? 129  ILE A CB  1 
ATOM   1021 C  CG1 . ILE A 1 131 ? 0.789   0.580   -5.419  1.00 8.60  ? 129  ILE A CG1 1 
ATOM   1022 C  CG2 . ILE A 1 131 ? -1.015  -1.299  -5.473  1.00 8.46  ? 129  ILE A CG2 1 
ATOM   1023 C  CD1 . ILE A 1 131 ? 0.563   0.843   -3.898  1.00 8.76  ? 129  ILE A CD1 1 
ATOM   1024 N  N   . ALA A 1 132 ? 1.968   -0.627  -8.341  1.00 8.38  ? 130  ALA A N   1 
ATOM   1025 C  CA  . ALA A 1 132 ? 3.019   -1.596  -8.731  1.00 8.28  ? 130  ALA A CA  1 
ATOM   1026 C  C   . ALA A 1 132 ? 3.871   -2.072  -7.566  1.00 8.22  ? 130  ALA A C   1 
ATOM   1027 O  O   . ALA A 1 132 ? 4.361   -3.199  -7.577  1.00 7.98  ? 130  ALA A O   1 
ATOM   1028 C  CB  . ALA A 1 132 ? 3.942   -1.006  -9.844  1.00 8.57  ? 130  ALA A CB  1 
ATOM   1029 N  N   . GLU A 1 133 ? 4.099   -1.213  -6.584  1.00 7.98  ? 131  GLU A N   1 
ATOM   1030 C  CA  . GLU A 1 133 ? 4.969   -1.599  -5.469  1.00 7.85  ? 131  GLU A CA  1 
ATOM   1031 C  C   . GLU A 1 133 ? 4.626   -0.750  -4.251  1.00 8.69  ? 131  GLU A C   1 
ATOM   1032 O  O   . GLU A 1 133 ? 4.283   0.434   -4.384  1.00 8.61  ? 131  GLU A O   1 
ATOM   1033 C  CB  . GLU A 1 133 ? 6.463   -1.400  -5.878  1.00 9.03  ? 131  GLU A CB  1 
ATOM   1034 C  CG  . GLU A 1 133 ? 7.436   -2.279  -5.089  1.00 9.56  ? 131  GLU A CG  1 
ATOM   1035 C  CD  . GLU A 1 133 ? 7.329   -3.780  -5.393  1.00 9.34  ? 131  GLU A CD  1 
ATOM   1036 O  OE1 . GLU A 1 133 ? 6.910   -4.175  -6.508  1.00 10.72 ? 131  GLU A OE1 1 
ATOM   1037 O  OE2 . GLU A 1 133 ? 7.742   -4.552  -4.503  1.00 10.75 ? 131  GLU A OE2 1 
ATOM   1038 N  N   . LEU A 1 134 ? 4.723   -1.375  -3.078  1.00 8.99  ? 132  LEU A N   1 
ATOM   1039 C  CA  . LEU A 1 134 ? 4.302   -0.743  -1.819  1.00 9.34  ? 132  LEU A CA  1 
ATOM   1040 C  C   . LEU A 1 134 ? 5.269   -1.179  -0.745  1.00 9.30  ? 132  LEU A C   1 
ATOM   1041 O  O   . LEU A 1 134 ? 5.534   -2.386  -0.596  1.00 10.39 ? 132  LEU A O   1 
ATOM   1042 C  CB  . LEU A 1 134 ? 2.892   -1.239  -1.466  1.00 9.23  ? 132  LEU A CB  1 
ATOM   1043 C  CG  . LEU A 1 134 ? 2.364   -0.729  -0.108  1.00 9.64  ? 132  LEU A CG  1 
ATOM   1044 C  CD1 . LEU A 1 134 ? 2.339   0.805   -0.081  1.00 11.59 ? 132  LEU A CD1 1 
ATOM   1045 C  CD2 . LEU A 1 134 ? 0.954   -1.327  0.059   1.00 10.72 ? 132  LEU A CD2 1 
ATOM   1046 N  N   . GLN A 1 135 ? 5.810   -0.201  -0.010  1.00 9.21  ? 133  GLN A N   1 
ATOM   1047 C  CA  . GLN A 1 135 ? 6.786   -0.476  1.047   1.00 8.99  ? 133  GLN A CA  1 
ATOM   1048 C  C   . GLN A 1 135 ? 6.529   0.433   2.251   1.00 8.91  ? 133  GLN A C   1 
ATOM   1049 O  O   . GLN A 1 135 ? 6.178   1.611   2.106   1.00 9.91  ? 133  GLN A O   1 
ATOM   1050 C  CB  . GLN A 1 135 ? 8.228   -0.221  0.559   1.00 9.47  ? 133  GLN A CB  1 
ATOM   1051 C  CG  . GLN A 1 135 ? 8.534   -0.927  -0.753  1.00 10.39 ? 133  GLN A CG  1 
ATOM   1052 C  CD  . GLN A 1 135 ? 9.970   -0.707  -1.192  1.00 11.04 ? 133  GLN A CD  1 
ATOM   1053 O  OE1 . GLN A 1 135 ? 10.565  0.332   -0.890  1.00 12.17 ? 133  GLN A OE1 1 
ATOM   1054 N  NE2 . GLN A 1 135 ? 10.540  -1.714  -1.894  1.00 10.75 ? 133  GLN A NE2 1 
ATOM   1055 N  N   . PHE A 1 136 ? 6.695   -0.154  3.436   1.00 9.23  ? 134  PHE A N   1 
ATOM   1056 C  CA  . PHE A 1 136 ? 6.564   0.578   4.684   1.00 9.70  ? 134  PHE A CA  1 
ATOM   1057 C  C   . PHE A 1 136 ? 7.853   0.514   5.446   1.00 9.91  ? 134  PHE A C   1 
ATOM   1058 O  O   . PHE A 1 136 ? 8.525   -0.529  5.447   1.00 10.92 ? 134  PHE A O   1 
ATOM   1059 C  CB  . PHE A 1 136 ? 5.458   -0.074  5.536   1.00 9.70  ? 134  PHE A CB  1 
ATOM   1060 C  CG  . PHE A 1 136 ? 4.097   0.009   4.906   1.00 8.95  ? 134  PHE A CG  1 
ATOM   1061 C  CD1 . PHE A 1 136 ? 3.279   1.104   5.151   1.00 10.29 ? 134  PHE A CD1 1 
ATOM   1062 C  CD2 . PHE A 1 136 ? 3.632   -1.015  4.064   1.00 10.97 ? 134  PHE A CD2 1 
ATOM   1063 C  CE1 . PHE A 1 136 ? 2.002   1.188   4.531   1.00 10.34 ? 134  PHE A CE1 1 
ATOM   1064 C  CE2 . PHE A 1 136 ? 2.351   -0.953  3.477   1.00 11.97 ? 134  PHE A CE2 1 
ATOM   1065 C  CZ  . PHE A 1 136 ? 1.550   0.153   3.715   1.00 11.84 ? 134  PHE A CZ  1 
ATOM   1066 N  N   . PHE A 1 137 ? 8.201   1.629   6.096   1.00 10.20 ? 135  PHE A N   1 
ATOM   1067 C  CA  . PHE A 1 137 ? 9.455   1.718   6.861   1.00 11.09 ? 135  PHE A CA  1 
ATOM   1068 C  C   . PHE A 1 137 ? 9.144   2.187   8.254   1.00 11.32 ? 135  PHE A C   1 
ATOM   1069 O  O   . PHE A 1 137 ? 8.212   2.946   8.449   1.00 11.86 ? 135  PHE A O   1 
ATOM   1070 C  CB  . PHE A 1 137 ? 10.398  2.738   6.186   1.00 11.33 ? 135  PHE A CB  1 
ATOM   1071 C  CG  . PHE A 1 137 ? 10.832  2.294   4.818   1.00 11.54 ? 135  PHE A CG  1 
ATOM   1072 C  CD1 . PHE A 1 137 ? 9.974   2.453   3.733   1.00 12.30 ? 135  PHE A CD1 1 
ATOM   1073 C  CD2 . PHE A 1 137 ? 12.071  1.684   4.636   1.00 12.75 ? 135  PHE A CD2 1 
ATOM   1074 C  CE1 . PHE A 1 137 ? 10.336  1.996   2.465   1.00 12.56 ? 135  PHE A CE1 1 
ATOM   1075 C  CE2 . PHE A 1 137 ? 12.441  1.225   3.362   1.00 14.85 ? 135  PHE A CE2 1 
ATOM   1076 C  CZ  . PHE A 1 137 ? 11.563  1.377   2.294   1.00 12.23 ? 135  PHE A CZ  1 
ATOM   1077 N  N   . GLY A 1 138 ? 9.950   1.751   9.215   1.00 12.90 ? 136  GLY A N   1 
ATOM   1078 C  CA  . GLY A 1 138 ? 9.731   2.209   10.583  1.00 13.90 ? 136  GLY A CA  1 
ATOM   1079 C  C   . GLY A 1 138 ? 10.484  1.368   11.581  1.00 15.27 ? 136  GLY A C   1 
ATOM   1080 O  O   . GLY A 1 138 ? 11.453  0.685   11.227  1.00 15.51 ? 136  GLY A O   1 
ATOM   1081 N  N   . THR A 1 139 ? 9.985   1.374   12.818  1.00 15.42 ? 137  THR A N   1 
ATOM   1082 C  CA  A THR A 1 139 ? 10.714  0.783   13.933  0.50 16.16 ? 137  THR A CA  1 
ATOM   1083 C  CA  B THR A 1 139 ? 10.704  0.796   13.971  0.50 17.26 ? 137  THR A CA  1 
ATOM   1084 C  C   . THR A 1 139 ? 9.720   0.151   14.930  1.00 17.05 ? 137  THR A C   1 
ATOM   1085 O  O   . THR A 1 139 ? 8.572   0.617   15.034  1.00 16.30 ? 137  THR A O   1 
ATOM   1086 C  CB  A THR A 1 139 ? 11.574  1.863   14.624  0.50 16.11 ? 137  THR A CB  1 
ATOM   1087 C  CB  B THR A 1 139 ? 11.413  1.861   14.847  0.50 17.42 ? 137  THR A CB  1 
ATOM   1088 O  OG1 A THR A 1 139 ? 12.565  1.235   15.449  0.50 15.17 ? 137  THR A OG1 1 
ATOM   1089 O  OG1 B THR A 1 139 ? 10.701  3.108   14.832  0.50 20.07 ? 137  THR A OG1 1 
ATOM   1090 C  CG2 A THR A 1 139 ? 10.718  2.825   15.469  0.50 17.15 ? 137  THR A CG2 1 
ATOM   1091 C  CG2 B THR A 1 139 ? 12.836  2.044   14.440  0.50 20.97 ? 137  THR A CG2 1 
ATOM   1092 N  N   . PRO A 1 140 ? 10.163  -0.881  15.671  1.00 18.07 ? 138  PRO A N   1 
ATOM   1093 C  CA  . PRO A 1 140 ? 9.247   -1.445  16.660  1.00 18.86 ? 138  PRO A CA  1 
ATOM   1094 C  C   . PRO A 1 140 ? 8.790   -0.396  17.667  1.00 19.68 ? 138  PRO A C   1 
ATOM   1095 O  O   . PRO A 1 140 ? 9.574   0.485   18.098  1.00 18.68 ? 138  PRO A O   1 
ATOM   1096 C  CB  . PRO A 1 140 ? 10.092  -2.527  17.354  1.00 19.81 ? 138  PRO A CB  1 
ATOM   1097 C  CG  . PRO A 1 140 ? 11.128  -2.903  16.337  1.00 20.28 ? 138  PRO A CG  1 
ATOM   1098 C  CD  . PRO A 1 140 ? 11.441  -1.640  15.615  1.00 19.03 ? 138  PRO A CD  1 
ATOM   1099 N  N   . ALA A 1 141 ? 7.510   -0.469  18.034  1.00 20.33 ? 139  ALA A N   1 
ATOM   1100 C  CA  . ALA A 1 141 ? 6.971   0.479   18.981  1.00 23.26 ? 139  ALA A CA  1 
ATOM   1101 C  C   . ALA A 1 141 ? 7.605   0.230   20.349  1.00 25.68 ? 139  ALA A C   1 
ATOM   1102 O  O   . ALA A 1 141 ? 7.807   -0.919  20.724  1.00 26.01 ? 139  ALA A O   1 
ATOM   1103 C  CB  . ALA A 1 141 ? 5.446   0.336   19.055  1.00 22.96 ? 139  ALA A CB  1 
ATOM   1104 N  N   . GLY A 1 142 ? 7.929   1.320   21.049  1.00 28.51 ? 140  GLY A N   1 
ATOM   1105 C  CA  . GLY A 1 142 ? 8.598   1.260   22.366  1.00 31.93 ? 140  GLY A CA  1 
ATOM   1106 C  C   . GLY A 1 142 ? 7.593   0.953   23.456  1.00 33.88 ? 140  GLY A C   1 
ATOM   1107 O  O   . GLY A 1 142 ? 7.060   -0.170  23.509  1.00 36.95 ? 140  GLY A O   1 
HETATM 1108 CA CA  . CA  B 2 .   ? 5.652   -5.099  -8.261  1.00 9.53  ? 1141 CA  A CA  1 
HETATM 1109 C  C1  . GOL C 3 .   ? -7.282  -3.358  -16.822 1.00 18.46 ? 1142 GOL A C1  1 
HETATM 1110 O  O1  . GOL C 3 .   ? -6.019  -4.011  -16.644 1.00 17.01 ? 1142 GOL A O1  1 
HETATM 1111 C  C2  . GOL C 3 .   ? -8.146  -3.221  -15.546 1.00 17.68 ? 1142 GOL A C2  1 
HETATM 1112 O  O2  . GOL C 3 .   ? -7.428  -2.435  -14.601 1.00 14.76 ? 1142 GOL A O2  1 
HETATM 1113 C  C3  . GOL C 3 .   ? -9.479  -2.518  -15.845 1.00 22.27 ? 1142 GOL A C3  1 
HETATM 1114 O  O3  . GOL C 3 .   ? -9.260  -1.286  -16.545 1.00 23.47 ? 1142 GOL A O3  1 
HETATM 1115 C  C1  . GOL D 3 .   ? 5.601   -8.945  2.148   1.00 39.76 ? 1143 GOL A C1  1 
HETATM 1116 O  O1  . GOL D 3 .   ? 6.497   -9.745  1.422   1.00 41.29 ? 1143 GOL A O1  1 
HETATM 1117 C  C2  . GOL D 3 .   ? 6.221   -7.583  2.391   1.00 39.52 ? 1143 GOL A C2  1 
HETATM 1118 O  O2  . GOL D 3 .   ? 7.236   -7.265  1.452   1.00 44.18 ? 1143 GOL A O2  1 
HETATM 1119 C  C3  . GOL D 3 .   ? 6.823   -7.593  3.767   1.00 37.09 ? 1143 GOL A C3  1 
HETATM 1120 O  O3  . GOL D 3 .   ? 7.348   -8.861  4.041   1.00 30.62 ? 1143 GOL A O3  1 
HETATM 1121 O  O   . HOH E 4 .   ? 17.787  -1.779  6.533   1.00 32.42 ? 2001 HOH A O   1 
HETATM 1122 O  O   . HOH E 4 .   ? 10.374  6.785   15.349  1.00 43.28 ? 2002 HOH A O   1 
HETATM 1123 O  O   . HOH E 4 .   ? -10.977 -14.390 -5.129  1.00 37.62 ? 2003 HOH A O   1 
HETATM 1124 O  O   . HOH E 4 .   ? 14.146  -6.415  0.461   1.00 44.17 ? 2004 HOH A O   1 
HETATM 1125 O  O   . HOH E 4 .   ? 15.555  -2.325  5.294   1.00 29.38 ? 2005 HOH A O   1 
HETATM 1126 O  O   . HOH E 4 .   ? 9.417   -6.021  3.225   1.00 36.58 ? 2006 HOH A O   1 
HETATM 1127 O  O   . HOH E 4 .   ? 12.259  -4.038  9.899   1.00 33.50 ? 2007 HOH A O   1 
HETATM 1128 O  O   . HOH E 4 .   ? -5.423  -13.022 3.679   1.00 37.81 ? 2008 HOH A O   1 
HETATM 1129 O  O   . HOH E 4 .   ? -3.146  -13.332 7.272   1.00 41.46 ? 2009 HOH A O   1 
HETATM 1130 O  O   . HOH E 4 .   ? -2.282  -12.069 -19.985 1.00 40.47 ? 2010 HOH A O   1 
HETATM 1131 O  O   . HOH E 4 .   ? 3.107   -8.713  -19.461 1.00 33.13 ? 2011 HOH A O   1 
HETATM 1132 O  O   . HOH E 4 .   ? 7.165   -2.965  3.538   1.00 13.78 ? 2012 HOH A O   1 
HETATM 1133 O  O   . HOH E 4 .   ? -11.004 -8.982  3.646   1.00 36.98 ? 2013 HOH A O   1 
HETATM 1134 O  O   . HOH E 4 .   ? -6.929  -9.270  6.302   1.00 31.40 ? 2014 HOH A O   1 
HETATM 1135 O  O   . HOH E 4 .   ? 9.898   -5.890  10.050  1.00 22.46 ? 2015 HOH A O   1 
HETATM 1136 O  O   . HOH E 4 .   ? -13.882 -8.878  -4.799  1.00 29.27 ? 2016 HOH A O   1 
HETATM 1137 O  O   . HOH E 4 .   ? -10.883 -15.807 -2.590  1.00 38.73 ? 2017 HOH A O   1 
HETATM 1138 O  O   . HOH E 4 .   ? -12.275 -12.760 -7.364  1.00 35.89 ? 2018 HOH A O   1 
HETATM 1139 O  O   . HOH E 4 .   ? -10.031 -15.395 -7.331  0.50 32.50 ? 2019 HOH A O   1 
HETATM 1140 O  O   . HOH E 4 .   ? 3.402   -1.182  -19.924 1.00 46.31 ? 2020 HOH A O   1 
HETATM 1141 O  O   . HOH E 4 .   ? -7.673  -12.589 -20.602 1.00 37.77 ? 2021 HOH A O   1 
HETATM 1142 O  O   . HOH E 4 .   ? 6.190   -11.854 8.562   1.00 41.07 ? 2022 HOH A O   1 
HETATM 1143 O  O   . HOH E 4 .   ? 2.486   -11.645 10.055  1.00 23.64 ? 2023 HOH A O   1 
HETATM 1144 O  O   . HOH E 4 .   ? 0.978   -11.505 -16.744 1.00 32.57 ? 2024 HOH A O   1 
HETATM 1145 O  O   . HOH E 4 .   ? -0.506  -13.529 -18.340 1.00 32.35 ? 2025 HOH A O   1 
HETATM 1146 O  O   . HOH E 4 .   ? -3.796  -12.383 1.845   1.00 24.99 ? 2026 HOH A O   1 
HETATM 1147 O  O   . HOH E 4 .   ? -2.995  -13.144 4.558   1.00 38.93 ? 2027 HOH A O   1 
HETATM 1148 O  O   . HOH E 4 .   ? 2.827   -12.797 2.758   1.00 19.60 ? 2028 HOH A O   1 
HETATM 1149 O  O   . HOH E 4 .   ? -0.431  -13.726 2.365   1.00 24.05 ? 2029 HOH A O   1 
HETATM 1150 O  O   . HOH E 4 .   ? 3.841   -11.336 -13.284 1.00 40.54 ? 2030 HOH A O   1 
HETATM 1151 O  O   . HOH E 4 .   ? 1.972   -7.235  -17.406 1.00 26.38 ? 2031 HOH A O   1 
HETATM 1152 O  O   . HOH E 4 .   ? 3.903   -15.312 -0.639  1.00 41.64 ? 2032 HOH A O   1 
HETATM 1153 O  O   . HOH E 4 .   ? -9.303  -10.218 2.418   1.00 34.26 ? 2033 HOH A O   1 
HETATM 1154 O  O   . HOH E 4 .   ? -6.510  -10.457 3.715   1.00 16.82 ? 2034 HOH A O   1 
HETATM 1155 O  O   . HOH E 4 .   ? -11.661 -6.080  -1.139  1.00 27.49 ? 2035 HOH A O   1 
HETATM 1156 O  O   . HOH E 4 .   ? -5.211  -10.320 -4.785  1.00 8.74  ? 2036 HOH A O   1 
HETATM 1157 O  O   . HOH E 4 .   ? -5.006  -15.731 0.619   1.00 24.79 ? 2037 HOH A O   1 
HETATM 1158 O  O   . HOH E 4 .   ? -11.340 -10.157 -1.163  1.00 17.27 ? 2038 HOH A O   1 
HETATM 1159 O  O   . HOH E 4 .   ? -8.515  -15.998 -1.513  1.00 32.17 ? 2039 HOH A O   1 
HETATM 1160 O  O   . HOH E 4 .   ? -12.166 -10.512 -4.189  1.00 25.23 ? 2040 HOH A O   1 
HETATM 1161 O  O   . HOH E 4 .   ? 5.622   -8.768  -15.976 1.00 41.03 ? 2041 HOH A O   1 
HETATM 1162 O  O   . HOH E 4 .   ? 2.454   -2.592  -17.824 1.00 22.87 ? 2042 HOH A O   1 
HETATM 1163 O  O   . HOH E 4 .   ? -10.325 -12.863 -9.386  1.00 20.82 ? 2043 HOH A O   1 
HETATM 1164 O  O   . HOH E 4 .   ? -6.623  -14.458 -9.805  1.00 20.75 ? 2044 HOH A O   1 
HETATM 1165 O  O   . HOH E 4 .   ? -11.966 -12.015 -11.454 1.00 29.62 ? 2045 HOH A O   1 
HETATM 1166 O  O   . HOH E 4 .   ? -3.897  -7.648  -17.797 1.00 30.23 ? 2046 HOH A O   1 
HETATM 1167 O  O   . HOH E 4 .   ? -4.896  -9.677  -13.218 1.00 9.78  ? 2047 HOH A O   1 
HETATM 1168 O  O   . HOH E 4 .   ? -16.987 -1.930  -3.694  1.00 45.92 ? 2048 HOH A O   1 
HETATM 1169 O  O   . HOH E 4 .   ? -12.159 -7.674  -20.162 1.00 42.07 ? 2049 HOH A O   1 
HETATM 1170 O  O   . HOH E 4 .   ? -8.957  -14.053 -18.602 1.00 23.55 ? 2050 HOH A O   1 
HETATM 1171 O  O   . HOH E 4 .   ? -7.761  -9.931  -20.166 1.00 38.87 ? 2051 HOH A O   1 
HETATM 1172 O  O   . HOH E 4 .   ? -9.422  -16.901 -16.472 1.00 16.29 ? 2052 HOH A O   1 
HETATM 1173 O  O   . HOH E 4 .   ? -12.448 -13.257 -14.116 1.00 44.93 ? 2053 HOH A O   1 
HETATM 1174 O  O   . HOH E 4 .   ? -8.980  -14.807 -9.288  1.00 34.89 ? 2054 HOH A O   1 
HETATM 1175 O  O   . HOH E 4 .   ? -4.477  -13.145 11.331  1.00 35.51 ? 2055 HOH A O   1 
HETATM 1176 O  O   . HOH E 4 .   ? -0.595  -14.412 -15.865 1.00 22.90 ? 2056 HOH A O   1 
HETATM 1177 O  O   . HOH E 4 .   ? 2.169   -7.693  -13.013 1.00 12.31 ? 2057 HOH A O   1 
HETATM 1178 O  O   . HOH E 4 .   ? -0.152  -8.856  -16.873 1.00 21.60 ? 2058 HOH A O   1 
HETATM 1179 O  O   . HOH E 4 .   ? 0.965   -11.736 -13.902 1.00 25.87 ? 2059 HOH A O   1 
HETATM 1180 O  O   . HOH E 4 .   ? 9.392   -6.774  14.839  1.00 39.66 ? 2060 HOH A O   1 
HETATM 1181 O  O   . HOH E 4 .   ? 11.738  -5.533  13.849  1.00 31.83 ? 2061 HOH A O   1 
HETATM 1182 O  O   . HOH E 4 .   ? 16.125  1.360   3.570   1.00 25.31 ? 2062 HOH A O   1 
HETATM 1183 O  O   . HOH E 4 .   ? 5.450   -10.803 -3.467  1.00 18.18 ? 2063 HOH A O   1 
HETATM 1184 O  O   . HOH E 4 .   ? 4.271   -12.018 -1.320  1.00 33.95 ? 2064 HOH A O   1 
HETATM 1185 O  O   . HOH E 4 .   ? -0.894  -1.382  -19.962 1.00 33.89 ? 2065 HOH A O   1 
HETATM 1186 O  O   . HOH E 4 .   ? 1.183   -5.037  -18.662 1.00 27.74 ? 2066 HOH A O   1 
HETATM 1187 O  O   . HOH E 4 .   ? 0.857   -13.974 -11.379 0.50 15.48 ? 2067 HOH A O   1 
HETATM 1188 O  O   . HOH E 4 .   ? 5.208   -12.180 -11.341 1.00 27.75 ? 2068 HOH A O   1 
HETATM 1189 O  O   . HOH E 4 .   ? 10.357  -8.929  -2.698  1.00 30.83 ? 2069 HOH A O   1 
HETATM 1190 O  O   . HOH E 4 .   ? 5.880   -11.541 -8.837  1.00 28.68 ? 2070 HOH A O   1 
HETATM 1191 O  O   . HOH E 4 .   ? 10.498  -11.217 -6.749  1.00 25.92 ? 2071 HOH A O   1 
HETATM 1192 O  O   . HOH E 4 .   ? 7.510   -10.959 -9.884  1.00 34.87 ? 2072 HOH A O   1 
HETATM 1193 O  O   . HOH E 4 .   ? 9.224   -10.018 -11.738 1.00 19.76 ? 2073 HOH A O   1 
HETATM 1194 O  O   . HOH E 4 .   ? 9.995   -7.358  -15.053 1.00 27.57 ? 2074 HOH A O   1 
HETATM 1195 O  O   . HOH E 4 .   ? -11.212 -5.806  6.055   1.00 47.95 ? 2075 HOH A O   1 
HETATM 1196 O  O   . HOH E 4 .   ? 6.971   0.825   -13.579 1.00 23.07 ? 2076 HOH A O   1 
HETATM 1197 O  O   . HOH E 4 .   ? -10.993 6.279   9.167   1.00 39.66 ? 2077 HOH A O   1 
HETATM 1198 O  O   . HOH E 4 .   ? 3.620   -7.120  -15.254 1.00 23.01 ? 2078 HOH A O   1 
HETATM 1199 O  O   . HOH E 4 .   ? 4.242   -2.424  -15.836 1.00 15.42 ? 2079 HOH A O   1 
HETATM 1200 O  O   . HOH E 4 .   ? 9.592   -5.973  -17.321 1.00 31.19 ? 2080 HOH A O   1 
HETATM 1201 O  O   . HOH E 4 .   ? 6.543   -1.266  -16.581 1.00 28.58 ? 2081 HOH A O   1 
HETATM 1202 O  O   . HOH E 4 .   ? 9.485   0.425   -14.537 1.00 31.54 ? 2082 HOH A O   1 
HETATM 1203 O  O   . HOH E 4 .   ? 10.329  -0.484  -16.683 1.00 36.32 ? 2083 HOH A O   1 
HETATM 1204 O  O   . HOH E 4 .   ? -11.849 8.235   10.610  0.33 14.45 ? 2084 HOH A O   1 
HETATM 1205 O  O   . HOH E 4 .   ? -6.947  12.926  7.767   1.00 30.19 ? 2085 HOH A O   1 
HETATM 1206 O  O   . HOH E 4 .   ? -1.564  13.848  8.305   1.00 45.49 ? 2086 HOH A O   1 
HETATM 1207 O  O   . HOH E 4 .   ? -6.953  11.703  11.539  1.00 29.39 ? 2087 HOH A O   1 
HETATM 1208 O  O   . HOH E 4 .   ? 1.981   15.604  0.203   1.00 37.34 ? 2088 HOH A O   1 
HETATM 1209 O  O   . HOH E 4 .   ? 0.887   14.036  5.256   1.00 29.85 ? 2089 HOH A O   1 
HETATM 1210 O  O   . HOH E 4 .   ? 2.266   11.602  -2.989  1.00 22.55 ? 2090 HOH A O   1 
HETATM 1211 O  O   . HOH E 4 .   ? -4.261  -7.601  -15.044 1.00 12.26 ? 2091 HOH A O   1 
HETATM 1212 O  O   . HOH E 4 .   ? -12.233 -9.366  -12.857 1.00 17.66 ? 2092 HOH A O   1 
HETATM 1213 O  O   . HOH E 4 .   ? 4.601   13.065  -2.495  1.00 31.39 ? 2093 HOH A O   1 
HETATM 1214 O  O   . HOH E 4 .   ? -13.213 -6.335  -4.493  1.00 30.42 ? 2094 HOH A O   1 
HETATM 1215 O  O   . HOH E 4 .   ? 4.492   14.492  -0.111  1.00 42.27 ? 2095 HOH A O   1 
HETATM 1216 O  O   . HOH E 4 .   ? -15.778 -3.583  -11.317 1.00 25.59 ? 2096 HOH A O   1 
HETATM 1217 O  O   . HOH E 4 .   ? 7.521   8.079   17.404  1.00 40.05 ? 2097 HOH A O   1 
HETATM 1218 O  O   . HOH E 4 .   ? -2.341  9.726   17.423  1.00 36.56 ? 2098 HOH A O   1 
HETATM 1219 O  O   . HOH E 4 .   ? -16.419 -2.184  -8.235  1.00 16.04 ? 2099 HOH A O   1 
HETATM 1220 O  O   . HOH E 4 .   ? -17.283 -3.318  -6.025  1.00 43.73 ? 2100 HOH A O   1 
HETATM 1221 O  O   . HOH E 4 .   ? -15.705 2.714   -10.543 1.00 19.21 ? 2101 HOH A O   1 
HETATM 1222 O  O   . HOH E 4 .   ? -18.310 3.733   -8.912  1.00 22.93 ? 2102 HOH A O   1 
HETATM 1223 O  O   . HOH E 4 .   ? -12.639 2.068   -4.294  1.00 8.61  ? 2103 HOH A O   1 
HETATM 1224 O  O   . HOH E 4 .   ? -15.778 0.150   -2.261  1.00 27.27 ? 2104 HOH A O   1 
HETATM 1225 O  O   . HOH E 4 .   ? -13.154 -2.607  0.547   1.00 31.92 ? 2105 HOH A O   1 
HETATM 1226 O  O   . HOH E 4 .   ? -11.720 -7.081  2.323   1.00 33.31 ? 2106 HOH A O   1 
HETATM 1227 O  O   . HOH E 4 .   ? -0.501  -12.772 11.238  1.00 26.81 ? 2107 HOH A O   1 
HETATM 1228 O  O   . HOH E 4 .   ? -3.726  -11.475 9.080   1.00 20.34 ? 2108 HOH A O   1 
HETATM 1229 O  O   . HOH E 4 .   ? 6.727   -8.362  11.357  1.00 19.99 ? 2109 HOH A O   1 
HETATM 1230 O  O   . HOH E 4 .   ? 5.425   -11.754 13.269  1.00 41.99 ? 2110 HOH A O   1 
HETATM 1231 O  O   . HOH E 4 .   ? -3.323  -12.344 19.787  1.00 39.02 ? 2111 HOH A O   1 
HETATM 1232 O  O   . HOH E 4 .   ? 0.427   -13.561 13.744  1.00 25.72 ? 2112 HOH A O   1 
HETATM 1233 O  O   . HOH E 4 .   ? 3.845   -12.870 15.748  1.00 36.72 ? 2113 HOH A O   1 
HETATM 1234 O  O   A HOH E 4 .   ? 14.487  -1.928  13.476  0.50 22.42 ? 2114 HOH A O   1 
HETATM 1235 O  O   B HOH E 4 .   ? 14.699  -0.078  14.056  0.50 23.83 ? 2114 HOH A O   1 
HETATM 1236 O  O   . HOH E 4 .   ? -1.374  -8.539  18.994  1.00 30.71 ? 2115 HOH A O   1 
HETATM 1237 O  O   . HOH E 4 .   ? 7.332   -8.028  18.862  1.00 38.47 ? 2116 HOH A O   1 
HETATM 1238 O  O   . HOH E 4 .   ? 4.289   -7.928  22.042  1.00 37.99 ? 2117 HOH A O   1 
HETATM 1239 O  O   . HOH E 4 .   ? 0.863   -11.332 21.963  1.00 40.35 ? 2118 HOH A O   1 
HETATM 1240 O  O   . HOH E 4 .   ? 0.265   -6.445  17.847  1.00 24.53 ? 2119 HOH A O   1 
HETATM 1241 O  O   . HOH E 4 .   ? -1.968  -4.724  17.902  1.00 22.92 ? 2120 HOH A O   1 
HETATM 1242 O  O   . HOH E 4 .   ? 3.415   -1.341  21.337  1.00 29.17 ? 2121 HOH A O   1 
HETATM 1243 O  O   . HOH E 4 .   ? -2.764  -5.054  22.386  1.00 16.14 ? 2122 HOH A O   1 
HETATM 1244 O  O   . HOH E 4 .   ? 6.631   -5.112  18.210  1.00 24.11 ? 2123 HOH A O   1 
HETATM 1245 O  O   . HOH E 4 .   ? 7.827   -6.017  11.791  1.00 24.74 ? 2124 HOH A O   1 
HETATM 1246 O  O   . HOH E 4 .   ? 10.368  -3.553  12.986  1.00 31.51 ? 2125 HOH A O   1 
HETATM 1247 O  O   . HOH E 4 .   ? 8.184   -4.691  15.862  1.00 28.71 ? 2126 HOH A O   1 
HETATM 1248 O  O   . HOH E 4 .   ? 5.991   8.431   12.644  1.00 19.82 ? 2127 HOH A O   1 
HETATM 1249 O  O   . HOH E 4 .   ? 12.049  6.284   7.668   1.00 30.26 ? 2128 HOH A O   1 
HETATM 1250 O  O   . HOH E 4 .   ? 8.973   10.499  9.373   1.00 37.57 ? 2129 HOH A O   1 
HETATM 1251 O  O   . HOH E 4 .   ? 13.736  4.844   5.791   1.00 48.99 ? 2130 HOH A O   1 
HETATM 1252 O  O   . HOH E 4 .   ? 13.584  8.821   0.587   1.00 39.19 ? 2131 HOH A O   1 
HETATM 1253 O  O   . HOH E 4 .   ? 15.398  3.941   2.255   1.00 41.22 ? 2132 HOH A O   1 
HETATM 1254 O  O   . HOH E 4 .   ? 5.048   2.956   -13.037 1.00 15.21 ? 2133 HOH A O   1 
HETATM 1255 O  O   . HOH E 4 .   ? -1.475  -4.396  -18.570 1.00 32.08 ? 2134 HOH A O   1 
HETATM 1256 O  O   . HOH E 4 .   ? 0.291   -1.307  -17.108 1.00 24.40 ? 2135 HOH A O   1 
HETATM 1257 O  O   . HOH E 4 .   ? 3.839   -1.062  -13.461 1.00 11.97 ? 2136 HOH A O   1 
HETATM 1258 O  O   . HOH E 4 .   ? -2.776  3.133   -20.722 1.00 46.70 ? 2137 HOH A O   1 
HETATM 1259 O  O   . HOH E 4 .   ? -3.408  -1.512  -20.533 1.00 32.14 ? 2138 HOH A O   1 
HETATM 1260 O  O   . HOH E 4 .   ? -1.460  2.991   -10.448 1.00 9.92  ? 2139 HOH A O   1 
HETATM 1261 O  O   . HOH E 4 .   ? 0.744   7.589   -18.304 1.00 38.94 ? 2140 HOH A O   1 
HETATM 1262 O  O   . HOH E 4 .   ? 1.583   9.833   -15.814 1.00 36.12 ? 2141 HOH A O   1 
HETATM 1263 O  O   . HOH E 4 .   ? 3.244   6.531   -18.021 1.00 34.08 ? 2142 HOH A O   1 
HETATM 1264 O  O   . HOH E 4 .   ? -1.990  8.411   -15.479 1.00 32.17 ? 2143 HOH A O   1 
HETATM 1265 O  O   . HOH E 4 .   ? -9.301  6.635   -12.256 1.00 27.21 ? 2144 HOH A O   1 
HETATM 1266 O  O   . HOH E 4 .   ? -4.851  5.230   -17.696 1.00 37.61 ? 2145 HOH A O   1 
HETATM 1267 O  O   . HOH E 4 .   ? -8.967  4.932   -14.818 1.00 29.19 ? 2146 HOH A O   1 
HETATM 1268 O  O   . HOH E 4 .   ? -9.359  6.021   -1.566  1.00 14.71 ? 2147 HOH A O   1 
HETATM 1269 O  O   . HOH E 4 .   ? -3.863  -5.953  17.690  0.50 14.34 ? 2148 HOH A O   1 
HETATM 1270 O  O   . HOH E 4 .   ? -15.921 -2.065  15.143  1.00 25.69 ? 2149 HOH A O   1 
HETATM 1271 O  O   . HOH E 4 .   ? -5.717  -10.909 12.275  1.00 19.09 ? 2150 HOH A O   1 
HETATM 1272 O  O   . HOH E 4 .   ? -6.083  -10.070 8.502   1.00 23.03 ? 2151 HOH A O   1 
HETATM 1273 O  O   . HOH E 4 .   ? -9.319  -7.947  6.920   1.00 44.45 ? 2152 HOH A O   1 
HETATM 1274 O  O   . HOH E 4 .   ? -11.520 -9.667  13.141  1.00 26.62 ? 2153 HOH A O   1 
HETATM 1275 O  O   . HOH E 4 .   ? -14.694 -5.111  14.629  1.00 25.35 ? 2154 HOH A O   1 
HETATM 1276 O  O   . HOH E 4 .   ? -16.094 -2.995  12.538  1.00 24.01 ? 2155 HOH A O   1 
HETATM 1277 O  O   . HOH E 4 .   ? -15.562 -6.555  10.944  1.00 27.50 ? 2156 HOH A O   1 
HETATM 1278 O  O   . HOH E 4 .   ? -13.649 -0.469  9.077   1.00 30.04 ? 2157 HOH A O   1 
HETATM 1279 O  O   . HOH E 4 .   ? -12.896 -3.341  6.767   1.00 33.92 ? 2158 HOH A O   1 
HETATM 1280 O  O   . HOH E 4 .   ? -11.862 3.324   9.347   1.00 36.66 ? 2159 HOH A O   1 
HETATM 1281 O  O   . HOH E 4 .   ? -14.802 3.099   14.199  1.00 16.06 ? 2160 HOH A O   1 
HETATM 1282 O  O   . HOH E 4 .   ? -5.230  3.615   15.321  1.00 10.87 ? 2161 HOH A O   1 
HETATM 1283 O  O   . HOH E 4 .   ? -5.130  1.481   16.993  1.00 10.95 ? 2162 HOH A O   1 
HETATM 1284 O  O   . HOH E 4 .   ? -9.408  7.835   11.005  1.00 25.35 ? 2163 HOH A O   1 
HETATM 1285 O  O   . HOH E 4 .   ? -11.122 4.963   12.760  1.00 23.11 ? 2164 HOH A O   1 
HETATM 1286 O  O   . HOH E 4 .   ? -8.809  10.960  7.879   1.00 18.15 ? 2165 HOH A O   1 
HETATM 1287 O  O   . HOH E 4 .   ? -1.495  10.117  10.914  1.00 16.99 ? 2166 HOH A O   1 
HETATM 1288 O  O   . HOH E 4 .   ? -8.618  6.540   8.160   1.00 16.86 ? 2167 HOH A O   1 
HETATM 1289 O  O   . HOH E 4 .   ? -7.585  9.579   9.977   1.00 15.56 ? 2168 HOH A O   1 
HETATM 1290 O  O   . HOH E 4 .   ? -3.688  12.145  7.610   1.00 38.60 ? 2169 HOH A O   1 
HETATM 1291 O  O   . HOH E 4 .   ? -8.748  9.902   5.294   1.00 13.88 ? 2170 HOH A O   1 
HETATM 1292 O  O   . HOH E 4 .   ? 1.000   10.784  9.177   1.00 29.04 ? 2171 HOH A O   1 
HETATM 1293 O  O   . HOH E 4 .   ? -1.308  13.356  3.581   1.00 17.21 ? 2172 HOH A O   1 
HETATM 1294 O  O   . HOH E 4 .   ? -3.718  12.686  4.971   1.00 17.69 ? 2173 HOH A O   1 
HETATM 1295 O  O   A HOH E 4 .   ? -0.589  14.597  -0.086  0.50 15.09 ? 2174 HOH A O   1 
HETATM 1296 O  O   B HOH E 4 .   ? -1.530  14.762  1.367   0.50 19.01 ? 2174 HOH A O   1 
HETATM 1297 O  O   . HOH E 4 .   ? -7.665  11.904  3.593   1.00 11.84 ? 2176 HOH A O   1 
HETATM 1298 O  O   . HOH E 4 .   ? 0.490   13.427  -3.023  1.00 17.65 ? 2177 HOH A O   1 
HETATM 1299 O  O   . HOH E 4 .   ? -5.960  15.628  -5.790  1.00 28.37 ? 2178 HOH A O   1 
HETATM 1300 O  O   . HOH E 4 .   ? 4.253   12.898  -6.277  1.00 25.76 ? 2179 HOH A O   1 
HETATM 1301 O  O   . HOH E 4 .   ? 2.235   11.286  -5.588  1.00 18.70 ? 2180 HOH A O   1 
HETATM 1302 O  O   . HOH E 4 .   ? -0.807  17.806  -4.173  1.00 39.96 ? 2181 HOH A O   1 
HETATM 1303 O  O   . HOH E 4 .   ? -0.677  16.133  -9.880  1.00 31.68 ? 2182 HOH A O   1 
HETATM 1304 O  O   . HOH E 4 .   ? 4.015   12.964  -11.781 1.00 31.92 ? 2183 HOH A O   1 
HETATM 1305 O  O   . HOH E 4 .   ? 3.118   10.126  -13.731 1.00 26.07 ? 2184 HOH A O   1 
HETATM 1306 O  O   . HOH E 4 .   ? 5.678   10.210  -14.581 1.00 24.45 ? 2185 HOH A O   1 
HETATM 1307 O  O   . HOH E 4 .   ? 9.229   9.239   -12.442 1.00 23.49 ? 2186 HOH A O   1 
HETATM 1308 O  O   . HOH E 4 .   ? 6.846   3.601   -16.570 1.00 38.15 ? 2187 HOH A O   1 
HETATM 1309 O  O   . HOH E 4 .   ? 5.899   9.564   -17.186 1.00 40.64 ? 2188 HOH A O   1 
HETATM 1310 O  O   . HOH E 4 .   ? 11.641  2.060   -13.858 1.00 20.42 ? 2189 HOH A O   1 
HETATM 1311 O  O   . HOH E 4 .   ? 6.049   11.179  -7.489  1.00 20.82 ? 2190 HOH A O   1 
HETATM 1312 O  O   . HOH E 4 .   ? 6.067   6.945   -7.937  1.00 12.07 ? 2191 HOH A O   1 
HETATM 1313 O  O   . HOH E 4 .   ? 9.850   10.735  -3.559  1.00 24.22 ? 2192 HOH A O   1 
HETATM 1314 O  O   . HOH E 4 .   ? 13.297  6.734   -1.445  1.00 24.52 ? 2193 HOH A O   1 
HETATM 1315 O  O   . HOH E 4 .   ? 7.236   12.706  -1.959  1.00 34.50 ? 2194 HOH A O   1 
HETATM 1316 O  O   . HOH E 4 .   ? 6.344   13.599  2.704   1.00 31.88 ? 2195 HOH A O   1 
HETATM 1317 O  O   . HOH E 4 .   ? 10.119  10.529  2.568   1.00 28.15 ? 2196 HOH A O   1 
HETATM 1318 O  O   . HOH E 4 .   ? 2.189   11.895  6.287   1.00 30.93 ? 2197 HOH A O   1 
HETATM 1319 O  O   . HOH E 4 .   ? 7.755   12.872  9.789   1.00 42.94 ? 2198 HOH A O   1 
HETATM 1320 O  O   . HOH E 4 .   ? -0.086  12.074  14.516  1.00 37.69 ? 2199 HOH A O   1 
HETATM 1321 O  O   . HOH E 4 .   ? 2.654   12.557  8.933   1.00 37.57 ? 2200 HOH A O   1 
HETATM 1322 O  O   . HOH E 4 .   ? 3.097   5.112   13.135  1.00 11.49 ? 2201 HOH A O   1 
HETATM 1323 O  O   . HOH E 4 .   ? -3.221  7.970   15.583  1.00 21.84 ? 2202 HOH A O   1 
HETATM 1324 O  O   . HOH E 4 .   ? -2.599  11.711  12.749  1.00 34.97 ? 2203 HOH A O   1 
HETATM 1325 O  O   . HOH E 4 .   ? 6.860   9.061   15.034  1.00 40.91 ? 2204 HOH A O   1 
HETATM 1326 O  O   . HOH E 4 .   ? 4.097   3.593   19.993  1.00 25.02 ? 2205 HOH A O   1 
HETATM 1327 O  O   . HOH E 4 .   ? 6.321   6.397   19.055  1.00 27.15 ? 2206 HOH A O   1 
HETATM 1328 O  O   . HOH E 4 .   ? -0.882  8.234   19.112  1.00 27.12 ? 2207 HOH A O   1 
HETATM 1329 O  O   . HOH E 4 .   ? 0.049   1.660   19.655  1.00 20.05 ? 2208 HOH A O   1 
HETATM 1330 O  O   . HOH E 4 .   ? -4.575  -11.673 17.320  1.00 28.39 ? 2209 HOH A O   1 
HETATM 1331 O  O   . HOH E 4 .   ? -3.882  -13.353 14.957  1.00 32.42 ? 2210 HOH A O   1 
HETATM 1332 O  O   . HOH E 4 .   ? -12.651 -0.496  5.078   1.00 28.32 ? 2211 HOH A O   1 
HETATM 1333 O  O   . HOH E 4 .   ? -11.562 -3.586  4.804   1.00 33.31 ? 2212 HOH A O   1 
HETATM 1334 O  O   . HOH E 4 .   ? -4.827  2.823   -6.815  1.00 9.29  ? 2213 HOH A O   1 
HETATM 1335 O  O   . HOH E 4 .   ? -10.489 -0.406  -6.075  1.00 9.69  ? 2214 HOH A O   1 
HETATM 1336 O  O   . HOH E 4 .   ? -10.663 0.671   -1.751  1.00 10.30 ? 2215 HOH A O   1 
HETATM 1337 O  O   . HOH E 4 .   ? -9.249  5.878   -9.768  1.00 12.89 ? 2216 HOH A O   1 
HETATM 1338 O  O   . HOH E 4 .   ? -16.580 2.596   -2.899  1.00 14.31 ? 2217 HOH A O   1 
HETATM 1339 O  O   . HOH E 4 .   ? -13.028 7.934   -8.600  0.50 12.11 ? 2218 HOH A O   1 
HETATM 1340 O  O   . HOH E 4 .   ? -12.341 -1.469  -14.137 1.00 34.07 ? 2219 HOH A O   1 
HETATM 1341 O  O   . HOH E 4 .   ? -11.316 0.928   -13.139 1.00 34.65 ? 2220 HOH A O   1 
HETATM 1342 O  O   . HOH E 4 .   ? -13.092 -4.365  -13.093 1.00 31.97 ? 2221 HOH A O   1 
HETATM 1343 O  O   . HOH E 4 .   ? 9.210   -4.245  -2.317  1.00 19.46 ? 2222 HOH A O   1 
HETATM 1344 O  O   . HOH E 4 .   ? 7.095   -4.070  0.998   1.00 18.10 ? 2223 HOH A O   1 
HETATM 1345 O  O   . HOH E 4 .   ? 12.375  -1.893  11.882  1.00 21.72 ? 2224 HOH A O   1 
HETATM 1346 O  O   . HOH E 4 .   ? 12.157  0.749   18.116  1.00 36.22 ? 2226 HOH A O   1 
HETATM 1347 O  O   . HOH E 4 .   ? -5.234  -5.423  -18.787 1.00 35.61 ? 2227 HOH A O   1 
HETATM 1348 O  O   . HOH E 4 .   ? 8.651   -5.764  -0.219  1.00 31.15 ? 2228 HOH A O   1 
# 
